data_5TKJ
#
_entry.id   5TKJ
#
_cell.length_a   76.159
_cell.length_b   120.182
_cell.length_c   226.182
_cell.angle_alpha   90.00
_cell.angle_beta   90.00
_cell.angle_gamma   90.00
#
_symmetry.space_group_name_H-M   'P 21 21 21'
#
loop_
_entity.id
_entity.type
_entity.pdbx_description
1 polymer 'vFP1.01 chimeric mouse antibody heavy chain'
2 polymer 'vFP1.01 chimeric mouse antibody light chain'
3 polymer 'HIV-1 fusion peptide residue 512-519'
4 non-polymer 'SULFATE ION'
5 water water
#
loop_
_entity_poly.entity_id
_entity_poly.type
_entity_poly.pdbx_seq_one_letter_code
_entity_poly.pdbx_strand_id
1 'polypeptide(L)'
;QVQLQQSGTELVWPGTSVTLSCKASGYTFTDYEIHWVKQTPVHGLEWIGAIVPKTGYTAYNQKFRGKAILTADKSSSTAY
MDLRRLTSEDSAVYYCTRLRNYWYFDVWGTGTTVTVSPASTKGPSVFPLAPSSKSTSGGTAALGCLVKDYFPEPVTVSWN
SGALTSGVHTFPAVLQSSGLYSLSSVVTVPSSSLGTQTYICNVNHKPSNTKVDKKVEPKSC
;
A,D,G,J
2 'polypeptide(L)'
;DFLMAQTPLSLPVSLGDQASISCRSSQSIVYSDGNTYLEWYLQRPGQSPKLLIYKVSNRFSGVPDRFSGSGSGTDFTLRI
SRVEAEDLGIYYCFQGSHVPYTFGGGTKLEIKRTVAAPSVFIFPPSDEQLKSGTASVVCLLNNFYPREAKVQWKVDNALQ
SGNSQESVTEQDSKDSTYSLSSTLTLSKADYEKHKVYACEVTHQGLSSPVTKSFNRGEC
;
B,E,H,K
3 'polypeptide(L)' AVGIGAVF C,F,I,L
#
loop_
_chem_comp.id
_chem_comp.type
_chem_comp.name
_chem_comp.formula
SO4 non-polymer 'SULFATE ION' 'O4 S -2'
#
# COMPACT_ATOMS: atom_id res chain seq x y z
N GLN A 1 -32.41 9.45 -18.70
CA GLN A 1 -31.93 8.08 -18.95
C GLN A 1 -31.10 7.51 -17.78
N VAL A 2 -31.47 6.35 -17.26
CA VAL A 2 -30.69 5.73 -16.19
C VAL A 2 -29.44 5.11 -16.82
N GLN A 3 -28.26 5.60 -16.42
CA GLN A 3 -27.07 5.13 -17.09
C GLN A 3 -25.86 5.30 -16.19
N LEU A 4 -24.84 4.49 -16.47
CA LEU A 4 -23.54 4.62 -15.86
C LEU A 4 -22.56 4.93 -16.98
N GLN A 5 -21.97 6.12 -16.94
CA GLN A 5 -21.10 6.60 -18.00
C GLN A 5 -19.65 6.38 -17.59
N GLN A 6 -18.96 5.46 -18.26
CA GLN A 6 -17.57 5.15 -17.94
C GLN A 6 -16.59 5.94 -18.81
N SER A 7 -15.41 6.19 -18.25
CA SER A 7 -14.33 6.92 -18.89
C SER A 7 -13.75 6.12 -20.07
N GLY A 8 -13.00 6.82 -20.93
CA GLY A 8 -12.52 6.25 -22.18
C GLY A 8 -11.29 5.33 -22.03
N THR A 9 -10.94 4.70 -23.15
CA THR A 9 -9.85 3.72 -23.16
C THR A 9 -8.56 4.25 -22.55
N GLU A 10 -7.89 3.43 -21.77
CA GLU A 10 -6.64 3.82 -21.12
C GLU A 10 -5.49 3.04 -21.73
N LEU A 11 -4.56 3.76 -22.35
CA LEU A 11 -3.31 3.21 -22.86
C LEU A 11 -2.21 3.66 -21.92
N VAL A 12 -1.66 2.73 -21.15
CA VAL A 12 -0.83 3.11 -20.01
C VAL A 12 0.44 2.28 -19.99
N TRP A 13 1.50 2.89 -19.49
CA TRP A 13 2.78 2.20 -19.43
C TRP A 13 2.83 1.34 -18.17
N PRO A 14 3.59 0.23 -18.20
CA PRO A 14 3.68 -0.62 -17.01
C PRO A 14 4.23 0.16 -15.83
N GLY A 15 3.75 -0.18 -14.65
CA GLY A 15 4.20 0.45 -13.44
C GLY A 15 3.49 1.73 -13.07
N THR A 16 2.73 2.33 -14.00
CA THR A 16 1.99 3.54 -13.71
C THR A 16 0.68 3.17 -13.03
N SER A 17 -0.10 4.19 -12.67
CA SER A 17 -1.41 4.02 -12.10
C SER A 17 -2.42 4.80 -12.94
N VAL A 18 -3.68 4.40 -12.82
CA VAL A 18 -4.72 5.00 -13.65
C VAL A 18 -5.97 5.17 -12.81
N THR A 19 -6.77 6.20 -13.13
CA THR A 19 -8.06 6.44 -12.50
C THR A 19 -9.16 6.17 -13.51
N LEU A 20 -10.09 5.29 -13.17
CA LEU A 20 -11.26 5.03 -13.99
C LEU A 20 -12.46 5.69 -13.33
N SER A 21 -13.35 6.27 -14.13
CA SER A 21 -14.50 6.95 -13.56
C SER A 21 -15.80 6.34 -14.06
N CYS A 22 -16.80 6.38 -13.20
CA CYS A 22 -18.11 5.84 -13.50
C CYS A 22 -19.13 6.86 -13.02
N LYS A 23 -19.77 7.55 -13.96
CA LYS A 23 -20.63 8.70 -13.67
C LYS A 23 -22.08 8.26 -13.71
N ALA A 24 -22.79 8.41 -12.59
CA ALA A 24 -24.17 7.96 -12.51
C ALA A 24 -25.07 9.07 -13.04
N SER A 25 -26.09 8.67 -13.81
CA SER A 25 -26.99 9.60 -14.46
C SER A 25 -28.42 9.04 -14.46
N GLY A 26 -29.39 9.89 -14.15
CA GLY A 26 -30.81 9.52 -14.25
C GLY A 26 -31.37 8.74 -13.09
N TYR A 27 -30.66 8.65 -11.97
CA TYR A 27 -31.19 8.02 -10.75
C TYR A 27 -30.43 8.64 -9.59
N THR A 28 -30.78 8.23 -8.38
CA THR A 28 -30.17 8.80 -7.18
C THR A 28 -28.93 7.98 -6.82
N PHE A 29 -27.76 8.61 -7.01
CA PHE A 29 -26.47 7.95 -6.84
C PHE A 29 -26.34 7.25 -5.50
N THR A 30 -26.79 7.89 -4.42
CA THR A 30 -26.61 7.36 -3.08
C THR A 30 -27.63 6.29 -2.70
N ASP A 31 -28.60 5.97 -3.58
CA ASP A 31 -29.52 4.88 -3.33
C ASP A 31 -29.00 3.53 -3.80
N TYR A 32 -27.85 3.46 -4.46
CA TYR A 32 -27.31 2.19 -4.98
C TYR A 32 -25.83 2.08 -4.66
N GLU A 33 -25.39 0.84 -4.39
CA GLU A 33 -23.97 0.53 -4.35
C GLU A 33 -23.40 0.55 -5.76
N ILE A 34 -22.08 0.73 -5.85
CA ILE A 34 -21.37 0.65 -7.13
C ILE A 34 -20.44 -0.52 -7.03
N HIS A 35 -20.55 -1.46 -7.97
CA HIS A 35 -19.70 -2.64 -7.99
C HIS A 35 -18.87 -2.62 -9.26
N TRP A 36 -17.64 -3.11 -9.16
CA TRP A 36 -16.72 -3.09 -10.28
C TRP A 36 -16.38 -4.53 -10.67
N VAL A 37 -16.31 -4.79 -11.97
CA VAL A 37 -16.11 -6.13 -12.48
C VAL A 37 -14.98 -6.10 -13.50
N LYS A 38 -14.08 -7.06 -13.44
CA LYS A 38 -13.02 -7.16 -14.42
C LYS A 38 -13.33 -8.29 -15.39
N GLN A 39 -13.13 -8.02 -16.68
CA GLN A 39 -13.41 -8.99 -17.72
C GLN A 39 -12.17 -9.25 -18.56
N THR A 40 -11.74 -10.51 -18.63
CA THR A 40 -10.63 -10.92 -19.47
C THR A 40 -10.98 -12.23 -20.18
N PRO A 41 -10.30 -12.52 -21.29
CA PRO A 41 -10.47 -13.85 -21.90
C PRO A 41 -10.11 -14.97 -20.96
N VAL A 42 -9.04 -14.82 -20.17
CA VAL A 42 -8.53 -15.95 -19.40
C VAL A 42 -9.35 -16.17 -18.12
N HIS A 43 -9.70 -15.11 -17.40
CA HIS A 43 -10.43 -15.26 -16.15
C HIS A 43 -11.93 -15.01 -16.26
N GLY A 44 -12.46 -14.70 -17.45
CA GLY A 44 -13.88 -14.38 -17.55
C GLY A 44 -14.20 -13.12 -16.75
N LEU A 45 -15.28 -13.16 -15.98
CA LEU A 45 -15.68 -12.05 -15.13
C LEU A 45 -15.21 -12.29 -13.69
N GLU A 46 -14.69 -11.24 -13.08
CA GLU A 46 -14.21 -11.26 -11.71
C GLU A 46 -14.81 -10.07 -10.97
N TRP A 47 -15.29 -10.30 -9.75
CA TRP A 47 -15.82 -9.24 -8.90
C TRP A 47 -14.65 -8.58 -8.19
N ILE A 48 -14.42 -7.31 -8.46
CA ILE A 48 -13.29 -6.62 -7.85
C ILE A 48 -13.61 -6.20 -6.43
N GLY A 49 -14.79 -5.64 -6.23
CA GLY A 49 -15.13 -4.99 -4.99
C GLY A 49 -16.28 -4.03 -5.22
N ALA A 50 -16.65 -3.34 -4.15
CA ALA A 50 -17.80 -2.44 -4.25
C ALA A 50 -17.65 -1.31 -3.24
N ILE A 51 -18.42 -0.25 -3.46
CA ILE A 51 -18.47 0.85 -2.51
C ILE A 51 -19.93 1.22 -2.25
N VAL A 52 -20.22 1.64 -1.02
CA VAL A 52 -21.52 2.22 -0.65
C VAL A 52 -21.41 3.74 -0.68
N PRO A 53 -21.96 4.41 -1.69
CA PRO A 53 -21.77 5.87 -1.80
C PRO A 53 -22.24 6.65 -0.59
N LYS A 54 -23.28 6.17 0.09
CA LYS A 54 -23.83 6.91 1.21
C LYS A 54 -22.82 6.99 2.36
N THR A 55 -22.16 5.87 2.67
CA THR A 55 -21.21 5.82 3.79
C THR A 55 -19.74 5.82 3.39
N GLY A 56 -19.40 5.72 2.11
CA GLY A 56 -18.00 5.49 1.78
C GLY A 56 -17.44 4.12 2.17
N TYR A 57 -18.28 3.20 2.64
CA TYR A 57 -17.83 1.86 3.02
C TYR A 57 -17.44 1.04 1.79
N THR A 58 -16.33 0.32 1.88
CA THR A 58 -15.85 -0.49 0.77
C THR A 58 -15.60 -1.92 1.19
N ALA A 59 -15.66 -2.83 0.22
CA ALA A 59 -15.26 -4.21 0.41
C ALA A 59 -14.55 -4.67 -0.86
N TYR A 60 -13.52 -5.48 -0.70
CA TYR A 60 -12.71 -5.91 -1.82
C TYR A 60 -12.60 -7.43 -1.86
N ASN A 61 -12.62 -7.96 -3.06
CA ASN A 61 -12.04 -9.27 -3.34
C ASN A 61 -10.55 -9.21 -2.99
N GLN A 62 -10.10 -10.12 -2.12
CA GLN A 62 -8.74 -9.99 -1.59
C GLN A 62 -7.69 -10.03 -2.69
N LYS A 63 -8.00 -10.71 -3.80
CA LYS A 63 -7.09 -10.73 -4.95
C LYS A 63 -6.77 -9.34 -5.48
N PHE A 64 -7.69 -8.38 -5.32
CA PHE A 64 -7.52 -7.01 -5.80
C PHE A 64 -7.12 -6.01 -4.70
N ARG A 65 -6.96 -6.45 -3.49
CA ARG A 65 -6.51 -5.56 -2.43
C ARG A 65 -5.11 -5.05 -2.74
N GLY A 66 -4.93 -3.73 -2.69
CA GLY A 66 -3.68 -3.12 -3.06
C GLY A 66 -3.56 -2.78 -4.53
N LYS A 67 -4.32 -3.46 -5.39
CA LYS A 67 -4.42 -3.16 -6.82
C LYS A 67 -5.47 -2.08 -7.09
N ALA A 68 -6.63 -2.19 -6.47
CA ALA A 68 -7.75 -1.33 -6.76
C ALA A 68 -8.09 -0.51 -5.52
N ILE A 69 -8.42 0.77 -5.72
CA ILE A 69 -8.92 1.62 -4.67
C ILE A 69 -10.20 2.27 -5.17
N LEU A 70 -11.29 2.05 -4.46
CA LEU A 70 -12.61 2.55 -4.87
C LEU A 70 -12.96 3.75 -4.01
N THR A 71 -13.44 4.80 -4.66
CA THR A 71 -13.98 5.95 -3.96
C THR A 71 -15.31 6.30 -4.62
N ALA A 72 -16.08 7.16 -3.96
CA ALA A 72 -17.35 7.63 -4.49
C ALA A 72 -17.48 9.11 -4.17
N ASP A 73 -17.85 9.90 -5.16
CA ASP A 73 -17.95 11.34 -4.96
C ASP A 73 -19.43 11.70 -5.00
N LYS A 74 -19.98 12.02 -3.83
CA LYS A 74 -21.41 12.32 -3.72
C LYS A 74 -21.77 13.54 -4.55
N SER A 75 -21.00 14.62 -4.43
CA SER A 75 -21.39 15.88 -5.07
C SER A 75 -21.37 15.77 -6.60
N SER A 76 -20.47 14.97 -7.17
CA SER A 76 -20.48 14.77 -8.62
C SER A 76 -21.16 13.49 -9.07
N SER A 77 -21.76 12.72 -8.14
CA SER A 77 -22.39 11.44 -8.50
C SER A 77 -21.49 10.55 -9.35
N THR A 78 -20.22 10.46 -8.94
CA THR A 78 -19.23 9.69 -9.69
C THR A 78 -18.50 8.72 -8.78
N ALA A 79 -18.39 7.48 -9.23
CA ALA A 79 -17.58 6.49 -8.56
C ALA A 79 -16.24 6.37 -9.30
N TYR A 80 -15.16 6.19 -8.55
CA TYR A 80 -13.82 6.07 -9.13
C TYR A 80 -13.16 4.75 -8.72
N MET A 81 -12.31 4.24 -9.61
CA MET A 81 -11.42 3.14 -9.27
C MET A 81 -10.03 3.49 -9.73
N ASP A 82 -9.10 3.58 -8.79
CA ASP A 82 -7.68 3.67 -9.10
C ASP A 82 -7.15 2.24 -9.20
N LEU A 83 -6.47 1.95 -10.28
CA LEU A 83 -5.70 0.71 -10.46
C LEU A 83 -4.23 1.07 -10.36
N ARG A 84 -3.49 0.36 -9.52
CA ARG A 84 -2.14 0.75 -9.16
C ARG A 84 -1.09 -0.17 -9.75
N ARG A 85 0.06 0.41 -10.10
CA ARG A 85 1.26 -0.33 -10.51
C ARG A 85 0.94 -1.38 -11.56
N LEU A 86 0.49 -0.88 -12.71
CA LEU A 86 -0.12 -1.71 -13.73
C LEU A 86 0.86 -2.69 -14.34
N THR A 87 0.39 -3.92 -14.59
CA THR A 87 1.14 -4.88 -15.39
C THR A 87 0.24 -5.38 -16.52
N SER A 88 0.80 -6.24 -17.37
CA SER A 88 0.02 -6.78 -18.49
C SER A 88 -1.17 -7.60 -17.99
N GLU A 89 -1.06 -8.18 -16.79
CA GLU A 89 -2.20 -8.89 -16.19
C GLU A 89 -3.35 -7.96 -15.86
N ASP A 90 -3.11 -6.65 -15.77
CA ASP A 90 -4.20 -5.70 -15.53
C ASP A 90 -4.92 -5.26 -16.81
N SER A 91 -4.41 -5.63 -18.00
CA SER A 91 -5.10 -5.30 -19.24
C SER A 91 -6.43 -6.04 -19.27
N ALA A 92 -7.52 -5.32 -19.53
CA ALA A 92 -8.85 -5.91 -19.37
C ALA A 92 -9.90 -4.87 -19.73
N VAL A 93 -11.15 -5.29 -19.73
CA VAL A 93 -12.28 -4.38 -19.72
C VAL A 93 -12.84 -4.37 -18.31
N TYR A 94 -13.01 -3.18 -17.76
CA TYR A 94 -13.52 -2.96 -16.40
C TYR A 94 -14.91 -2.34 -16.49
N TYR A 95 -15.88 -2.95 -15.82
CA TYR A 95 -17.26 -2.47 -15.78
C TYR A 95 -17.58 -1.96 -14.39
N CYS A 96 -18.39 -0.91 -14.31
CA CYS A 96 -19.10 -0.60 -13.07
C CYS A 96 -20.57 -0.95 -13.28
N THR A 97 -21.23 -1.31 -12.20
CA THR A 97 -22.65 -1.64 -12.24
C THR A 97 -23.23 -1.26 -10.89
N ARG A 98 -24.53 -1.03 -10.84
CA ARG A 98 -25.16 -0.55 -9.62
C ARG A 98 -25.93 -1.68 -8.95
N LEU A 99 -26.07 -1.57 -7.63
CA LEU A 99 -26.82 -2.56 -6.87
C LEU A 99 -27.63 -1.89 -5.77
N ARG A 100 -28.94 -2.08 -5.81
CA ARG A 100 -29.77 -1.81 -4.65
C ARG A 100 -29.80 -3.06 -3.79
N ASN A 101 -29.67 -2.87 -2.47
CA ASN A 101 -29.58 -3.99 -1.54
C ASN A 101 -30.70 -4.99 -1.81
N TYR A 102 -30.32 -6.26 -1.92
CA TYR A 102 -31.17 -7.41 -2.19
C TYR A 102 -31.69 -7.47 -3.61
N TRP A 103 -31.32 -6.54 -4.50
CA TRP A 103 -31.74 -6.77 -5.87
C TRP A 103 -30.65 -7.34 -6.77
N TYR A 104 -30.06 -6.56 -7.69
CA TYR A 104 -29.24 -7.22 -8.71
C TYR A 104 -28.56 -6.17 -9.59
N PHE A 105 -27.67 -6.63 -10.48
CA PHE A 105 -26.94 -5.68 -11.31
C PHE A 105 -27.79 -5.48 -12.56
N ASP A 106 -28.67 -4.47 -12.52
CA ASP A 106 -29.57 -4.26 -13.65
C ASP A 106 -28.95 -3.38 -14.72
N VAL A 107 -28.25 -2.33 -14.30
CA VAL A 107 -27.66 -1.35 -15.20
C VAL A 107 -26.15 -1.44 -15.07
N TRP A 108 -25.47 -1.53 -16.21
CA TRP A 108 -24.03 -1.64 -16.28
C TRP A 108 -23.49 -0.51 -17.14
N GLY A 109 -22.30 -0.04 -16.82
CA GLY A 109 -21.60 0.81 -17.77
C GLY A 109 -21.19 0.00 -18.99
N THR A 110 -20.72 0.72 -20.02
CA THR A 110 -20.30 0.03 -21.24
C THR A 110 -18.85 -0.43 -21.17
N GLY A 111 -18.17 -0.21 -20.05
CA GLY A 111 -16.84 -0.79 -19.84
C GLY A 111 -15.71 0.11 -20.27
N THR A 112 -14.61 0.07 -19.53
CA THR A 112 -13.41 0.83 -19.87
C THR A 112 -12.32 -0.17 -20.18
N THR A 113 -11.77 -0.10 -21.39
CA THR A 113 -10.62 -0.91 -21.77
C THR A 113 -9.34 -0.30 -21.21
N VAL A 114 -8.55 -1.09 -20.51
CA VAL A 114 -7.23 -0.66 -20.06
C VAL A 114 -6.21 -1.52 -20.78
N THR A 115 -5.26 -0.88 -21.47
CA THR A 115 -4.25 -1.56 -22.25
C THR A 115 -2.89 -1.19 -21.67
N VAL A 116 -2.20 -2.17 -21.08
CA VAL A 116 -0.91 -1.93 -20.46
C VAL A 116 0.18 -2.31 -21.44
N SER A 117 1.03 -1.34 -21.81
CA SER A 117 2.09 -1.63 -22.75
C SER A 117 3.12 -0.51 -22.71
N PRO A 118 4.42 -0.83 -22.83
CA PRO A 118 5.46 0.21 -22.84
C PRO A 118 5.50 1.05 -24.12
N ALA A 119 4.77 0.67 -25.18
CA ALA A 119 4.87 1.32 -26.48
C ALA A 119 4.19 2.70 -26.49
N SER A 120 4.47 3.44 -27.54
CA SER A 120 3.77 4.66 -27.88
C SER A 120 3.18 4.50 -29.29
N THR A 121 2.39 5.49 -29.70
CA THR A 121 1.72 5.43 -31.00
C THR A 121 2.71 5.13 -32.09
N LYS A 122 2.44 4.07 -32.87
CA LYS A 122 3.32 3.66 -33.95
C LYS A 122 2.49 3.03 -35.07
N GLY A 123 2.75 3.43 -36.31
CA GLY A 123 2.07 2.86 -37.46
C GLY A 123 2.69 1.53 -37.85
N PRO A 124 1.89 0.65 -38.44
CA PRO A 124 2.36 -0.69 -38.79
C PRO A 124 3.23 -0.70 -40.03
N SER A 125 4.07 -1.74 -40.14
CA SER A 125 4.63 -2.16 -41.41
C SER A 125 3.78 -3.28 -41.99
N VAL A 126 3.56 -3.27 -43.30
CA VAL A 126 2.67 -4.23 -43.93
C VAL A 126 3.48 -5.08 -44.89
N PHE A 127 3.50 -6.39 -44.67
CA PHE A 127 4.29 -7.32 -45.44
C PHE A 127 3.37 -8.33 -46.12
N PRO A 128 3.70 -8.77 -47.33
CA PRO A 128 2.84 -9.74 -48.02
C PRO A 128 3.00 -11.14 -47.46
N LEU A 129 1.89 -11.88 -47.44
CA LEU A 129 1.93 -13.33 -47.23
C LEU A 129 1.63 -13.97 -48.57
N ALA A 130 2.70 -14.49 -49.22
CA ALA A 130 2.66 -14.86 -50.63
C ALA A 130 2.52 -16.36 -50.77
N PRO A 131 1.61 -16.82 -51.63
CA PRO A 131 1.36 -18.24 -51.95
C PRO A 131 2.58 -18.93 -52.57
N GLY A 139 -5.68 -26.19 -56.37
CA GLY A 139 -7.06 -25.75 -56.55
C GLY A 139 -7.34 -24.42 -55.87
N THR A 140 -7.21 -24.40 -54.54
CA THR A 140 -7.42 -23.21 -53.71
C THR A 140 -6.08 -22.75 -53.17
N ALA A 141 -5.80 -21.47 -53.31
CA ALA A 141 -4.60 -20.86 -52.77
C ALA A 141 -4.98 -19.85 -51.67
N ALA A 142 -4.04 -19.61 -50.76
CA ALA A 142 -4.20 -18.62 -49.72
C ALA A 142 -3.16 -17.52 -49.90
N LEU A 143 -3.55 -16.29 -49.63
CA LEU A 143 -2.60 -15.18 -49.63
C LEU A 143 -2.97 -14.22 -48.51
N GLY A 144 -2.06 -13.32 -48.16
CA GLY A 144 -2.46 -12.47 -47.07
C GLY A 144 -1.51 -11.31 -46.89
N CYS A 145 -1.76 -10.56 -45.83
CA CYS A 145 -0.91 -9.46 -45.39
C CYS A 145 -0.64 -9.61 -43.92
N LEU A 146 0.59 -9.34 -43.53
CA LEU A 146 1.01 -9.31 -42.14
C LEU A 146 1.17 -7.85 -41.74
N VAL A 147 0.40 -7.41 -40.74
CA VAL A 147 0.38 -6.03 -40.30
C VAL A 147 1.13 -6.00 -38.97
N LYS A 148 2.38 -5.52 -38.99
CA LYS A 148 3.28 -5.81 -37.89
C LYS A 148 3.73 -4.53 -37.19
N ASP A 149 3.87 -4.62 -35.86
CA ASP A 149 4.55 -3.61 -35.03
C ASP A 149 3.84 -2.25 -35.01
N TYR A 150 2.56 -2.26 -34.66
CA TYR A 150 1.80 -1.03 -34.50
C TYR A 150 1.27 -0.91 -33.08
N PHE A 151 0.84 0.29 -32.72
CA PHE A 151 0.19 0.55 -31.44
C PHE A 151 -0.52 1.89 -31.58
N PRO A 152 -1.74 2.02 -31.02
CA PRO A 152 -2.56 0.99 -30.38
C PRO A 152 -3.51 0.33 -31.36
N GLU A 153 -4.36 -0.54 -30.84
CA GLU A 153 -5.51 -1.04 -31.58
C GLU A 153 -6.48 0.13 -31.85
N PRO A 154 -7.34 0.01 -32.88
CA PRO A 154 -7.37 -1.07 -33.86
C PRO A 154 -6.63 -0.72 -35.17
N VAL A 155 -6.55 -1.70 -36.07
CA VAL A 155 -6.30 -1.46 -37.49
C VAL A 155 -7.47 -2.04 -38.25
N THR A 156 -7.81 -1.44 -39.39
CA THR A 156 -8.77 -2.05 -40.29
C THR A 156 -8.05 -2.61 -41.51
N VAL A 157 -8.55 -3.73 -42.01
CA VAL A 157 -7.98 -4.35 -43.20
C VAL A 157 -9.13 -4.63 -44.14
N SER A 158 -8.97 -4.23 -45.39
CA SER A 158 -9.87 -4.61 -46.46
C SER A 158 -9.05 -5.18 -47.61
N TRP A 159 -9.73 -5.90 -48.50
CA TRP A 159 -9.12 -6.45 -49.69
C TRP A 159 -9.77 -5.85 -50.94
N ASN A 160 -8.94 -5.41 -51.88
CA ASN A 160 -9.38 -4.76 -53.12
C ASN A 160 -10.38 -3.64 -52.82
N SER A 161 -9.95 -2.74 -51.93
CA SER A 161 -10.75 -1.59 -51.52
C SER A 161 -12.13 -2.00 -51.02
N GLY A 162 -12.22 -3.19 -50.45
CA GLY A 162 -13.45 -3.69 -49.88
C GLY A 162 -14.35 -4.43 -50.83
N ALA A 163 -13.97 -4.54 -52.10
CA ALA A 163 -14.75 -5.34 -53.04
C ALA A 163 -14.62 -6.83 -52.77
N LEU A 164 -13.49 -7.28 -52.22
CA LEU A 164 -13.26 -8.70 -52.02
C LEU A 164 -13.52 -8.99 -50.55
N THR A 165 -14.71 -9.52 -50.27
CA THR A 165 -15.05 -10.01 -48.94
C THR A 165 -15.09 -11.52 -48.81
N SER A 166 -15.16 -12.24 -49.92
CA SER A 166 -15.43 -13.65 -49.88
C SER A 166 -14.14 -14.42 -49.63
N GLY A 167 -14.16 -15.33 -48.64
CA GLY A 167 -12.95 -16.05 -48.26
C GLY A 167 -11.97 -15.27 -47.40
N VAL A 168 -12.31 -14.07 -46.95
CA VAL A 168 -11.41 -13.22 -46.15
C VAL A 168 -11.53 -13.57 -44.67
N HIS A 169 -10.39 -13.75 -44.00
CA HIS A 169 -10.29 -13.82 -42.55
C HIS A 169 -9.25 -12.82 -42.05
N THR A 170 -9.68 -11.84 -41.26
CA THR A 170 -8.77 -10.94 -40.55
C THR A 170 -8.75 -11.34 -39.08
N PHE A 171 -7.57 -11.66 -38.55
CA PHE A 171 -7.46 -12.30 -37.25
C PHE A 171 -7.34 -11.27 -36.12
N PRO A 172 -7.71 -11.64 -34.89
CA PRO A 172 -7.38 -10.76 -33.76
C PRO A 172 -5.86 -10.59 -33.70
N ALA A 173 -5.46 -9.35 -33.42
CA ALA A 173 -4.05 -9.03 -33.21
C ALA A 173 -3.54 -9.70 -31.94
N VAL A 174 -2.23 -9.96 -31.91
CA VAL A 174 -1.56 -10.39 -30.70
C VAL A 174 -0.60 -9.30 -30.26
N LEU A 175 -0.45 -9.15 -28.96
CA LEU A 175 0.48 -8.18 -28.40
C LEU A 175 1.84 -8.86 -28.21
N GLN A 176 2.87 -8.33 -28.88
CA GLN A 176 4.19 -8.94 -28.75
C GLN A 176 4.91 -8.42 -27.50
N SER A 177 6.06 -9.02 -27.19
CA SER A 177 6.75 -8.62 -25.98
C SER A 177 7.31 -7.21 -26.08
N SER A 178 7.46 -6.70 -27.29
CA SER A 178 7.83 -5.30 -27.48
C SER A 178 6.74 -4.33 -27.04
N GLY A 179 5.52 -4.80 -26.80
CA GLY A 179 4.41 -3.90 -26.57
C GLY A 179 3.70 -3.46 -27.82
N LEU A 180 4.10 -3.98 -28.98
CA LEU A 180 3.47 -3.65 -30.26
C LEU A 180 2.66 -4.84 -30.75
N TYR A 181 1.56 -4.54 -31.43
CA TYR A 181 0.68 -5.54 -31.99
C TYR A 181 1.16 -6.09 -33.32
N SER A 182 0.73 -7.31 -33.62
CA SER A 182 0.92 -7.93 -34.93
C SER A 182 -0.36 -8.67 -35.30
N LEU A 183 -0.79 -8.50 -36.54
CA LEU A 183 -2.09 -9.00 -37.00
C LEU A 183 -1.94 -9.55 -38.41
N SER A 184 -2.65 -10.64 -38.72
CA SER A 184 -2.65 -11.15 -40.09
C SER A 184 -4.06 -11.08 -40.68
N SER A 185 -4.13 -10.89 -41.98
CA SER A 185 -5.37 -10.96 -42.74
C SER A 185 -5.10 -11.78 -43.98
N VAL A 186 -6.01 -12.71 -44.29
CA VAL A 186 -5.77 -13.67 -45.37
C VAL A 186 -7.04 -13.79 -46.20
N VAL A 187 -6.88 -14.29 -47.41
CA VAL A 187 -8.01 -14.60 -48.26
C VAL A 187 -7.66 -15.84 -49.06
N THR A 188 -8.64 -16.71 -49.24
CA THR A 188 -8.47 -17.86 -50.10
C THR A 188 -9.11 -17.56 -51.45
N VAL A 189 -8.42 -17.92 -52.51
CA VAL A 189 -8.79 -17.61 -53.90
C VAL A 189 -8.41 -18.82 -54.75
N PRO A 190 -9.01 -18.94 -55.94
CA PRO A 190 -8.62 -20.04 -56.82
C PRO A 190 -7.16 -19.93 -57.21
N SER A 191 -6.46 -21.06 -57.17
CA SER A 191 -5.07 -21.04 -57.62
C SER A 191 -4.96 -20.59 -59.07
N SER A 192 -5.99 -20.83 -59.89
CA SER A 192 -5.95 -20.44 -61.30
C SER A 192 -5.76 -18.94 -61.47
N SER A 193 -6.33 -18.15 -60.58
CA SER A 193 -6.40 -16.71 -60.77
C SER A 193 -5.09 -16.00 -60.44
N LEU A 194 -4.13 -16.69 -59.85
CA LEU A 194 -2.95 -16.02 -59.31
C LEU A 194 -2.11 -15.33 -60.38
N GLY A 195 -2.17 -15.78 -61.64
CA GLY A 195 -1.47 -15.05 -62.69
C GLY A 195 -2.26 -13.87 -63.22
N THR A 196 -3.58 -13.97 -63.21
CA THR A 196 -4.46 -12.97 -63.81
C THR A 196 -4.82 -11.85 -62.83
N GLN A 197 -5.49 -12.21 -61.73
CA GLN A 197 -6.14 -11.25 -60.85
C GLN A 197 -5.17 -10.64 -59.85
N THR A 198 -5.39 -9.37 -59.52
CA THR A 198 -4.54 -8.64 -58.58
C THR A 198 -5.21 -8.59 -57.20
N TYR A 199 -4.39 -8.73 -56.16
CA TYR A 199 -4.86 -8.78 -54.78
C TYR A 199 -4.13 -7.72 -53.98
N ILE A 200 -4.89 -6.80 -53.38
CA ILE A 200 -4.35 -5.69 -52.61
C ILE A 200 -5.03 -5.65 -51.25
N CYS A 201 -4.24 -5.65 -50.19
CA CYS A 201 -4.79 -5.47 -48.85
C CYS A 201 -4.65 -3.99 -48.52
N ASN A 202 -5.73 -3.40 -48.00
CA ASN A 202 -5.77 -1.98 -47.66
C ASN A 202 -5.79 -1.87 -46.15
N VAL A 203 -4.74 -1.29 -45.58
CA VAL A 203 -4.55 -1.23 -44.13
C VAL A 203 -4.71 0.22 -43.67
N ASN A 204 -5.50 0.43 -42.62
CA ASN A 204 -5.70 1.76 -42.06
C ASN A 204 -5.44 1.70 -40.55
N HIS A 205 -4.46 2.49 -40.07
CA HIS A 205 -4.25 2.68 -38.64
C HIS A 205 -4.48 4.15 -38.31
N LYS A 206 -5.65 4.46 -37.81
CA LYS A 206 -6.04 5.86 -37.61
C LYS A 206 -5.20 6.58 -36.56
N PRO A 207 -4.83 5.96 -35.44
CA PRO A 207 -4.05 6.72 -34.43
C PRO A 207 -2.76 7.29 -34.96
N SER A 208 -2.13 6.60 -35.91
CA SER A 208 -0.91 7.10 -36.55
C SER A 208 -1.15 7.75 -37.91
N ASN A 209 -2.40 7.84 -38.38
CA ASN A 209 -2.72 8.21 -39.77
C ASN A 209 -1.90 7.43 -40.79
N THR A 210 -1.79 6.12 -40.57
CA THR A 210 -1.14 5.26 -41.53
C THR A 210 -2.22 4.66 -42.43
N LYS A 211 -2.06 4.82 -43.74
CA LYS A 211 -2.88 4.14 -44.73
C LYS A 211 -1.93 3.57 -45.77
N VAL A 212 -1.98 2.26 -45.96
CA VAL A 212 -1.04 1.61 -46.87
C VAL A 212 -1.78 0.51 -47.62
N ASP A 213 -1.61 0.47 -48.94
CA ASP A 213 -2.03 -0.66 -49.75
C ASP A 213 -0.81 -1.48 -50.17
N LYS A 214 -0.91 -2.79 -50.03
CA LYS A 214 0.18 -3.68 -50.41
C LYS A 214 -0.37 -4.68 -51.41
N LYS A 215 0.22 -4.71 -52.59
CA LYS A 215 -0.12 -5.73 -53.56
C LYS A 215 0.59 -7.03 -53.18
N VAL A 216 -0.14 -8.12 -53.25
CA VAL A 216 0.39 -9.42 -52.84
C VAL A 216 0.43 -10.32 -54.07
N GLU A 217 1.63 -10.74 -54.46
CA GLU A 217 1.84 -11.56 -55.64
C GLU A 217 2.58 -12.83 -55.29
N PRO A 218 2.48 -13.88 -56.12
CA PRO A 218 3.23 -15.12 -55.89
C PRO A 218 4.75 -14.90 -55.91
N ASP B 1 -14.21 -21.25 -1.21
CA ASP B 1 -14.85 -20.14 -0.50
C ASP B 1 -15.98 -19.56 -1.32
N PHE B 2 -17.08 -20.31 -1.41
CA PHE B 2 -18.22 -19.96 -2.24
C PHE B 2 -17.78 -19.77 -3.69
N LEU B 3 -16.86 -20.62 -4.12
CA LEU B 3 -16.50 -20.72 -5.52
C LEU B 3 -17.66 -21.35 -6.27
N MET B 4 -17.86 -20.91 -7.51
CA MET B 4 -18.88 -21.49 -8.36
C MET B 4 -18.22 -22.32 -9.46
N ALA B 5 -18.53 -23.61 -9.50
CA ALA B 5 -18.02 -24.49 -10.53
C ALA B 5 -19.09 -24.59 -11.61
N GLN B 6 -18.83 -23.97 -12.76
CA GLN B 6 -19.78 -23.85 -13.84
C GLN B 6 -19.37 -24.79 -14.96
N THR B 7 -20.31 -25.59 -15.43
CA THR B 7 -20.04 -26.54 -16.52
C THR B 7 -21.20 -26.55 -17.51
N PRO B 8 -20.93 -26.87 -18.78
CA PRO B 8 -19.59 -27.05 -19.32
C PRO B 8 -18.96 -25.71 -19.70
N LEU B 9 -17.70 -25.76 -20.09
CA LEU B 9 -16.98 -24.56 -20.52
C LEU B 9 -17.51 -24.04 -21.85
N SER B 10 -17.78 -24.93 -22.79
CA SER B 10 -18.41 -24.54 -24.04
C SER B 10 -19.53 -25.53 -24.32
N LEU B 11 -20.62 -25.01 -24.88
CA LEU B 11 -21.82 -25.80 -25.15
C LEU B 11 -22.21 -25.58 -26.61
N PRO B 12 -21.73 -26.42 -27.53
CA PRO B 12 -22.21 -26.36 -28.90
C PRO B 12 -23.64 -26.84 -28.97
N VAL B 13 -24.50 -26.08 -29.65
CA VAL B 13 -25.90 -26.45 -29.80
C VAL B 13 -26.34 -26.13 -31.22
N SER B 14 -27.42 -26.78 -31.63
CA SER B 14 -28.13 -26.37 -32.84
C SER B 14 -29.25 -25.41 -32.45
N LEU B 15 -29.47 -24.41 -33.29
CA LEU B 15 -30.57 -23.48 -33.07
C LEU B 15 -31.88 -24.25 -33.00
N GLY B 16 -32.75 -23.84 -32.10
CA GLY B 16 -33.97 -24.56 -31.85
C GLY B 16 -33.83 -25.67 -30.82
N ASP B 17 -32.63 -26.14 -30.54
CA ASP B 17 -32.49 -27.16 -29.52
C ASP B 17 -32.54 -26.57 -28.11
N GLN B 18 -32.53 -27.45 -27.14
CA GLN B 18 -32.53 -27.09 -25.74
C GLN B 18 -31.10 -26.97 -25.26
N ALA B 19 -30.86 -26.07 -24.32
CA ALA B 19 -29.55 -25.91 -23.71
C ALA B 19 -29.70 -25.90 -22.20
N SER B 20 -28.74 -26.51 -21.50
CA SER B 20 -28.73 -26.62 -20.05
C SER B 20 -27.34 -26.31 -19.53
N ILE B 21 -27.24 -25.36 -18.62
CA ILE B 21 -25.97 -24.93 -18.04
C ILE B 21 -26.06 -25.08 -16.52
N SER B 22 -25.03 -25.65 -15.92
CA SER B 22 -25.06 -26.00 -14.51
C SER B 22 -23.98 -25.26 -13.75
N CYS B 23 -24.28 -24.94 -12.49
CA CYS B 23 -23.40 -24.19 -11.62
C CYS B 23 -23.50 -24.82 -10.23
N ARG B 24 -22.37 -25.18 -9.63
CA ARG B 24 -22.38 -25.87 -8.35
C ARG B 24 -21.54 -25.09 -7.36
N SER B 25 -22.10 -24.79 -6.21
CA SER B 25 -21.38 -24.03 -5.20
C SER B 25 -20.72 -24.98 -4.21
N SER B 26 -19.54 -24.59 -3.76
CA SER B 26 -18.78 -25.42 -2.84
C SER B 26 -19.52 -25.65 -1.52
N GLN B 27 -20.35 -24.70 -1.07
CA GLN B 27 -21.24 -24.87 0.08
C GLN B 27 -22.54 -24.11 -0.19
N SER B 28 -23.50 -24.24 0.73
CA SER B 28 -24.82 -23.65 0.49
C SER B 28 -24.70 -22.14 0.41
N ILE B 29 -25.36 -21.56 -0.58
CA ILE B 29 -25.39 -20.12 -0.74
C ILE B 29 -26.70 -19.50 -0.30
N VAL B 30 -27.54 -20.26 0.42
CA VAL B 30 -28.75 -19.68 0.99
C VAL B 30 -28.37 -18.56 1.94
N TYR B 31 -28.93 -17.38 1.72
CA TYR B 31 -28.71 -16.23 2.58
C TYR B 31 -29.59 -16.28 3.82
N SER B 32 -29.20 -15.52 4.85
CA SER B 32 -29.87 -15.59 6.14
C SER B 32 -31.31 -15.10 6.12
N ASP B 33 -31.77 -14.46 5.04
CA ASP B 33 -33.19 -14.14 4.91
C ASP B 33 -33.99 -15.28 4.28
N GLY B 34 -33.34 -16.41 4.00
CA GLY B 34 -33.99 -17.53 3.36
C GLY B 34 -33.88 -17.55 1.85
N ASN B 35 -33.51 -16.42 1.23
CA ASN B 35 -33.34 -16.33 -0.22
C ASN B 35 -31.95 -16.80 -0.63
N THR B 36 -31.84 -17.22 -1.88
CA THR B 36 -30.55 -17.58 -2.46
C THR B 36 -30.25 -16.58 -3.56
N TYR B 37 -29.17 -15.79 -3.42
CA TYR B 37 -28.94 -14.75 -4.41
C TYR B 37 -27.96 -15.32 -5.42
N LEU B 38 -28.54 -16.04 -6.37
CA LEU B 38 -27.83 -16.73 -7.43
C LEU B 38 -28.43 -16.15 -8.69
N GLU B 39 -27.59 -15.52 -9.50
CA GLU B 39 -28.00 -14.81 -10.69
C GLU B 39 -27.31 -15.44 -11.90
N TRP B 40 -27.89 -15.19 -13.07
CA TRP B 40 -27.29 -15.62 -14.32
C TRP B 40 -27.16 -14.40 -15.21
N TYR B 41 -25.96 -14.18 -15.78
CA TYR B 41 -25.72 -13.09 -16.71
C TYR B 41 -25.29 -13.64 -18.06
N LEU B 42 -25.62 -12.90 -19.13
CA LEU B 42 -25.16 -13.19 -20.47
C LEU B 42 -24.27 -12.06 -20.95
N GLN B 43 -23.12 -12.40 -21.50
CA GLN B 43 -22.29 -11.38 -22.13
C GLN B 43 -22.04 -11.76 -23.58
N ARG B 44 -22.55 -10.96 -24.48
CA ARG B 44 -22.34 -11.12 -25.92
C ARG B 44 -21.11 -10.33 -26.36
N PRO B 45 -20.47 -10.75 -27.45
CA PRO B 45 -19.28 -10.04 -27.93
C PRO B 45 -19.56 -8.55 -28.13
N GLY B 46 -18.67 -7.72 -27.61
CA GLY B 46 -18.82 -6.29 -27.75
C GLY B 46 -19.85 -5.65 -26.83
N GLN B 47 -20.49 -6.39 -25.93
CA GLN B 47 -21.51 -5.80 -25.08
C GLN B 47 -21.20 -6.03 -23.61
N SER B 48 -21.87 -5.24 -22.76
CA SER B 48 -21.84 -5.44 -21.32
C SER B 48 -22.58 -6.72 -20.91
N PRO B 49 -22.25 -7.29 -19.75
CA PRO B 49 -23.06 -8.40 -19.23
C PRO B 49 -24.48 -7.93 -19.04
N LYS B 50 -25.42 -8.86 -19.15
CA LYS B 50 -26.83 -8.53 -19.12
C LYS B 50 -27.53 -9.51 -18.18
N LEU B 51 -28.38 -8.99 -17.30
CA LEU B 51 -29.02 -9.83 -16.29
C LEU B 51 -30.12 -10.68 -16.91
N LEU B 52 -30.11 -11.98 -16.61
CA LEU B 52 -31.17 -12.88 -17.08
C LEU B 52 -32.07 -13.33 -15.94
N ILE B 53 -31.49 -13.96 -14.92
CA ILE B 53 -32.21 -14.60 -13.84
C ILE B 53 -31.66 -14.07 -12.53
N TYR B 54 -32.53 -13.83 -11.55
CA TYR B 54 -32.10 -13.49 -10.19
C TYR B 54 -32.84 -14.38 -9.21
N LYS B 55 -32.27 -14.53 -8.00
CA LYS B 55 -32.84 -15.39 -6.96
C LYS B 55 -33.22 -16.75 -7.52
N VAL B 56 -32.30 -17.30 -8.30
CA VAL B 56 -32.26 -18.66 -8.84
C VAL B 56 -33.25 -18.93 -9.97
N SER B 57 -34.51 -18.48 -9.80
CA SER B 57 -35.61 -18.82 -10.70
C SER B 57 -36.35 -17.67 -11.36
N ASN B 58 -36.02 -16.42 -11.05
CA ASN B 58 -36.86 -15.28 -11.44
C ASN B 58 -36.30 -14.60 -12.67
N ARG B 59 -37.15 -14.43 -13.68
CA ARG B 59 -36.75 -13.79 -14.92
C ARG B 59 -36.73 -12.28 -14.75
N PHE B 60 -35.62 -11.65 -15.11
CA PHE B 60 -35.58 -10.21 -15.12
C PHE B 60 -36.54 -9.71 -16.18
N SER B 61 -37.15 -8.55 -15.92
CA SER B 61 -38.11 -7.98 -16.86
C SER B 61 -37.51 -7.88 -18.25
N GLY B 62 -38.27 -8.36 -19.26
CA GLY B 62 -37.86 -8.31 -20.64
C GLY B 62 -37.19 -9.58 -21.16
N VAL B 63 -36.75 -10.45 -20.27
CA VAL B 63 -36.05 -11.67 -20.66
C VAL B 63 -37.06 -12.68 -21.22
N PRO B 64 -36.81 -13.28 -22.38
CA PRO B 64 -37.80 -14.22 -22.95
C PRO B 64 -38.06 -15.40 -22.03
N ASP B 65 -39.28 -15.96 -22.16
CA ASP B 65 -39.69 -17.09 -21.34
C ASP B 65 -38.98 -18.39 -21.71
N ARG B 66 -38.23 -18.43 -22.82
CA ARG B 66 -37.33 -19.54 -23.12
C ARG B 66 -36.30 -19.77 -22.01
N PHE B 67 -35.95 -18.74 -21.27
CA PHE B 67 -34.96 -18.81 -20.21
C PHE B 67 -35.63 -19.13 -18.87
N SER B 68 -35.10 -20.12 -18.16
CA SER B 68 -35.58 -20.40 -16.83
C SER B 68 -34.41 -20.88 -15.99
N GLY B 69 -34.58 -20.87 -14.69
CA GLY B 69 -33.53 -21.31 -13.82
C GLY B 69 -34.13 -22.04 -12.64
N SER B 70 -33.31 -22.90 -12.06
CA SER B 70 -33.78 -23.76 -10.99
C SER B 70 -32.58 -24.19 -10.15
N GLY B 71 -32.89 -24.70 -8.98
CA GLY B 71 -31.92 -25.33 -8.12
C GLY B 71 -32.29 -25.04 -6.68
N SER B 72 -31.45 -25.52 -5.78
CA SER B 72 -31.46 -25.04 -4.40
C SER B 72 -30.14 -25.45 -3.76
N GLY B 73 -29.79 -24.81 -2.64
CA GLY B 73 -28.61 -25.28 -1.96
C GLY B 73 -27.32 -25.01 -2.72
N THR B 74 -26.67 -26.09 -3.17
CA THR B 74 -25.41 -26.02 -3.92
C THR B 74 -25.54 -26.24 -5.42
N ASP B 75 -26.72 -26.57 -5.94
CA ASP B 75 -26.82 -26.97 -7.34
C ASP B 75 -27.84 -26.12 -8.09
N PHE B 76 -27.43 -25.53 -9.21
CA PHE B 76 -28.27 -24.57 -9.93
C PHE B 76 -28.11 -24.79 -11.42
N THR B 77 -29.22 -24.59 -12.15
CA THR B 77 -29.24 -24.85 -13.59
C THR B 77 -29.97 -23.73 -14.32
N LEU B 78 -29.37 -23.25 -15.39
CA LEU B 78 -30.03 -22.36 -16.34
C LEU B 78 -30.44 -23.18 -17.56
N ARG B 79 -31.69 -23.01 -17.98
CA ARG B 79 -32.24 -23.75 -19.10
C ARG B 79 -32.76 -22.80 -20.16
N ILE B 80 -32.41 -23.09 -21.41
CA ILE B 80 -32.96 -22.38 -22.56
C ILE B 80 -33.75 -23.43 -23.33
N SER B 81 -35.07 -23.25 -23.39
CA SER B 81 -35.91 -24.31 -23.93
C SER B 81 -35.68 -24.48 -25.43
N ARG B 82 -35.46 -23.36 -26.14
CA ARG B 82 -35.16 -23.38 -27.57
C ARG B 82 -34.15 -22.28 -27.87
N VAL B 83 -32.95 -22.64 -28.35
CA VAL B 83 -31.86 -21.67 -28.50
C VAL B 83 -32.05 -20.88 -29.79
N GLU B 84 -31.89 -19.57 -29.69
CA GLU B 84 -31.99 -18.68 -30.84
C GLU B 84 -30.69 -17.95 -31.06
N ALA B 85 -30.57 -17.38 -32.27
CA ALA B 85 -29.29 -16.79 -32.67
C ALA B 85 -28.86 -15.72 -31.68
N GLU B 86 -29.81 -14.97 -31.13
CA GLU B 86 -29.46 -13.90 -30.21
C GLU B 86 -28.99 -14.41 -28.85
N ASP B 87 -29.07 -15.70 -28.57
CA ASP B 87 -28.65 -16.24 -27.28
C ASP B 87 -27.18 -16.60 -27.24
N LEU B 88 -26.49 -16.53 -28.37
CA LEU B 88 -25.10 -16.98 -28.40
C LEU B 88 -24.23 -15.97 -27.67
N GLY B 89 -23.27 -16.47 -26.93
CA GLY B 89 -22.45 -15.64 -26.08
C GLY B 89 -21.97 -16.46 -24.91
N ILE B 90 -21.49 -15.78 -23.87
CA ILE B 90 -20.94 -16.45 -22.70
C ILE B 90 -21.86 -16.18 -21.51
N TYR B 91 -22.34 -17.27 -20.89
CA TYR B 91 -23.19 -17.24 -19.72
C TYR B 91 -22.34 -17.40 -18.46
N TYR B 92 -22.69 -16.64 -17.42
CA TYR B 92 -22.02 -16.70 -16.12
C TYR B 92 -23.05 -16.80 -15.01
N CYS B 93 -22.91 -17.80 -14.12
CA CYS B 93 -23.64 -17.72 -12.87
C CYS B 93 -22.90 -16.79 -11.93
N PHE B 94 -23.62 -16.24 -10.97
CA PHE B 94 -23.05 -15.28 -10.03
C PHE B 94 -23.65 -15.49 -8.65
N GLN B 95 -22.77 -15.60 -7.68
CA GLN B 95 -23.11 -15.88 -6.29
C GLN B 95 -23.12 -14.55 -5.58
N GLY B 96 -24.29 -14.08 -5.18
CA GLY B 96 -24.40 -12.81 -4.48
C GLY B 96 -24.82 -12.89 -3.02
N SER B 97 -24.69 -14.06 -2.41
CA SER B 97 -25.10 -14.19 -1.02
C SER B 97 -24.00 -13.77 -0.06
N HIS B 98 -22.75 -14.14 -0.33
CA HIS B 98 -21.69 -13.93 0.63
C HIS B 98 -20.50 -13.27 -0.03
N VAL B 99 -19.97 -12.24 0.63
CA VAL B 99 -18.78 -11.50 0.21
C VAL B 99 -17.54 -12.35 0.49
N PRO B 100 -16.59 -12.42 -0.44
CA PRO B 100 -16.63 -11.79 -1.78
C PRO B 100 -17.57 -12.50 -2.74
N TYR B 101 -18.34 -11.73 -3.48
CA TYR B 101 -19.20 -12.30 -4.51
C TYR B 101 -18.36 -12.90 -5.62
N THR B 102 -18.89 -13.92 -6.28
CA THR B 102 -18.07 -14.68 -7.23
C THR B 102 -18.90 -15.07 -8.43
N PHE B 103 -18.21 -15.17 -9.56
CA PHE B 103 -18.78 -15.60 -10.82
C PHE B 103 -18.35 -17.02 -11.09
N GLY B 104 -19.22 -17.78 -11.77
CA GLY B 104 -18.81 -19.02 -12.41
C GLY B 104 -17.82 -18.72 -13.52
N GLY B 105 -17.16 -19.77 -14.02
CA GLY B 105 -16.11 -19.59 -15.02
C GLY B 105 -16.61 -19.30 -16.41
N GLY B 106 -17.92 -19.38 -16.63
CA GLY B 106 -18.42 -19.06 -17.94
C GLY B 106 -18.74 -20.30 -18.77
N THR B 107 -19.77 -20.18 -19.61
CA THR B 107 -20.14 -21.21 -20.59
C THR B 107 -20.34 -20.50 -21.92
N LYS B 108 -19.51 -20.84 -22.90
CA LYS B 108 -19.67 -20.26 -24.23
C LYS B 108 -20.69 -21.09 -24.99
N LEU B 109 -21.82 -20.48 -25.33
CA LEU B 109 -22.86 -21.14 -26.12
C LEU B 109 -22.56 -20.86 -27.59
N GLU B 110 -22.41 -21.92 -28.40
CA GLU B 110 -21.95 -21.78 -29.78
C GLU B 110 -22.74 -22.72 -30.67
N ILE B 111 -22.56 -22.56 -31.98
CA ILE B 111 -23.29 -23.36 -32.96
C ILE B 111 -22.52 -24.66 -33.19
N LYS B 112 -23.23 -25.78 -33.06
CA LYS B 112 -22.71 -27.08 -33.41
C LYS B 112 -22.85 -27.30 -34.91
N ARG B 113 -21.83 -27.90 -35.52
CA ARG B 113 -21.93 -28.38 -36.91
C ARG B 113 -21.05 -29.61 -37.02
N THR B 114 -20.97 -30.18 -38.23
CA THR B 114 -20.14 -31.36 -38.43
C THR B 114 -18.66 -31.01 -38.40
N VAL B 115 -17.84 -32.02 -38.06
CA VAL B 115 -16.39 -31.87 -38.08
C VAL B 115 -15.94 -31.43 -39.46
N ALA B 116 -15.02 -30.46 -39.51
CA ALA B 116 -14.43 -30.02 -40.77
C ALA B 116 -12.93 -29.83 -40.56
N ALA B 117 -12.11 -30.48 -41.40
CA ALA B 117 -10.67 -30.36 -41.27
C ALA B 117 -10.21 -29.00 -41.78
N PRO B 118 -9.14 -28.44 -41.21
CA PRO B 118 -8.59 -27.18 -41.74
C PRO B 118 -7.88 -27.43 -43.05
N SER B 119 -7.91 -26.41 -43.92
CA SER B 119 -6.93 -26.27 -44.99
C SER B 119 -5.75 -25.51 -44.41
N VAL B 120 -4.54 -26.05 -44.58
CA VAL B 120 -3.36 -25.50 -43.93
C VAL B 120 -2.44 -24.89 -44.99
N PHE B 121 -1.87 -23.72 -44.66
CA PHE B 121 -0.97 -23.00 -45.55
C PHE B 121 0.14 -22.40 -44.72
N ILE B 122 1.36 -22.38 -45.26
CA ILE B 122 2.52 -21.81 -44.58
C ILE B 122 3.11 -20.71 -45.44
N PHE B 123 3.48 -19.59 -44.81
CA PHE B 123 4.05 -18.44 -45.50
C PHE B 123 5.46 -18.12 -45.01
N PRO B 124 6.46 -18.11 -45.89
CA PRO B 124 7.79 -17.63 -45.49
C PRO B 124 7.75 -16.15 -45.16
N PRO B 125 8.77 -15.64 -44.47
CA PRO B 125 8.86 -14.17 -44.30
C PRO B 125 9.15 -13.52 -45.64
N SER B 126 8.59 -12.33 -45.84
CA SER B 126 8.84 -11.59 -47.07
C SER B 126 10.27 -11.07 -47.09
N ASP B 127 10.80 -10.86 -48.31
CA ASP B 127 12.12 -10.23 -48.44
C ASP B 127 12.12 -8.84 -47.86
N GLU B 128 11.00 -8.13 -48.03
CA GLU B 128 10.85 -6.80 -47.43
C GLU B 128 11.08 -6.84 -45.91
N GLN B 129 10.46 -7.81 -45.23
CA GLN B 129 10.64 -7.89 -43.78
C GLN B 129 12.06 -8.29 -43.41
N LEU B 130 12.68 -9.20 -44.17
CA LEU B 130 14.04 -9.58 -43.82
C LEU B 130 15.02 -8.41 -43.94
N LYS B 131 14.68 -7.35 -44.69
CA LYS B 131 15.56 -6.18 -44.72
C LYS B 131 15.67 -5.50 -43.37
N SER B 132 14.68 -5.67 -42.51
CA SER B 132 14.63 -4.96 -41.23
C SER B 132 15.15 -5.75 -40.04
N GLY B 133 15.61 -6.99 -40.23
CA GLY B 133 16.22 -7.75 -39.15
C GLY B 133 15.35 -8.81 -38.47
N THR B 134 14.06 -8.89 -38.80
CA THR B 134 13.20 -9.92 -38.20
C THR B 134 12.61 -10.80 -39.29
N ALA B 135 12.30 -12.03 -38.93
CA ALA B 135 11.60 -12.96 -39.80
C ALA B 135 10.37 -13.47 -39.08
N SER B 136 9.21 -13.33 -39.71
CA SER B 136 7.95 -13.89 -39.20
C SER B 136 7.53 -14.96 -40.18
N VAL B 137 7.32 -16.18 -39.67
CA VAL B 137 6.78 -17.29 -40.45
C VAL B 137 5.35 -17.50 -39.99
N VAL B 138 4.43 -17.62 -40.94
CA VAL B 138 3.01 -17.66 -40.62
C VAL B 138 2.41 -18.96 -41.10
N CYS B 139 1.61 -19.60 -40.24
CA CYS B 139 0.86 -20.81 -40.56
C CYS B 139 -0.63 -20.50 -40.44
N LEU B 140 -1.39 -20.77 -41.51
CA LEU B 140 -2.82 -20.49 -41.57
C LEU B 140 -3.62 -21.78 -41.51
N LEU B 141 -4.60 -21.84 -40.61
CA LEU B 141 -5.55 -22.96 -40.53
C LEU B 141 -6.92 -22.42 -40.89
N ASN B 142 -7.48 -22.86 -42.01
CA ASN B 142 -8.64 -22.20 -42.57
C ASN B 142 -9.89 -23.06 -42.45
N ASN B 143 -10.93 -22.51 -41.81
CA ASN B 143 -12.30 -23.03 -41.83
C ASN B 143 -12.39 -24.47 -41.31
N PHE B 144 -12.16 -24.60 -40.01
CA PHE B 144 -12.21 -25.91 -39.39
C PHE B 144 -13.24 -25.93 -38.26
N TYR B 145 -13.70 -27.13 -37.92
CA TYR B 145 -14.56 -27.31 -36.77
C TYR B 145 -14.31 -28.69 -36.19
N PRO B 146 -14.30 -28.84 -34.85
CA PRO B 146 -14.49 -27.79 -33.83
C PRO B 146 -13.27 -26.92 -33.58
N ARG B 147 -13.38 -26.08 -32.54
CA ARG B 147 -12.39 -25.03 -32.31
C ARG B 147 -11.01 -25.58 -31.96
N GLU B 148 -10.91 -26.71 -31.27
CA GLU B 148 -9.62 -27.15 -30.75
C GLU B 148 -8.72 -27.59 -31.89
N ALA B 149 -7.57 -26.95 -31.98
CA ALA B 149 -6.61 -27.28 -33.02
C ALA B 149 -5.24 -27.01 -32.43
N LYS B 150 -4.24 -27.71 -32.94
CA LYS B 150 -2.93 -27.56 -32.37
C LYS B 150 -1.93 -27.34 -33.49
N VAL B 151 -1.07 -26.35 -33.32
CA VAL B 151 -0.04 -26.01 -34.29
C VAL B 151 1.29 -26.30 -33.62
N GLN B 152 2.16 -27.05 -34.30
CA GLN B 152 3.50 -27.31 -33.80
C GLN B 152 4.50 -26.84 -34.83
N TRP B 153 5.33 -25.88 -34.47
CA TRP B 153 6.35 -25.38 -35.38
C TRP B 153 7.60 -26.22 -35.26
N LYS B 154 8.27 -26.45 -36.39
CA LYS B 154 9.54 -27.15 -36.38
C LYS B 154 10.49 -26.44 -37.34
N VAL B 155 11.74 -26.34 -36.95
CA VAL B 155 12.80 -25.71 -37.74
C VAL B 155 13.92 -26.73 -37.86
N ASP B 156 14.21 -27.15 -39.11
CA ASP B 156 15.15 -28.24 -39.38
C ASP B 156 14.81 -29.48 -38.55
N ASN B 157 13.53 -29.81 -38.48
CA ASN B 157 13.00 -30.97 -37.74
C ASN B 157 13.02 -30.81 -36.21
N ALA B 158 13.57 -29.71 -35.68
CA ALA B 158 13.56 -29.46 -34.24
C ALA B 158 12.27 -28.76 -33.81
N LEU B 159 11.57 -29.34 -32.84
CA LEU B 159 10.34 -28.72 -32.34
C LEU B 159 10.66 -27.39 -31.66
N GLN B 160 9.84 -26.39 -31.93
CA GLN B 160 9.98 -25.05 -31.35
C GLN B 160 9.00 -24.88 -30.20
N SER B 161 9.38 -24.10 -29.19
CA SER B 161 8.43 -23.68 -28.16
C SER B 161 8.80 -22.29 -27.64
N GLY B 162 7.79 -21.52 -27.26
CA GLY B 162 7.97 -20.20 -26.68
C GLY B 162 8.19 -19.07 -27.65
N ASN B 163 8.43 -19.37 -28.93
CA ASN B 163 8.66 -18.33 -29.94
C ASN B 163 7.48 -18.09 -30.90
N SER B 164 6.28 -18.59 -30.59
CA SER B 164 5.14 -18.40 -31.49
C SER B 164 3.96 -17.77 -30.74
N GLN B 165 3.10 -17.11 -31.49
CA GLN B 165 1.81 -16.62 -30.98
C GLN B 165 0.76 -16.94 -32.02
N GLU B 166 -0.49 -17.10 -31.57
CA GLU B 166 -1.58 -17.44 -32.46
C GLU B 166 -2.84 -16.71 -32.02
N SER B 167 -3.82 -16.64 -32.94
CA SER B 167 -5.16 -16.20 -32.56
C SER B 167 -6.17 -16.87 -33.47
N VAL B 168 -7.42 -16.87 -33.04
CA VAL B 168 -8.48 -17.62 -33.68
C VAL B 168 -9.65 -16.67 -33.91
N THR B 169 -10.27 -16.77 -35.09
CA THR B 169 -11.44 -15.94 -35.40
C THR B 169 -12.66 -16.38 -34.59
N GLU B 170 -13.67 -15.51 -34.59
CA GLU B 170 -14.95 -15.94 -34.05
C GLU B 170 -15.64 -16.84 -35.08
N GLN B 171 -16.60 -17.61 -34.58
CA GLN B 171 -17.32 -18.57 -35.40
C GLN B 171 -17.94 -17.87 -36.61
N ASP B 172 -17.70 -18.43 -37.79
CA ASP B 172 -18.13 -17.80 -39.03
C ASP B 172 -19.66 -17.81 -39.12
N SER B 173 -20.23 -16.68 -39.56
CA SER B 173 -21.68 -16.55 -39.56
C SER B 173 -22.33 -17.42 -40.65
N LYS B 174 -21.62 -17.68 -41.75
CA LYS B 174 -22.16 -18.53 -42.80
C LYS B 174 -22.00 -20.01 -42.49
N ASP B 175 -20.76 -20.50 -42.35
CA ASP B 175 -20.49 -21.93 -42.25
C ASP B 175 -20.13 -22.41 -40.84
N SER B 176 -20.13 -21.53 -39.83
CA SER B 176 -19.88 -21.86 -38.41
C SER B 176 -18.51 -22.51 -38.18
N THR B 177 -17.52 -22.21 -39.01
CA THR B 177 -16.18 -22.73 -38.79
C THR B 177 -15.34 -21.67 -38.06
N TYR B 178 -14.12 -22.06 -37.73
CA TYR B 178 -13.15 -21.18 -37.13
C TYR B 178 -11.94 -21.15 -38.05
N SER B 179 -11.12 -20.11 -37.91
CA SER B 179 -9.84 -20.12 -38.57
C SER B 179 -8.79 -19.69 -37.57
N LEU B 180 -7.54 -20.09 -37.82
CA LEU B 180 -6.48 -19.84 -36.87
C LEU B 180 -5.25 -19.39 -37.63
N SER B 181 -4.55 -18.41 -37.06
CA SER B 181 -3.30 -17.92 -37.60
C SER B 181 -2.22 -18.02 -36.52
N SER B 182 -1.08 -18.63 -36.87
CA SER B 182 0.05 -18.74 -35.95
C SER B 182 1.29 -18.11 -36.57
N THR B 183 2.01 -17.31 -35.79
CA THR B 183 3.24 -16.66 -36.23
C THR B 183 4.42 -17.18 -35.44
N LEU B 184 5.43 -17.68 -36.13
CA LEU B 184 6.71 -18.05 -35.53
C LEU B 184 7.66 -16.89 -35.75
N THR B 185 8.22 -16.35 -34.68
CA THR B 185 9.09 -15.19 -34.81
C THR B 185 10.52 -15.57 -34.49
N LEU B 186 11.42 -15.26 -35.42
CA LEU B 186 12.84 -15.54 -35.30
C LEU B 186 13.58 -14.29 -35.72
N SER B 187 14.80 -14.13 -35.21
CA SER B 187 15.67 -13.10 -35.75
C SER B 187 16.07 -13.48 -37.17
N LYS B 188 16.39 -12.47 -37.97
CA LYS B 188 16.84 -12.75 -39.33
C LYS B 188 18.04 -13.67 -39.32
N ALA B 189 18.99 -13.44 -38.42
CA ALA B 189 20.20 -14.26 -38.40
C ALA B 189 19.86 -15.71 -38.10
N ASP B 190 18.95 -15.95 -37.16
CA ASP B 190 18.50 -17.32 -36.90
C ASP B 190 17.78 -17.90 -38.11
N TYR B 191 16.93 -17.11 -38.74
CA TYR B 191 16.21 -17.62 -39.90
C TYR B 191 17.17 -18.05 -41.00
N GLU B 192 18.24 -17.27 -41.21
CA GLU B 192 19.18 -17.62 -42.28
C GLU B 192 20.09 -18.79 -41.89
N LYS B 193 20.11 -19.16 -40.59
CA LYS B 193 20.86 -20.32 -40.11
C LYS B 193 20.22 -21.67 -40.49
N HIS B 194 18.95 -21.69 -40.89
CA HIS B 194 18.25 -22.96 -41.02
C HIS B 194 17.54 -23.04 -42.37
N LYS B 195 17.15 -24.26 -42.74
CA LYS B 195 16.62 -24.53 -44.07
C LYS B 195 15.13 -24.84 -44.05
N VAL B 196 14.70 -25.86 -43.31
CA VAL B 196 13.34 -26.38 -43.42
C VAL B 196 12.46 -25.74 -42.34
N TYR B 197 11.38 -25.10 -42.78
CA TYR B 197 10.42 -24.46 -41.88
C TYR B 197 9.09 -25.18 -42.07
N ALA B 198 8.50 -25.66 -40.97
CA ALA B 198 7.31 -26.48 -41.04
C ALA B 198 6.35 -26.20 -39.89
N CYS B 199 5.06 -26.30 -40.19
CA CYS B 199 4.03 -26.33 -39.16
C CYS B 199 3.23 -27.59 -39.33
N GLU B 200 3.06 -28.31 -38.24
CA GLU B 200 2.32 -29.55 -38.19
C GLU B 200 1.04 -29.29 -37.41
N VAL B 201 -0.08 -29.69 -38.00
CA VAL B 201 -1.38 -29.33 -37.45
C VAL B 201 -2.11 -30.60 -37.03
N THR B 202 -2.62 -30.60 -35.80
CA THR B 202 -3.47 -31.68 -35.31
C THR B 202 -4.91 -31.20 -35.18
N HIS B 203 -5.83 -31.95 -35.75
CA HIS B 203 -7.23 -31.57 -35.65
C HIS B 203 -8.07 -32.83 -35.82
N GLN B 204 -9.22 -32.86 -35.15
CA GLN B 204 -10.08 -34.05 -35.22
C GLN B 204 -10.50 -34.38 -36.66
N GLY B 205 -10.54 -33.38 -37.55
CA GLY B 205 -10.93 -33.63 -38.92
C GLY B 205 -9.85 -34.27 -39.78
N LEU B 206 -8.61 -34.36 -39.29
CA LEU B 206 -7.49 -34.92 -40.05
C LEU B 206 -7.22 -36.36 -39.61
N SER B 207 -7.02 -37.25 -40.60
CA SER B 207 -6.69 -38.65 -40.29
C SER B 207 -5.40 -38.75 -39.46
N SER B 208 -4.40 -37.93 -39.78
CA SER B 208 -3.24 -37.81 -38.90
C SER B 208 -2.74 -36.38 -39.02
N PRO B 209 -1.83 -35.97 -38.16
CA PRO B 209 -1.35 -34.58 -38.22
C PRO B 209 -0.73 -34.26 -39.57
N VAL B 210 -1.04 -33.07 -40.08
CA VAL B 210 -0.63 -32.65 -41.42
C VAL B 210 0.49 -31.62 -41.28
N THR B 211 1.54 -31.79 -42.06
CA THR B 211 2.66 -30.85 -42.03
C THR B 211 2.75 -30.10 -43.36
N LYS B 212 2.82 -28.79 -43.29
CA LYS B 212 3.13 -27.96 -44.46
C LYS B 212 4.48 -27.29 -44.22
N SER B 213 5.32 -27.26 -45.26
CA SER B 213 6.69 -26.78 -45.05
C SER B 213 7.20 -26.06 -46.30
N PHE B 214 8.29 -25.31 -46.11
CA PHE B 214 9.06 -24.75 -47.21
C PHE B 214 10.53 -24.83 -46.84
N ASN B 215 11.38 -24.76 -47.88
CA ASN B 215 12.83 -24.67 -47.71
C ASN B 215 13.24 -23.23 -47.99
N ARG B 216 13.94 -22.63 -47.02
CA ARG B 216 14.32 -21.22 -47.14
C ARG B 216 15.12 -21.01 -48.42
N GLY B 217 14.75 -19.97 -49.17
CA GLY B 217 15.37 -19.69 -50.45
C GLY B 217 14.97 -20.76 -51.44
N GLU B 218 13.65 -21.02 -51.52
CA GLU B 218 13.06 -22.11 -52.31
C GLU B 218 13.94 -23.33 -52.47
N ALA C 1 -27.61 -9.31 -5.87
CA ALA C 1 -26.81 -9.67 -4.71
C ALA C 1 -27.40 -9.00 -3.46
N VAL C 2 -26.94 -9.44 -2.29
CA VAL C 2 -27.35 -8.81 -1.03
C VAL C 2 -26.87 -7.36 -0.98
N GLY C 3 -25.62 -7.13 -1.28
CA GLY C 3 -24.93 -5.86 -1.16
C GLY C 3 -24.02 -5.84 0.06
N ILE C 4 -22.91 -5.12 -0.07
CA ILE C 4 -21.90 -5.15 0.99
C ILE C 4 -22.32 -4.31 2.19
N GLY C 5 -23.22 -3.34 2.00
CA GLY C 5 -23.63 -2.52 3.11
C GLY C 5 -24.99 -2.85 3.71
N ALA C 6 -25.61 -3.94 3.27
CA ALA C 6 -26.90 -4.35 3.84
C ALA C 6 -26.69 -4.86 5.26
N VAL C 7 -27.59 -4.49 6.15
CA VAL C 7 -27.56 -5.01 7.51
C VAL C 7 -28.96 -5.44 7.93
N PHE C 8 -29.03 -6.55 8.68
CA PHE C 8 -30.15 -6.89 9.58
C PHE C 8 -29.92 -8.25 10.22
N GLN D 1 32.50 -17.81 10.20
CA GLN D 1 32.17 -18.09 8.80
C GLN D 1 31.27 -17.01 8.21
N VAL D 2 31.67 -16.45 7.09
CA VAL D 2 30.85 -15.39 6.49
C VAL D 2 29.64 -16.07 5.86
N GLN D 3 28.45 -15.71 6.34
CA GLN D 3 27.26 -16.41 5.86
C GLN D 3 26.03 -15.53 6.05
N LEU D 4 25.04 -15.84 5.22
CA LEU D 4 23.71 -15.26 5.31
C LEU D 4 22.75 -16.39 5.61
N GLN D 5 22.13 -16.35 6.78
CA GLN D 5 21.28 -17.43 7.24
C GLN D 5 19.82 -17.04 7.01
N GLN D 6 19.17 -17.75 6.09
CA GLN D 6 17.78 -17.44 5.72
C GLN D 6 16.82 -18.34 6.48
N SER D 7 15.62 -17.80 6.74
CA SER D 7 14.55 -18.48 7.46
C SER D 7 13.97 -19.65 6.65
N GLY D 8 13.22 -20.50 7.34
CA GLY D 8 12.76 -21.75 6.77
C GLY D 8 11.58 -21.64 5.80
N THR D 9 11.25 -22.78 5.19
CA THR D 9 10.20 -22.83 4.18
C THR D 9 8.89 -22.23 4.70
N GLU D 10 8.19 -21.49 3.84
CA GLU D 10 6.93 -20.86 4.21
C GLU D 10 5.80 -21.53 3.43
N LEU D 11 4.89 -22.18 4.14
CA LEU D 11 3.69 -22.76 3.56
C LEU D 11 2.54 -21.84 3.96
N VAL D 12 2.01 -21.09 3.00
CA VAL D 12 1.12 -19.99 3.35
C VAL D 12 -0.10 -19.99 2.44
N TRP D 13 -1.20 -19.52 2.99
CA TRP D 13 -2.48 -19.43 2.28
C TRP D 13 -2.51 -18.16 1.43
N PRO D 14 -3.25 -18.17 0.31
CA PRO D 14 -3.32 -16.97 -0.53
C PRO D 14 -3.91 -15.81 0.25
N GLY D 15 -3.44 -14.61 -0.07
CA GLY D 15 -3.93 -13.42 0.58
C GLY D 15 -3.25 -13.06 1.88
N THR D 16 -2.52 -13.99 2.49
CA THR D 16 -1.83 -13.64 3.72
C THR D 16 -0.52 -12.94 3.36
N SER D 17 0.22 -12.55 4.39
CA SER D 17 1.52 -11.95 4.23
C SER D 17 2.53 -12.75 5.06
N VAL D 18 3.80 -12.62 4.69
CA VAL D 18 4.85 -13.42 5.30
C VAL D 18 6.08 -12.55 5.46
N THR D 19 6.88 -12.87 6.47
CA THR D 19 8.15 -12.21 6.73
C THR D 19 9.28 -13.20 6.51
N LEU D 20 10.21 -12.86 5.65
CA LEU D 20 11.42 -13.64 5.43
C LEU D 20 12.59 -12.93 6.09
N SER D 21 13.48 -13.70 6.71
CA SER D 21 14.60 -13.09 7.41
C SER D 21 15.91 -13.57 6.83
N CYS D 22 16.90 -12.69 6.89
CA CYS D 22 18.24 -13.00 6.38
C CYS D 22 19.21 -12.49 7.44
N LYS D 23 19.84 -13.40 8.17
CA LYS D 23 20.66 -12.99 9.32
C LYS D 23 22.13 -13.05 8.92
N ALA D 24 22.81 -11.92 9.05
CA ALA D 24 24.21 -11.82 8.67
C ALA D 24 25.12 -12.33 9.77
N SER D 25 26.14 -13.08 9.39
CA SER D 25 27.05 -13.71 10.34
C SER D 25 28.48 -13.69 9.81
N GLY D 26 29.43 -13.36 10.67
CA GLY D 26 30.84 -13.43 10.32
C GLY D 26 31.39 -12.25 9.55
N TYR D 27 30.67 -11.14 9.44
CA TYR D 27 31.17 -9.93 8.80
C TYR D 27 30.41 -8.75 9.40
N THR D 28 30.76 -7.54 8.98
CA THR D 28 30.12 -6.34 9.50
C THR D 28 28.90 -6.01 8.64
N PHE D 29 27.72 -6.21 9.22
CA PHE D 29 26.43 -6.07 8.53
C PHE D 29 26.27 -4.72 7.85
N THR D 30 26.68 -3.65 8.53
CA THR D 30 26.45 -2.31 8.00
C THR D 30 27.48 -1.91 6.95
N ASP D 31 28.45 -2.79 6.66
CA ASP D 31 29.40 -2.54 5.58
C ASP D 31 28.94 -3.03 4.20
N TYR D 32 27.82 -3.73 4.11
CA TYR D 32 27.33 -4.28 2.84
C TYR D 32 25.85 -4.00 2.68
N GLU D 33 25.45 -3.75 1.44
CA GLU D 33 24.04 -3.74 1.09
C GLU D 33 23.50 -5.17 1.12
N ILE D 34 22.18 -5.29 1.29
CA ILE D 34 21.53 -6.59 1.19
C ILE D 34 20.58 -6.55 -0.01
N HIS D 35 20.75 -7.51 -0.93
CA HIS D 35 19.92 -7.56 -2.13
C HIS D 35 19.08 -8.83 -2.10
N TRP D 36 17.87 -8.76 -2.66
CA TRP D 36 16.96 -9.90 -2.67
C TRP D 36 16.64 -10.31 -4.11
N VAL D 37 16.62 -11.61 -4.34
CA VAL D 37 16.48 -12.18 -5.68
C VAL D 37 15.39 -13.25 -5.64
N LYS D 38 14.51 -13.23 -6.61
CA LYS D 38 13.46 -14.23 -6.72
C LYS D 38 13.82 -15.20 -7.83
N GLN D 39 13.63 -16.49 -7.56
CA GLN D 39 13.95 -17.53 -8.51
C GLN D 39 12.71 -18.39 -8.80
N THR D 40 12.34 -18.47 -10.07
CA THR D 40 11.24 -19.31 -10.51
C THR D 40 11.63 -20.02 -11.79
N PRO D 41 10.99 -21.16 -12.09
CA PRO D 41 11.21 -21.79 -13.40
C PRO D 41 10.84 -20.89 -14.55
N VAL D 42 9.73 -20.14 -14.46
CA VAL D 42 9.28 -19.40 -15.63
C VAL D 42 10.09 -18.10 -15.79
N HIS D 43 10.37 -17.37 -14.70
CA HIS D 43 11.07 -16.09 -14.83
C HIS D 43 12.57 -16.14 -14.51
N GLY D 44 13.14 -17.31 -14.20
CA GLY D 44 14.56 -17.34 -13.87
C GLY D 44 14.85 -16.54 -12.63
N LEU D 45 15.93 -15.78 -12.65
CA LEU D 45 16.29 -14.93 -11.52
C LEU D 45 15.81 -13.50 -11.76
N GLU D 46 15.25 -12.89 -10.73
CA GLU D 46 14.72 -11.52 -10.76
C GLU D 46 15.25 -10.75 -9.57
N TRP D 47 15.72 -9.53 -9.83
CA TRP D 47 16.19 -8.65 -8.77
C TRP D 47 14.97 -7.94 -8.17
N ILE D 48 14.71 -8.18 -6.88
CA ILE D 48 13.54 -7.59 -6.22
C ILE D 48 13.84 -6.16 -5.81
N GLY D 49 15.01 -5.95 -5.23
CA GLY D 49 15.33 -4.68 -4.62
C GLY D 49 16.46 -4.89 -3.64
N ALA D 50 16.83 -3.81 -2.95
CA ALA D 50 17.94 -3.85 -2.02
C ALA D 50 17.73 -2.84 -0.91
N ILE D 51 18.48 -3.00 0.18
CA ILE D 51 18.45 -2.06 1.29
C ILE D 51 19.89 -1.77 1.69
N VAL D 52 20.15 -0.52 2.10
CA VAL D 52 21.43 -0.10 2.68
C VAL D 52 21.27 -0.12 4.19
N PRO D 53 21.84 -1.10 4.91
CA PRO D 53 21.60 -1.19 6.37
C PRO D 53 22.03 0.04 7.14
N LYS D 54 23.07 0.74 6.68
CA LYS D 54 23.59 1.86 7.44
C LYS D 54 22.58 3.01 7.46
N THR D 55 21.92 3.28 6.32
CA THR D 55 20.97 4.37 6.20
C THR D 55 19.49 3.98 6.17
N GLY D 56 19.17 2.68 6.11
CA GLY D 56 17.80 2.32 5.83
C GLY D 56 17.30 2.63 4.43
N TYR D 57 18.16 3.09 3.51
CA TYR D 57 17.74 3.42 2.16
C TYR D 57 17.38 2.18 1.33
N THR D 58 16.27 2.25 0.59
CA THR D 58 15.83 1.13 -0.22
C THR D 58 15.57 1.58 -1.64
N ALA D 59 15.68 0.61 -2.56
CA ALA D 59 15.30 0.75 -3.96
C ALA D 59 14.66 -0.55 -4.40
N TYR D 60 13.61 -0.45 -5.22
CA TYR D 60 12.82 -1.60 -5.62
C TYR D 60 12.74 -1.69 -7.13
N ASN D 61 12.80 -2.92 -7.65
CA ASN D 61 12.28 -3.21 -8.98
C ASN D 61 10.80 -2.86 -8.99
N GLN D 62 10.36 -1.99 -9.91
CA GLN D 62 8.98 -1.48 -9.83
C GLN D 62 7.95 -2.60 -9.90
N LYS D 63 8.31 -3.73 -10.51
CA LYS D 63 7.43 -4.89 -10.54
C LYS D 63 7.08 -5.40 -9.13
N PHE D 64 7.98 -5.24 -8.16
CA PHE D 64 7.78 -5.70 -6.80
C PHE D 64 7.34 -4.60 -5.81
N ARG D 65 7.13 -3.39 -6.29
CA ARG D 65 6.63 -2.34 -5.43
C ARG D 65 5.23 -2.67 -4.95
N GLY D 66 5.02 -2.58 -3.64
CA GLY D 66 3.76 -2.99 -3.05
C GLY D 66 3.70 -4.47 -2.68
N LYS D 67 4.50 -5.30 -3.34
CA LYS D 67 4.63 -6.71 -3.02
C LYS D 67 5.65 -6.97 -1.91
N ALA D 68 6.80 -6.32 -2.01
CA ALA D 68 7.91 -6.59 -1.13
C ALA D 68 8.20 -5.34 -0.32
N ILE D 69 8.49 -5.53 0.97
CA ILE D 69 8.92 -4.45 1.84
C ILE D 69 10.21 -4.90 2.53
N LEU D 70 11.28 -4.15 2.32
CA LEU D 70 12.60 -4.49 2.83
C LEU D 70 12.92 -3.64 4.05
N THR D 71 13.43 -4.27 5.10
CA THR D 71 13.94 -3.58 6.28
C THR D 71 15.27 -4.21 6.65
N ALA D 72 16.02 -3.52 7.52
CA ALA D 72 17.26 -4.02 8.04
C ALA D 72 17.35 -3.66 9.52
N ASP D 73 17.72 -4.62 10.35
CA ASP D 73 17.79 -4.39 11.78
C ASP D 73 19.25 -4.39 12.19
N LYS D 74 19.77 -3.21 12.52
CA LYS D 74 21.18 -3.06 12.86
C LYS D 74 21.54 -3.87 14.10
N SER D 75 20.72 -3.79 15.14
CA SER D 75 21.11 -4.43 16.40
C SER D 75 21.13 -5.96 16.30
N SER D 76 20.27 -6.56 15.48
CA SER D 76 20.31 -8.00 15.28
C SER D 76 21.03 -8.43 14.01
N SER D 77 21.60 -7.50 13.25
CA SER D 77 22.29 -7.82 11.98
C SER D 77 21.42 -8.72 11.10
N THR D 78 20.14 -8.37 10.97
CA THR D 78 19.18 -9.15 10.20
C THR D 78 18.47 -8.27 9.20
N ALA D 79 18.36 -8.76 7.97
CA ALA D 79 17.57 -8.11 6.95
C ALA D 79 16.24 -8.83 6.80
N TYR D 80 15.17 -8.09 6.58
CA TYR D 80 13.85 -8.67 6.47
C TYR D 80 13.20 -8.30 5.15
N MET D 81 12.40 -9.22 4.60
CA MET D 81 11.53 -8.92 3.47
C MET D 81 10.14 -9.43 3.78
N ASP D 82 9.19 -8.51 3.83
CA ASP D 82 7.78 -8.86 3.91
C ASP D 82 7.25 -9.01 2.50
N LEU D 83 6.58 -10.11 2.24
CA LEU D 83 5.84 -10.32 0.99
C LEU D 83 4.36 -10.26 1.30
N ARG D 84 3.63 -9.42 0.56
CA ARG D 84 2.25 -9.07 0.90
C ARG D 84 1.24 -9.70 -0.06
N ARG D 85 0.08 -10.09 0.50
CA ARG D 85 -1.08 -10.52 -0.27
C ARG D 85 -0.70 -11.57 -1.30
N LEU D 86 -0.22 -12.69 -0.77
CA LEU D 86 0.42 -13.70 -1.58
C LEU D 86 -0.56 -14.35 -2.54
N THR D 87 -0.09 -14.62 -3.76
CA THR D 87 -0.79 -15.43 -4.74
C THR D 87 0.15 -16.54 -5.18
N SER D 88 -0.34 -17.43 -6.05
CA SER D 88 0.50 -18.52 -6.54
C SER D 88 1.72 -18.00 -7.33
N GLU D 89 1.61 -16.80 -7.92
CA GLU D 89 2.75 -16.21 -8.62
C GLU D 89 3.88 -15.85 -7.67
N ASP D 90 3.60 -15.73 -6.39
CA ASP D 90 4.65 -15.47 -5.42
C ASP D 90 5.35 -16.74 -4.93
N SER D 91 4.87 -17.92 -5.32
CA SER D 91 5.56 -19.16 -4.96
C SER D 91 6.92 -19.19 -5.66
N ALA D 92 7.97 -19.42 -4.90
CA ALA D 92 9.32 -19.25 -5.46
C ALA D 92 10.37 -19.57 -4.42
N VAL D 93 11.64 -19.54 -4.81
CA VAL D 93 12.74 -19.48 -3.86
C VAL D 93 13.27 -18.06 -3.83
N TYR D 94 13.41 -17.50 -2.64
CA TYR D 94 13.87 -16.13 -2.45
C TYR D 94 15.26 -16.17 -1.80
N TYR D 95 16.23 -15.47 -2.42
CA TYR D 95 17.58 -15.38 -1.93
C TYR D 95 17.87 -13.98 -1.40
N CYS D 96 18.69 -13.89 -0.35
CA CYS D 96 19.36 -12.62 -0.04
C CYS D 96 20.84 -12.79 -0.36
N THR D 97 21.49 -11.68 -0.70
CA THR D 97 22.92 -11.70 -1.01
C THR D 97 23.45 -10.33 -0.61
N ARG D 98 24.76 -10.25 -0.40
CA ARG D 98 25.35 -9.01 0.09
C ARG D 98 26.11 -8.34 -1.04
N LEU D 99 26.26 -7.02 -0.94
CA LEU D 99 27.01 -6.27 -1.94
C LEU D 99 27.81 -5.17 -1.26
N ARG D 100 29.13 -5.19 -1.43
CA ARG D 100 29.92 -4.01 -1.17
C ARG D 100 29.95 -3.16 -2.43
N ASN D 101 29.80 -1.85 -2.27
CA ASN D 101 29.70 -0.94 -3.40
C ASN D 101 30.85 -1.18 -4.39
N TYR D 102 30.51 -1.33 -5.67
CA TYR D 102 31.43 -1.57 -6.79
C TYR D 102 32.00 -2.99 -6.85
N TRP D 103 31.63 -3.86 -5.91
CA TRP D 103 32.01 -5.28 -5.92
C TRP D 103 30.86 -6.11 -6.52
N TYR D 104 30.47 -7.23 -5.94
CA TYR D 104 29.60 -8.21 -6.59
C TYR D 104 28.90 -9.05 -5.54
N PHE D 105 27.99 -9.92 -5.99
CA PHE D 105 27.27 -10.73 -4.99
C PHE D 105 28.15 -11.95 -4.76
N ASP D 106 29.00 -11.88 -3.74
CA ASP D 106 29.92 -12.98 -3.48
C ASP D 106 29.30 -14.04 -2.58
N VAL D 107 28.54 -13.62 -1.56
CA VAL D 107 27.94 -14.52 -0.58
C VAL D 107 26.43 -14.45 -0.73
N TRP D 108 25.79 -15.60 -0.82
CA TRP D 108 24.35 -15.75 -0.97
C TRP D 108 23.80 -16.59 0.17
N GLY D 109 22.58 -16.31 0.61
CA GLY D 109 21.90 -17.26 1.47
C GLY D 109 21.54 -18.51 0.70
N THR D 110 21.08 -19.53 1.41
CA THR D 110 20.70 -20.77 0.75
C THR D 110 19.27 -20.74 0.22
N GLY D 111 18.56 -19.63 0.39
CA GLY D 111 17.26 -19.46 -0.22
C GLY D 111 16.12 -19.91 0.68
N THR D 112 15.01 -19.20 0.61
CA THR D 112 13.80 -19.55 1.36
C THR D 112 12.73 -19.89 0.33
N THR D 113 12.19 -21.09 0.42
CA THR D 113 11.06 -21.50 -0.40
C THR D 113 9.77 -20.96 0.18
N VAL D 114 8.99 -20.29 -0.63
CA VAL D 114 7.65 -19.85 -0.26
C VAL D 114 6.68 -20.59 -1.16
N THR D 115 5.73 -21.31 -0.55
CA THR D 115 4.74 -22.12 -1.28
C THR D 115 3.35 -21.59 -0.92
N VAL D 116 2.68 -21.01 -1.89
CA VAL D 116 1.36 -20.44 -1.69
C VAL D 116 0.33 -21.46 -2.11
N SER D 117 -0.48 -21.92 -1.15
CA SER D 117 -1.56 -22.86 -1.43
C SER D 117 -2.65 -22.75 -0.37
N PRO D 118 -3.92 -22.91 -0.75
CA PRO D 118 -5.00 -22.92 0.26
C PRO D 118 -4.99 -24.18 1.14
N ALA D 119 -4.22 -25.21 0.79
CA ALA D 119 -4.30 -26.51 1.45
C ALA D 119 -3.68 -26.50 2.84
N SER D 120 -3.97 -27.54 3.60
CA SER D 120 -3.34 -27.84 4.87
C SER D 120 -2.75 -29.25 4.77
N THR D 121 -1.95 -29.64 5.77
CA THR D 121 -1.24 -30.92 5.69
C THR D 121 -2.20 -32.05 5.38
N LYS D 122 -1.88 -32.81 4.33
CA LYS D 122 -2.71 -33.94 3.90
C LYS D 122 -1.84 -35.04 3.29
N GLY D 123 -2.06 -36.27 3.73
CA GLY D 123 -1.36 -37.41 3.19
C GLY D 123 -1.97 -37.85 1.87
N PRO D 124 -1.16 -38.44 1.01
CA PRO D 124 -1.63 -38.83 -0.33
C PRO D 124 -2.46 -40.09 -0.32
N SER D 125 -3.28 -40.25 -1.37
CA SER D 125 -3.82 -41.54 -1.77
C SER D 125 -2.90 -42.11 -2.86
N VAL D 126 -2.67 -43.42 -2.84
CA VAL D 126 -1.73 -44.03 -3.77
C VAL D 126 -2.49 -45.00 -4.64
N PHE D 127 -2.45 -44.78 -5.96
CA PHE D 127 -3.18 -45.59 -6.91
C PHE D 127 -2.22 -46.27 -7.87
N PRO D 128 -2.54 -47.49 -8.31
CA PRO D 128 -1.65 -48.20 -9.23
C PRO D 128 -1.77 -47.66 -10.64
N LEU D 129 -0.64 -47.64 -11.36
CA LEU D 129 -0.63 -47.44 -12.81
C LEU D 129 -0.36 -48.81 -13.41
N ALA D 130 -1.40 -49.44 -13.91
CA ALA D 130 -1.26 -50.88 -14.12
C ALA D 130 -0.83 -51.15 -15.55
N PRO D 131 0.15 -52.06 -15.73
CA PRO D 131 0.68 -52.37 -17.07
C PRO D 131 -0.34 -52.94 -18.04
N GLY D 139 7.66 -57.23 -25.23
CA GLY D 139 8.94 -56.57 -25.05
C GLY D 139 9.07 -55.88 -23.70
N THR D 140 8.92 -54.56 -23.69
CA THR D 140 9.09 -53.73 -22.51
C THR D 140 7.74 -53.20 -22.06
N ALA D 141 7.42 -53.37 -20.79
CA ALA D 141 6.19 -52.84 -20.23
C ALA D 141 6.51 -51.75 -19.21
N ALA D 142 5.53 -50.91 -18.93
CA ALA D 142 5.67 -49.85 -17.94
C ALA D 142 4.58 -50.01 -16.87
N LEU D 143 4.95 -49.76 -15.62
CA LEU D 143 3.96 -49.76 -14.54
C LEU D 143 4.30 -48.64 -13.58
N GLY D 144 3.35 -48.28 -12.73
CA GLY D 144 3.69 -47.19 -11.86
C GLY D 144 2.72 -47.01 -10.72
N CYS D 145 2.95 -45.94 -9.98
CA CYS D 145 2.08 -45.51 -8.90
C CYS D 145 1.77 -44.04 -9.08
N LEU D 146 0.52 -43.68 -8.83
CA LEU D 146 0.07 -42.30 -8.84
C LEU D 146 -0.16 -41.87 -7.39
N VAL D 147 0.58 -40.86 -6.94
CA VAL D 147 0.55 -40.38 -5.56
C VAL D 147 -0.20 -39.06 -5.59
N LYS D 148 -1.45 -39.09 -5.15
CA LYS D 148 -2.35 -37.99 -5.49
C LYS D 148 -2.86 -37.29 -4.23
N ASP D 149 -3.03 -35.96 -4.35
CA ASP D 149 -3.77 -35.14 -3.37
C ASP D 149 -3.10 -35.09 -1.99
N TYR D 150 -1.82 -34.72 -1.97
CA TYR D 150 -1.13 -34.54 -0.71
C TYR D 150 -0.60 -33.12 -0.58
N PHE D 151 -0.32 -32.72 0.66
CA PHE D 151 0.33 -31.45 0.91
C PHE D 151 1.08 -31.53 2.24
N PRO D 152 2.27 -30.92 2.34
CA PRO D 152 3.10 -30.26 1.33
C PRO D 152 4.10 -31.20 0.71
N GLU D 153 4.98 -30.68 -0.13
CA GLU D 153 6.16 -31.41 -0.57
C GLU D 153 7.09 -31.65 0.63
N PRO D 154 7.97 -32.67 0.55
CA PRO D 154 8.05 -33.68 -0.50
C PRO D 154 7.34 -35.00 -0.13
N VAL D 155 7.29 -35.92 -1.09
CA VAL D 155 7.04 -37.33 -0.88
C VAL D 155 8.25 -38.07 -1.40
N THR D 156 8.56 -39.22 -0.80
CA THR D 156 9.56 -40.12 -1.38
C THR D 156 8.90 -41.36 -1.94
N VAL D 157 9.43 -41.85 -3.05
CA VAL D 157 8.93 -43.06 -3.67
C VAL D 157 10.12 -43.97 -3.92
N SER D 158 10.02 -45.22 -3.50
CA SER D 158 10.97 -46.26 -3.87
C SER D 158 10.17 -47.45 -4.38
N TRP D 159 10.85 -48.31 -5.12
CA TRP D 159 10.25 -49.54 -5.64
C TRP D 159 10.92 -50.74 -5.02
N ASN D 160 10.11 -51.71 -4.57
CA ASN D 160 10.56 -52.93 -3.89
C ASN D 160 11.52 -52.59 -2.75
N SER D 161 11.07 -51.68 -1.88
CA SER D 161 11.83 -51.22 -0.73
C SER D 161 13.22 -50.70 -1.12
N GLY D 162 13.34 -50.17 -2.33
CA GLY D 162 14.59 -49.61 -2.80
C GLY D 162 15.50 -50.58 -3.51
N ALA D 163 15.12 -51.86 -3.60
CA ALA D 163 15.93 -52.81 -4.36
C ALA D 163 15.88 -52.53 -5.86
N LEU D 164 14.75 -52.01 -6.35
CA LEU D 164 14.55 -51.81 -7.78
C LEU D 164 14.80 -50.35 -8.06
N THR D 165 15.99 -50.05 -8.59
CA THR D 165 16.32 -48.72 -9.08
C THR D 165 16.39 -48.60 -10.60
N SER D 166 16.47 -49.71 -11.32
CA SER D 166 16.78 -49.66 -12.73
C SER D 166 15.49 -49.46 -13.51
N GLY D 167 15.49 -48.48 -14.42
CA GLY D 167 14.30 -48.11 -15.16
C GLY D 167 13.28 -47.28 -14.41
N VAL D 168 13.58 -46.84 -13.18
CA VAL D 168 12.66 -46.06 -12.36
C VAL D 168 12.77 -44.59 -12.72
N HIS D 169 11.61 -43.94 -12.93
CA HIS D 169 11.51 -42.48 -13.04
C HIS D 169 10.44 -41.98 -12.06
N THR D 170 10.86 -41.15 -11.11
CA THR D 170 9.90 -40.45 -10.26
C THR D 170 9.85 -38.98 -10.69
N PHE D 171 8.66 -38.51 -11.09
CA PHE D 171 8.51 -37.21 -11.71
C PHE D 171 8.32 -36.11 -10.68
N PRO D 172 8.66 -34.87 -11.03
CA PRO D 172 8.29 -33.75 -10.16
C PRO D 172 6.77 -33.67 -10.01
N ALA D 173 6.35 -33.37 -8.79
CA ALA D 173 4.94 -33.19 -8.51
C ALA D 173 4.40 -31.95 -9.26
N VAL D 174 3.12 -31.99 -9.59
CA VAL D 174 2.43 -30.80 -10.09
C VAL D 174 1.44 -30.38 -9.01
N LEU D 175 1.25 -29.08 -8.88
CA LEU D 175 0.31 -28.54 -7.90
C LEU D 175 -1.04 -28.38 -8.59
N GLN D 176 -2.07 -29.06 -8.11
CA GLN D 176 -3.36 -28.95 -8.78
C GLN D 176 -4.10 -27.69 -8.30
N SER D 177 -5.22 -27.39 -8.96
CA SER D 177 -5.97 -26.18 -8.59
C SER D 177 -6.56 -26.29 -7.18
N SER D 178 -6.69 -27.51 -6.66
CA SER D 178 -7.09 -27.70 -5.27
C SER D 178 -6.06 -27.19 -4.27
N GLY D 179 -4.84 -26.94 -4.69
CA GLY D 179 -3.78 -26.67 -3.74
C GLY D 179 -3.05 -27.90 -3.26
N LEU D 180 -3.39 -29.07 -3.80
CA LEU D 180 -2.75 -30.33 -3.43
C LEU D 180 -1.88 -30.83 -4.59
N TYR D 181 -0.80 -31.52 -4.23
CA TYR D 181 0.14 -32.07 -5.20
C TYR D 181 -0.32 -33.41 -5.76
N SER D 182 0.12 -33.69 -6.98
CA SER D 182 -0.07 -35.00 -7.58
C SER D 182 1.22 -35.36 -8.29
N LEU D 183 1.66 -36.60 -8.10
CA LEU D 183 2.97 -37.04 -8.55
C LEU D 183 2.86 -38.47 -9.07
N SER D 184 3.64 -38.79 -10.10
CA SER D 184 3.71 -40.16 -10.61
C SER D 184 5.12 -40.74 -10.45
N SER D 185 5.19 -42.03 -10.27
CA SER D 185 6.44 -42.75 -10.28
C SER D 185 6.22 -43.98 -11.11
N VAL D 186 7.14 -44.26 -12.04
CA VAL D 186 6.97 -45.34 -12.99
C VAL D 186 8.25 -46.14 -13.04
N VAL D 187 8.14 -47.37 -13.55
CA VAL D 187 9.30 -48.21 -13.81
C VAL D 187 9.04 -48.99 -15.09
N THR D 188 10.06 -49.13 -15.90
CA THR D 188 9.99 -49.86 -17.15
C THR D 188 10.55 -51.26 -16.90
N VAL D 189 9.84 -52.28 -17.37
CA VAL D 189 10.15 -53.64 -16.95
C VAL D 189 9.87 -54.64 -18.07
N PRO D 190 10.51 -55.81 -18.11
CA PRO D 190 10.26 -56.77 -19.18
C PRO D 190 8.81 -57.25 -19.13
N SER D 191 8.17 -57.29 -20.30
CA SER D 191 6.81 -57.81 -20.34
C SER D 191 6.73 -59.23 -19.84
N SER D 192 7.81 -60.02 -20.00
CA SER D 192 7.82 -61.42 -19.57
C SER D 192 7.51 -61.56 -18.08
N SER D 193 8.00 -60.61 -17.28
CA SER D 193 7.95 -60.75 -15.82
C SER D 193 6.59 -60.47 -15.21
N LEU D 194 5.64 -59.96 -16.02
CA LEU D 194 4.42 -59.41 -15.44
C LEU D 194 3.61 -60.44 -14.66
N GLY D 195 3.65 -61.71 -15.07
CA GLY D 195 2.93 -62.72 -14.30
C GLY D 195 3.69 -63.19 -13.07
N THR D 196 5.02 -63.16 -13.12
CA THR D 196 5.85 -63.72 -12.06
C THR D 196 6.25 -62.69 -11.00
N GLN D 197 6.94 -61.62 -11.40
CA GLN D 197 7.60 -60.73 -10.45
C GLN D 197 6.61 -59.79 -9.78
N THR D 198 6.86 -59.51 -8.50
CA THR D 198 6.05 -58.56 -7.76
C THR D 198 6.66 -57.15 -7.82
N TYR D 199 5.79 -56.15 -7.97
CA TYR D 199 6.19 -54.74 -8.04
C TYR D 199 5.41 -53.96 -7.00
N ILE D 200 6.13 -53.35 -6.06
CA ILE D 200 5.54 -52.57 -4.98
C ILE D 200 6.19 -51.21 -4.93
N CYS D 201 5.38 -50.15 -4.99
CA CYS D 201 5.90 -48.81 -4.79
C CYS D 201 5.72 -48.47 -3.32
N ASN D 202 6.77 -47.91 -2.72
CA ASN D 202 6.79 -47.56 -1.31
C ASN D 202 6.75 -46.04 -1.24
N VAL D 203 5.67 -45.50 -0.69
CA VAL D 203 5.43 -44.05 -0.66
C VAL D 203 5.55 -43.56 0.78
N ASN D 204 6.33 -42.50 0.99
CA ASN D 204 6.48 -41.92 2.33
C ASN D 204 6.21 -40.43 2.28
N HIS D 205 5.20 -39.97 3.04
CA HIS D 205 4.95 -38.53 3.21
C HIS D 205 5.16 -38.18 4.69
N LYS D 206 6.32 -37.61 5.00
CA LYS D 206 6.71 -37.37 6.38
C LYS D 206 5.83 -36.34 7.08
N PRO D 207 5.43 -35.23 6.43
CA PRO D 207 4.62 -34.24 7.18
C PRO D 207 3.31 -34.80 7.71
N SER D 208 2.69 -35.78 7.03
CA SER D 208 1.47 -36.41 7.51
C SER D 208 1.73 -37.77 8.17
N ASN D 209 2.99 -38.19 8.30
CA ASN D 209 3.33 -39.57 8.72
C ASN D 209 2.57 -40.62 7.93
N THR D 210 2.48 -40.44 6.62
CA THR D 210 1.86 -41.43 5.75
C THR D 210 2.94 -42.34 5.17
N LYS D 211 2.77 -43.64 5.33
CA LYS D 211 3.61 -44.64 4.69
C LYS D 211 2.68 -45.69 4.09
N VAL D 212 2.76 -45.89 2.79
CA VAL D 212 1.86 -46.81 2.10
C VAL D 212 2.66 -47.54 1.04
N ASP D 213 2.51 -48.87 0.98
CA ASP D 213 2.99 -49.69 -0.11
C ASP D 213 1.80 -50.11 -0.96
N LYS D 214 1.95 -50.02 -2.27
CA LYS D 214 0.93 -50.52 -3.19
C LYS D 214 1.56 -51.51 -4.14
N LYS D 215 1.02 -52.74 -4.15
CA LYS D 215 1.39 -53.68 -5.20
C LYS D 215 0.73 -53.28 -6.50
N VAL D 216 1.49 -53.31 -7.58
CA VAL D 216 0.96 -52.94 -8.89
C VAL D 216 0.96 -54.20 -9.75
N GLU D 217 -0.23 -54.65 -10.14
CA GLU D 217 -0.43 -55.86 -10.93
C GLU D 217 -1.21 -55.54 -12.18
N PRO D 218 -1.09 -56.38 -13.23
CA PRO D 218 -1.86 -56.19 -14.47
C PRO D 218 -3.38 -56.28 -14.27
N ASP E 1 14.78 -1.08 -21.21
CA ASP E 1 15.27 -0.40 -20.01
C ASP E 1 16.41 -1.18 -19.37
N PHE E 2 17.56 -1.22 -20.05
CA PHE E 2 18.71 -2.01 -19.64
C PHE E 2 18.28 -3.47 -19.48
N LEU E 3 17.42 -3.92 -20.38
CA LEU E 3 17.10 -5.33 -20.46
C LEU E 3 18.29 -6.09 -21.03
N MET E 4 18.51 -7.28 -20.50
CA MET E 4 19.57 -8.14 -20.96
C MET E 4 18.93 -9.26 -21.76
N ALA E 5 19.29 -9.36 -23.04
CA ALA E 5 18.79 -10.40 -23.91
C ALA E 5 19.87 -11.47 -23.97
N GLN E 6 19.60 -12.63 -23.37
CA GLN E 6 20.58 -13.69 -23.25
C GLN E 6 20.22 -14.83 -24.19
N THR E 7 21.21 -15.31 -24.93
CA THR E 7 21.03 -16.42 -25.87
C THR E 7 22.22 -17.37 -25.80
N PRO E 8 22.00 -18.67 -26.12
CA PRO E 8 20.66 -19.21 -26.36
C PRO E 8 19.99 -19.59 -25.03
N LEU E 9 18.73 -20.01 -25.10
CA LEU E 9 18.00 -20.45 -23.92
C LEU E 9 18.52 -21.77 -23.40
N SER E 10 18.80 -22.72 -24.28
CA SER E 10 19.45 -23.96 -23.87
C SER E 10 20.61 -24.22 -24.81
N LEU E 11 21.69 -24.73 -24.24
CA LEU E 11 22.93 -24.96 -24.97
C LEU E 11 23.38 -26.40 -24.72
N PRO E 12 22.98 -27.33 -25.58
CA PRO E 12 23.51 -28.69 -25.51
C PRO E 12 24.96 -28.74 -25.95
N VAL E 13 25.79 -29.41 -25.16
CA VAL E 13 27.21 -29.55 -25.48
C VAL E 13 27.67 -30.96 -25.13
N SER E 14 28.79 -31.35 -25.72
CA SER E 14 29.50 -32.54 -25.27
C SER E 14 30.56 -32.11 -24.29
N LEU E 15 30.76 -32.93 -23.27
CA LEU E 15 31.83 -32.68 -22.34
C LEU E 15 33.14 -32.60 -23.10
N GLY E 16 34.00 -31.67 -22.72
CA GLY E 16 35.20 -31.40 -23.48
C GLY E 16 35.04 -30.37 -24.60
N ASP E 17 33.82 -30.11 -25.04
CA ASP E 17 33.68 -29.09 -26.07
C ASP E 17 33.75 -27.69 -25.47
N GLN E 18 33.75 -26.71 -26.36
CA GLN E 18 33.74 -25.31 -25.98
C GLN E 18 32.30 -24.86 -25.93
N ALA E 19 31.99 -23.93 -25.03
CA ALA E 19 30.65 -23.37 -24.91
C ALA E 19 30.73 -21.85 -24.92
N SER E 20 29.76 -21.21 -25.57
CA SER E 20 29.74 -19.75 -25.66
C SER E 20 28.33 -19.25 -25.39
N ILE E 21 28.19 -18.33 -24.44
CA ILE E 21 26.89 -17.78 -24.07
C ILE E 21 26.94 -16.27 -24.24
N SER E 22 25.91 -15.73 -24.86
CA SER E 22 25.90 -14.34 -25.28
C SER E 22 24.84 -13.55 -24.54
N CYS E 23 25.15 -12.30 -24.27
CA CYS E 23 24.22 -11.45 -23.55
C CYS E 23 24.27 -10.06 -24.18
N ARG E 24 23.13 -9.53 -24.59
CA ARG E 24 23.09 -8.26 -25.30
C ARG E 24 22.22 -7.28 -24.53
N SER E 25 22.77 -6.09 -24.26
CA SER E 25 22.02 -5.05 -23.56
C SER E 25 21.41 -4.09 -24.58
N SER E 26 20.19 -3.64 -24.27
CA SER E 26 19.46 -2.75 -25.15
C SER E 26 20.14 -1.40 -25.34
N GLN E 27 21.05 -1.03 -24.43
CA GLN E 27 21.74 0.25 -24.47
C GLN E 27 23.02 0.08 -23.66
N SER E 28 24.00 0.96 -23.88
CA SER E 28 25.29 0.79 -23.21
C SER E 28 25.11 0.75 -21.69
N ILE E 29 25.78 -0.21 -21.07
CA ILE E 29 25.78 -0.37 -19.62
C ILE E 29 27.08 0.08 -18.97
N VAL E 30 27.94 0.78 -19.72
CA VAL E 30 29.12 1.37 -19.11
C VAL E 30 28.68 2.34 -18.03
N TYR E 31 29.24 2.17 -16.83
CA TYR E 31 28.98 3.05 -15.69
C TYR E 31 29.84 4.32 -15.75
N SER E 32 29.41 5.33 -14.99
CA SER E 32 30.06 6.63 -15.08
C SER E 32 31.49 6.65 -14.55
N ASP E 33 31.95 5.58 -13.89
CA ASP E 33 33.36 5.49 -13.51
C ASP E 33 34.23 4.90 -14.61
N GLY E 34 33.64 4.60 -15.77
CA GLY E 34 34.34 3.94 -16.86
C GLY E 34 34.23 2.43 -16.86
N ASN E 35 33.88 1.81 -15.73
CA ASN E 35 33.73 0.36 -15.62
C ASN E 35 32.35 -0.08 -16.10
N THR E 36 32.26 -1.33 -16.51
CA THR E 36 30.99 -1.95 -16.88
C THR E 36 30.70 -3.06 -15.89
N TYR E 37 29.60 -2.94 -15.13
CA TYR E 37 29.36 -3.93 -14.08
C TYR E 37 28.42 -4.97 -14.65
N LEU E 38 29.04 -5.94 -15.32
CA LEU E 38 28.37 -7.03 -16.01
C LEU E 38 28.95 -8.28 -15.40
N GLU E 39 28.09 -9.07 -14.77
CA GLU E 39 28.50 -10.24 -14.03
C GLU E 39 27.85 -11.46 -14.65
N TRP E 40 28.46 -12.63 -14.39
CA TRP E 40 27.92 -13.91 -14.82
C TRP E 40 27.80 -14.79 -13.58
N TYR E 41 26.62 -15.39 -13.39
CA TYR E 41 26.37 -16.31 -12.29
C TYR E 41 25.96 -17.68 -12.84
N LEU E 42 26.31 -18.73 -12.10
CA LEU E 42 25.86 -20.07 -12.39
C LEU E 42 24.97 -20.52 -11.25
N GLN E 43 23.81 -21.07 -11.57
CA GLN E 43 22.98 -21.72 -10.56
C GLN E 43 22.78 -23.17 -10.97
N ARG E 44 23.30 -24.09 -10.16
CA ARG E 44 23.12 -25.53 -10.28
C ARG E 44 21.88 -25.96 -9.52
N PRO E 45 21.27 -27.08 -9.90
CA PRO E 45 20.07 -27.55 -9.20
C PRO E 45 20.33 -27.77 -7.72
N GLY E 46 19.44 -27.24 -6.89
CA GLY E 46 19.57 -27.36 -5.46
C GLY E 46 20.56 -26.41 -4.81
N GLN E 47 21.14 -25.48 -5.55
CA GLN E 47 22.13 -24.58 -4.97
C GLN E 47 21.78 -23.13 -5.22
N SER E 48 22.40 -22.26 -4.42
CA SER E 48 22.33 -20.83 -4.65
C SER E 48 23.10 -20.45 -5.92
N PRO E 49 22.77 -19.31 -6.51
CA PRO E 49 23.60 -18.77 -7.59
C PRO E 49 25.03 -18.54 -7.10
N LYS E 50 25.97 -18.61 -8.03
CA LYS E 50 27.39 -18.60 -7.72
C LYS E 50 28.09 -17.68 -8.72
N LEU E 51 28.92 -16.77 -8.20
CA LEU E 51 29.58 -15.77 -9.03
C LEU E 51 30.75 -16.39 -9.80
N LEU E 52 30.79 -16.13 -11.11
CA LEU E 52 31.87 -16.57 -12.00
C LEU E 52 32.73 -15.39 -12.44
N ILE E 53 32.12 -14.40 -13.09
CA ILE E 53 32.84 -13.29 -13.71
C ILE E 53 32.23 -11.99 -13.22
N TYR E 54 33.07 -10.99 -12.97
CA TYR E 54 32.60 -9.64 -12.68
C TYR E 54 33.34 -8.63 -13.56
N LYS E 55 32.74 -7.45 -13.74
CA LYS E 55 33.30 -6.40 -14.60
C LYS E 55 33.74 -6.96 -15.93
N VAL E 56 32.86 -7.76 -16.52
CA VAL E 56 32.88 -8.32 -17.88
C VAL E 56 33.88 -9.44 -18.10
N SER E 57 35.12 -9.25 -17.62
CA SER E 57 36.23 -10.16 -17.90
C SER E 57 36.95 -10.74 -16.69
N ASN E 58 36.60 -10.37 -15.46
CA ASN E 58 37.41 -10.76 -14.31
C ASN E 58 36.85 -12.00 -13.65
N ARG E 59 37.70 -13.01 -13.49
CA ARG E 59 37.27 -14.25 -12.86
C ARG E 59 37.25 -14.07 -11.35
N PHE E 60 36.14 -14.45 -10.72
CA PHE E 60 36.06 -14.45 -9.27
C PHE E 60 37.08 -15.46 -8.71
N SER E 61 37.65 -15.13 -7.57
CA SER E 61 38.64 -16.02 -6.96
C SER E 61 38.07 -17.44 -6.82
N GLY E 62 38.87 -18.43 -7.25
CA GLY E 62 38.49 -19.83 -7.17
C GLY E 62 37.86 -20.41 -8.44
N VAL E 63 37.40 -19.57 -9.35
CA VAL E 63 36.71 -20.04 -10.56
C VAL E 63 37.74 -20.55 -11.56
N PRO E 64 37.55 -21.74 -12.15
CA PRO E 64 38.58 -22.29 -13.05
C PRO E 64 38.87 -21.41 -14.26
N ASP E 65 40.12 -21.48 -14.71
CA ASP E 65 40.58 -20.71 -15.86
C ASP E 65 39.83 -21.05 -17.15
N ARG E 66 39.13 -22.19 -17.19
CA ARG E 66 38.23 -22.52 -18.31
C ARG E 66 37.21 -21.43 -18.60
N PHE E 67 36.81 -20.66 -17.58
CA PHE E 67 35.80 -19.62 -17.74
C PHE E 67 36.45 -18.29 -18.11
N SER E 68 35.90 -17.64 -19.13
CA SER E 68 36.36 -16.31 -19.45
C SER E 68 35.18 -15.50 -19.97
N GLY E 69 35.33 -14.19 -19.93
CA GLY E 69 34.27 -13.31 -20.39
C GLY E 69 34.88 -12.12 -21.09
N SER E 70 34.09 -11.55 -21.98
CA SER E 70 34.56 -10.50 -22.87
C SER E 70 33.36 -9.71 -23.32
N GLY E 71 33.65 -8.54 -23.86
CA GLY E 71 32.67 -7.72 -24.54
C GLY E 71 32.99 -6.27 -24.28
N SER E 72 32.13 -5.41 -24.82
CA SER E 72 32.07 -4.02 -24.37
C SER E 72 30.75 -3.44 -24.82
N GLY E 73 30.36 -2.32 -24.19
CA GLY E 73 29.17 -1.68 -24.68
C GLY E 73 27.91 -2.48 -24.42
N THR E 74 27.29 -2.95 -25.51
CA THR E 74 26.06 -3.74 -25.42
C THR E 74 26.23 -5.25 -25.62
N ASP E 75 27.42 -5.74 -25.94
CA ASP E 75 27.59 -7.14 -26.33
C ASP E 75 28.62 -7.83 -25.43
N PHE E 76 28.22 -8.96 -24.84
CA PHE E 76 29.04 -9.62 -23.84
C PHE E 76 28.93 -11.12 -24.02
N THR E 77 30.03 -11.82 -23.76
CA THR E 77 30.08 -13.24 -24.02
C THR E 77 30.75 -13.94 -22.86
N LEU E 78 30.15 -15.02 -22.39
CA LEU E 78 30.80 -15.92 -21.45
C LEU E 78 31.24 -17.16 -22.22
N ARG E 79 32.50 -17.56 -22.03
CA ARG E 79 33.09 -18.68 -22.75
C ARG E 79 33.69 -19.67 -21.76
N ILE E 80 33.40 -20.95 -22.02
CA ILE E 80 33.97 -22.08 -21.30
C ILE E 80 34.81 -22.83 -22.30
N SER E 81 36.14 -22.84 -22.10
CA SER E 81 37.02 -23.40 -23.12
C SER E 81 36.80 -24.90 -23.27
N ARG E 82 36.56 -25.61 -22.17
CA ARG E 82 36.29 -27.04 -22.21
C ARG E 82 35.27 -27.37 -21.13
N VAL E 83 34.09 -27.85 -21.52
CA VAL E 83 32.99 -28.04 -20.58
C VAL E 83 33.20 -29.32 -19.76
N GLU E 84 33.02 -29.22 -18.45
CA GLU E 84 33.11 -30.36 -17.56
C GLU E 84 31.77 -30.57 -16.86
N ALA E 85 31.61 -31.77 -16.28
CA ALA E 85 30.30 -32.15 -15.74
C ALA E 85 29.82 -31.18 -14.67
N GLU E 86 30.74 -30.63 -13.88
CA GLU E 86 30.38 -29.70 -12.81
C GLU E 86 29.90 -28.36 -13.35
N ASP E 87 30.01 -28.12 -14.66
CA ASP E 87 29.58 -26.85 -15.25
C ASP E 87 28.11 -26.86 -15.64
N LEU E 88 27.45 -28.00 -15.57
CA LEU E 88 26.07 -28.06 -16.05
C LEU E 88 25.16 -27.34 -15.06
N GLY E 89 24.19 -26.63 -15.59
CA GLY E 89 23.32 -25.76 -14.81
C GLY E 89 22.86 -24.60 -15.68
N ILE E 90 22.33 -23.57 -15.03
CA ILE E 90 21.78 -22.41 -15.74
C ILE E 90 22.66 -21.19 -15.46
N TYR E 91 23.14 -20.55 -16.54
CA TYR E 91 23.98 -19.38 -16.47
C TYR E 91 23.14 -18.13 -16.69
N TYR E 92 23.42 -17.09 -15.93
CA TYR E 92 22.71 -15.82 -16.02
C TYR E 92 23.72 -14.70 -16.11
N CYS E 93 23.59 -13.84 -17.11
CA CYS E 93 24.28 -12.56 -17.04
C CYS E 93 23.48 -11.62 -16.14
N PHE E 94 24.17 -10.64 -15.58
CA PHE E 94 23.55 -9.72 -14.64
C PHE E 94 24.09 -8.33 -14.89
N GLN E 95 23.18 -7.36 -15.01
CA GLN E 95 23.50 -5.98 -15.31
C GLN E 95 23.48 -5.22 -13.99
N GLY E 96 24.65 -4.79 -13.52
CA GLY E 96 24.75 -4.09 -12.25
C GLY E 96 25.14 -2.62 -12.32
N SER E 97 25.03 -2.03 -13.50
CA SER E 97 25.38 -0.63 -13.66
C SER E 97 24.25 0.32 -13.31
N HIS E 98 23.03 -0.01 -13.64
CA HIS E 98 21.95 0.94 -13.50
C HIS E 98 20.76 0.27 -12.83
N VAL E 99 20.22 0.95 -11.82
CA VAL E 99 19.04 0.51 -11.07
C VAL E 99 17.79 0.75 -11.93
N PRO E 100 16.85 -0.22 -11.99
CA PRO E 100 16.94 -1.53 -11.34
C PRO E 100 17.89 -2.47 -12.05
N TYR E 101 18.68 -3.20 -11.26
CA TYR E 101 19.56 -4.21 -11.82
C TYR E 101 18.73 -5.34 -12.42
N THR E 102 19.29 -5.99 -13.45
CA THR E 102 18.53 -6.96 -14.23
C THR E 102 19.40 -8.16 -14.57
N PHE E 103 18.74 -9.31 -14.69
CA PHE E 103 19.36 -10.56 -15.09
C PHE E 103 18.99 -10.86 -16.53
N GLY E 104 19.89 -11.54 -17.24
CA GLY E 104 19.49 -12.20 -18.46
C GLY E 104 18.53 -13.33 -18.16
N GLY E 105 17.86 -13.82 -19.21
CA GLY E 105 16.82 -14.84 -19.05
C GLY E 105 17.34 -16.24 -18.75
N GLY E 106 18.64 -16.45 -18.81
CA GLY E 106 19.20 -17.74 -18.45
C GLY E 106 19.56 -18.59 -19.67
N THR E 107 20.61 -19.40 -19.51
CA THR E 107 21.04 -20.38 -20.52
C THR E 107 21.27 -21.69 -19.79
N LYS E 108 20.47 -22.71 -20.10
CA LYS E 108 20.66 -24.04 -19.52
C LYS E 108 21.74 -24.75 -20.32
N LEU E 109 22.83 -25.09 -19.66
CA LEU E 109 23.88 -25.89 -20.26
C LEU E 109 23.56 -27.34 -19.97
N GLU E 110 23.47 -28.16 -21.02
CA GLU E 110 23.04 -29.55 -20.86
C GLU E 110 23.92 -30.42 -21.75
N ILE E 111 23.78 -31.74 -21.58
CA ILE E 111 24.56 -32.72 -22.33
C ILE E 111 23.86 -33.01 -23.65
N LYS E 112 24.62 -32.90 -24.74
CA LYS E 112 24.13 -33.26 -26.06
C LYS E 112 24.31 -34.75 -26.31
N ARG E 113 23.30 -35.38 -26.92
CA ARG E 113 23.38 -36.78 -27.34
C ARG E 113 22.53 -36.93 -28.60
N THR E 114 22.53 -38.14 -29.15
CA THR E 114 21.72 -38.36 -30.35
C THR E 114 20.23 -38.33 -30.03
N VAL E 115 19.44 -38.02 -31.05
CA VAL E 115 17.98 -38.05 -30.95
C VAL E 115 17.53 -39.43 -30.53
N ALA E 116 16.61 -39.49 -29.57
CA ALA E 116 16.04 -40.76 -29.13
C ALA E 116 14.54 -40.57 -28.96
N ALA E 117 13.76 -41.40 -29.64
CA ALA E 117 12.32 -41.29 -29.57
C ALA E 117 11.82 -41.80 -28.23
N PRO E 118 10.71 -41.27 -27.73
CA PRO E 118 10.13 -41.79 -26.49
C PRO E 118 9.44 -43.13 -26.71
N SER E 119 9.48 -43.99 -25.69
CA SER E 119 8.53 -45.11 -25.58
C SER E 119 7.30 -44.59 -24.86
N VAL E 120 6.13 -44.82 -25.42
CA VAL E 120 4.90 -44.19 -24.93
C VAL E 120 3.99 -45.24 -24.31
N PHE E 121 3.40 -44.88 -23.16
CA PHE E 121 2.49 -45.76 -22.43
C PHE E 121 1.34 -44.94 -21.87
N ILE E 122 0.13 -45.50 -21.91
CA ILE E 122 -1.06 -44.85 -21.37
C ILE E 122 -1.65 -45.73 -20.29
N PHE E 123 -2.07 -45.11 -19.18
CA PHE E 123 -2.63 -45.81 -18.03
C PHE E 123 -4.05 -45.36 -17.75
N PRO E 124 -5.04 -46.25 -17.75
CA PRO E 124 -6.39 -45.87 -17.30
C PRO E 124 -6.39 -45.51 -15.82
N PRO E 125 -7.41 -44.83 -15.35
CA PRO E 125 -7.55 -44.65 -13.90
C PRO E 125 -7.86 -45.98 -13.22
N SER E 126 -7.34 -46.16 -12.02
CA SER E 126 -7.60 -47.36 -11.26
C SER E 126 -9.05 -47.40 -10.79
N ASP E 127 -9.56 -48.63 -10.54
CA ASP E 127 -10.89 -48.76 -9.96
C ASP E 127 -10.94 -48.15 -8.58
N GLU E 128 -9.85 -48.26 -7.80
CA GLU E 128 -9.79 -47.62 -6.50
C GLU E 128 -10.07 -46.12 -6.59
N GLN E 129 -9.41 -45.43 -7.51
CA GLN E 129 -9.61 -44.00 -7.60
C GLN E 129 -11.03 -43.66 -8.05
N LEU E 130 -11.59 -44.43 -8.97
CA LEU E 130 -12.94 -44.11 -9.43
C LEU E 130 -13.98 -44.23 -8.31
N LYS E 131 -13.71 -44.96 -7.23
CA LYS E 131 -14.65 -44.92 -6.12
C LYS E 131 -14.75 -43.54 -5.50
N SER E 132 -13.73 -42.70 -5.67
CA SER E 132 -13.65 -41.42 -4.99
C SER E 132 -14.18 -40.26 -5.82
N GLY E 133 -14.64 -40.50 -7.06
CA GLY E 133 -15.25 -39.47 -7.86
C GLY E 133 -14.37 -38.81 -8.91
N THR E 134 -13.07 -39.06 -8.92
CA THR E 134 -12.21 -38.48 -9.94
C THR E 134 -11.55 -39.60 -10.74
N ALA E 135 -11.21 -39.28 -11.98
CA ALA E 135 -10.45 -40.17 -12.85
C ALA E 135 -9.20 -39.44 -13.31
N SER E 136 -8.04 -40.06 -13.13
CA SER E 136 -6.78 -39.55 -13.65
C SER E 136 -6.33 -40.52 -14.74
N VAL E 137 -6.10 -40.01 -15.95
CA VAL E 137 -5.54 -40.79 -17.04
C VAL E 137 -4.10 -40.33 -17.20
N VAL E 138 -3.17 -41.27 -17.30
CA VAL E 138 -1.74 -40.94 -17.31
C VAL E 138 -1.11 -41.42 -18.60
N CYS E 139 -0.31 -40.54 -19.20
CA CYS E 139 0.50 -40.86 -20.37
C CYS E 139 1.97 -40.65 -20.01
N LEU E 140 2.78 -41.68 -20.22
CA LEU E 140 4.20 -41.69 -19.91
C LEU E 140 5.01 -41.65 -21.21
N LEU E 141 5.99 -40.73 -21.28
CA LEU E 141 6.96 -40.65 -22.37
C LEU E 141 8.32 -40.94 -21.74
N ASN E 142 8.94 -42.06 -22.12
CA ASN E 142 10.10 -42.57 -21.41
C ASN E 142 11.37 -42.47 -22.25
N ASN E 143 12.39 -41.80 -21.71
CA ASN E 143 13.76 -41.84 -22.24
C ASN E 143 13.84 -41.31 -23.67
N PHE E 144 13.61 -40.01 -23.81
CA PHE E 144 13.68 -39.40 -25.12
C PHE E 144 14.70 -38.26 -25.11
N TYR E 145 15.18 -37.92 -26.31
CA TYR E 145 16.02 -36.73 -26.48
C TYR E 145 15.79 -36.18 -27.88
N PRO E 146 15.76 -34.83 -28.04
CA PRO E 146 15.89 -33.81 -27.00
C PRO E 146 14.63 -33.56 -26.17
N ARG E 147 14.72 -32.55 -25.30
CA ARG E 147 13.70 -32.32 -24.27
C ARG E 147 12.32 -32.00 -24.85
N GLU E 148 12.27 -31.29 -25.97
CA GLU E 148 10.98 -30.77 -26.44
C GLU E 148 10.12 -31.94 -26.93
N ALA E 149 8.94 -32.10 -26.32
CA ALA E 149 8.03 -33.19 -26.64
C ALA E 149 6.62 -32.70 -26.41
N LYS E 150 5.66 -33.25 -27.15
CA LYS E 150 4.30 -32.74 -27.05
C LYS E 150 3.29 -33.86 -26.91
N VAL E 151 2.36 -33.67 -25.98
CA VAL E 151 1.33 -34.64 -25.64
C VAL E 151 -0.01 -34.00 -25.97
N GLN E 152 -0.82 -34.71 -26.74
CA GLN E 152 -2.15 -34.23 -27.05
C GLN E 152 -3.13 -35.29 -26.61
N TRP E 153 -3.99 -34.94 -25.66
CA TRP E 153 -5.00 -35.86 -25.16
C TRP E 153 -6.23 -35.80 -26.06
N LYS E 154 -6.84 -36.96 -26.27
CA LYS E 154 -8.08 -37.03 -27.01
C LYS E 154 -9.05 -37.98 -26.31
N VAL E 155 -10.32 -37.60 -26.28
CA VAL E 155 -11.39 -38.37 -25.65
C VAL E 155 -12.47 -38.57 -26.71
N ASP E 156 -12.73 -39.82 -27.09
CA ASP E 156 -13.63 -40.12 -28.21
C ASP E 156 -13.24 -39.28 -29.44
N ASN E 157 -11.95 -39.22 -29.73
CA ASN E 157 -11.36 -38.49 -30.86
C ASN E 157 -11.41 -36.97 -30.72
N ALA E 158 -12.01 -36.43 -29.65
CA ALA E 158 -12.06 -34.98 -29.44
C ALA E 158 -10.82 -34.50 -28.71
N LEU E 159 -10.13 -33.51 -29.29
CA LEU E 159 -8.94 -32.94 -28.66
C LEU E 159 -9.32 -32.24 -27.36
N GLN E 160 -8.52 -32.45 -26.32
CA GLN E 160 -8.71 -31.86 -25.00
C GLN E 160 -7.79 -30.68 -24.79
N SER E 161 -8.26 -29.68 -24.04
CA SER E 161 -7.35 -28.62 -23.64
C SER E 161 -7.72 -28.10 -22.26
N GLY E 162 -6.71 -27.68 -21.51
CA GLY E 162 -6.92 -27.10 -20.21
C GLY E 162 -7.15 -28.07 -19.07
N ASN E 163 -7.38 -29.36 -19.37
CA ASN E 163 -7.61 -30.34 -18.32
C ASN E 163 -6.41 -31.26 -18.03
N SER E 164 -5.20 -30.94 -18.49
CA SER E 164 -4.05 -31.81 -18.23
C SER E 164 -2.92 -31.03 -17.57
N GLN E 165 -2.06 -31.76 -16.87
CA GLN E 165 -0.79 -31.22 -16.39
C GLN E 165 0.32 -32.24 -16.63
N GLU E 166 1.54 -31.74 -16.76
CA GLU E 166 2.68 -32.61 -17.02
C GLU E 166 3.89 -32.11 -16.27
N SER E 167 4.87 -33.01 -16.11
CA SER E 167 6.19 -32.61 -15.63
C SER E 167 7.23 -33.50 -16.28
N VAL E 168 8.49 -33.03 -16.23
CA VAL E 168 9.59 -33.64 -16.96
C VAL E 168 10.74 -33.87 -15.99
N THR E 169 11.36 -35.05 -16.06
CA THR E 169 12.51 -35.31 -15.23
C THR E 169 13.70 -34.46 -15.67
N GLU E 170 14.71 -34.43 -14.80
CA GLU E 170 15.99 -33.86 -15.17
C GLU E 170 16.74 -34.87 -16.03
N GLN E 171 17.72 -34.36 -16.78
CA GLN E 171 18.46 -35.18 -17.73
C GLN E 171 19.09 -36.37 -17.01
N ASP E 172 18.89 -37.56 -17.55
CA ASP E 172 19.38 -38.76 -16.88
C ASP E 172 20.92 -38.78 -16.86
N SER E 173 21.48 -39.16 -15.70
CA SER E 173 22.92 -39.10 -15.51
C SER E 173 23.66 -40.16 -16.33
N LYS E 174 22.99 -41.22 -16.72
CA LYS E 174 23.59 -42.31 -17.49
C LYS E 174 23.40 -42.11 -18.99
N ASP E 175 22.15 -42.09 -19.46
CA ASP E 175 21.88 -42.01 -20.89
C ASP E 175 21.51 -40.61 -21.40
N SER E 176 21.51 -39.59 -20.54
CA SER E 176 21.26 -38.20 -20.92
C SER E 176 19.91 -37.99 -21.60
N THR E 177 18.92 -38.83 -21.30
CA THR E 177 17.59 -38.64 -21.87
C THR E 177 16.71 -37.90 -20.85
N TYR E 178 15.50 -37.60 -21.29
CA TYR E 178 14.47 -37.01 -20.46
C TYR E 178 13.29 -37.98 -20.46
N SER E 179 12.44 -37.86 -19.46
CA SER E 179 11.15 -38.56 -19.48
C SER E 179 10.06 -37.60 -19.06
N LEU E 180 8.84 -37.87 -19.51
CA LEU E 180 7.76 -36.94 -19.25
C LEU E 180 6.52 -37.69 -18.80
N SER E 181 5.81 -37.12 -17.83
CA SER E 181 4.55 -37.68 -17.35
C SER E 181 3.45 -36.65 -17.54
N SER E 182 2.35 -37.05 -18.17
CA SER E 182 1.19 -36.17 -18.35
C SER E 182 -0.05 -36.82 -17.75
N THR E 183 -0.80 -36.03 -16.98
CA THR E 183 -2.03 -36.49 -16.33
C THR E 183 -3.23 -35.71 -16.88
N LEU E 184 -4.21 -36.45 -17.39
CA LEU E 184 -5.50 -35.89 -17.78
C LEU E 184 -6.49 -36.10 -16.64
N THR E 185 -7.11 -35.03 -16.16
CA THR E 185 -8.01 -35.17 -15.02
C THR E 185 -9.44 -34.92 -15.48
N LEU E 186 -10.31 -35.86 -15.18
CA LEU E 186 -11.73 -35.80 -15.51
C LEU E 186 -12.52 -36.18 -14.28
N SER E 187 -13.76 -35.69 -14.20
CA SER E 187 -14.67 -36.22 -13.20
C SER E 187 -15.01 -37.65 -13.55
N LYS E 188 -15.34 -38.43 -12.52
CA LYS E 188 -15.72 -39.83 -12.77
C LYS E 188 -16.90 -39.89 -13.73
N ALA E 189 -17.88 -39.00 -13.55
CA ALA E 189 -19.05 -39.02 -14.42
C ALA E 189 -18.66 -38.71 -15.86
N ASP E 190 -17.74 -37.76 -16.06
CA ASP E 190 -17.25 -37.50 -17.41
C ASP E 190 -16.50 -38.70 -17.96
N TYR E 191 -15.63 -39.30 -17.16
CA TYR E 191 -14.88 -40.47 -17.63
C TYR E 191 -15.83 -41.57 -18.05
N GLU E 192 -16.92 -41.76 -17.30
CA GLU E 192 -17.86 -42.83 -17.65
C GLU E 192 -18.69 -42.51 -18.88
N LYS E 193 -18.77 -41.23 -19.29
CA LYS E 193 -19.51 -40.87 -20.50
C LYS E 193 -18.79 -41.27 -21.79
N HIS E 194 -17.52 -41.67 -21.75
CA HIS E 194 -16.75 -41.77 -22.97
C HIS E 194 -16.02 -43.10 -23.03
N LYS E 195 -15.61 -43.48 -24.23
CA LYS E 195 -15.04 -44.80 -24.52
C LYS E 195 -13.54 -44.76 -24.80
N VAL E 196 -13.11 -43.98 -25.80
CA VAL E 196 -11.74 -44.03 -26.30
C VAL E 196 -10.90 -42.94 -25.64
N TYR E 197 -9.83 -43.36 -24.98
CA TYR E 197 -8.90 -42.43 -24.34
C TYR E 197 -7.55 -42.60 -25.02
N ALA E 198 -6.97 -41.49 -25.49
CA ALA E 198 -5.75 -41.54 -26.29
C ALA E 198 -4.84 -40.37 -25.97
N CYS E 199 -3.53 -40.61 -26.01
CA CYS E 199 -2.54 -39.55 -25.97
C CYS E 199 -1.68 -39.69 -27.21
N GLU E 200 -1.51 -38.59 -27.92
CA GLU E 200 -0.75 -38.56 -29.16
C GLU E 200 0.51 -37.76 -28.92
N VAL E 201 1.64 -38.34 -29.27
CA VAL E 201 2.93 -37.79 -28.88
C VAL E 201 3.67 -37.36 -30.13
N THR E 202 4.17 -36.12 -30.11
CA THR E 202 5.02 -35.56 -31.17
C THR E 202 6.44 -35.42 -30.63
N HIS E 203 7.41 -35.95 -31.37
CA HIS E 203 8.79 -35.80 -30.95
C HIS E 203 9.67 -35.94 -32.19
N GLN E 204 10.80 -35.22 -32.19
CA GLN E 204 11.72 -35.27 -33.33
C GLN E 204 12.19 -36.69 -33.62
N GLY E 205 12.23 -37.56 -32.61
CA GLY E 205 12.65 -38.92 -32.85
C GLY E 205 11.60 -39.82 -33.47
N LEU E 206 10.36 -39.34 -33.57
CA LEU E 206 9.29 -40.11 -34.16
C LEU E 206 9.05 -39.60 -35.58
N SER E 207 9.04 -40.53 -36.53
CA SER E 207 8.78 -40.22 -37.92
C SER E 207 7.40 -39.58 -38.12
N SER E 208 6.39 -40.03 -37.38
CA SER E 208 5.11 -39.36 -37.35
C SER E 208 4.55 -39.49 -35.93
N PRO E 209 3.59 -38.66 -35.55
CA PRO E 209 3.11 -38.68 -34.17
C PRO E 209 2.51 -40.04 -33.80
N VAL E 210 2.81 -40.47 -32.56
CA VAL E 210 2.41 -41.78 -32.07
C VAL E 210 1.24 -41.64 -31.11
N THR E 211 0.22 -42.47 -31.30
CA THR E 211 -0.97 -42.48 -30.45
C THR E 211 -1.03 -43.79 -29.68
N LYS E 212 -1.20 -43.69 -28.37
CA LYS E 212 -1.49 -44.84 -27.52
C LYS E 212 -2.87 -44.63 -26.92
N SER E 213 -3.68 -45.69 -26.89
CA SER E 213 -5.07 -45.52 -26.49
C SER E 213 -5.54 -46.77 -25.75
N PHE E 214 -6.66 -46.61 -25.03
CA PHE E 214 -7.40 -47.74 -24.48
C PHE E 214 -8.89 -47.41 -24.58
N ASN E 215 -9.71 -48.45 -24.52
CA ASN E 215 -11.15 -48.30 -24.47
C ASN E 215 -11.61 -48.58 -23.05
N ARG E 216 -12.33 -47.65 -22.44
CA ARG E 216 -12.80 -47.82 -21.07
C ARG E 216 -13.64 -49.08 -20.99
N GLY E 217 -13.37 -49.89 -19.96
CA GLY E 217 -13.97 -51.20 -19.83
C GLY E 217 -13.23 -52.29 -20.56
N GLU E 218 -12.05 -51.99 -21.11
CA GLU E 218 -11.24 -52.83 -21.99
C GLU E 218 -11.95 -53.12 -23.31
N CYS E 219 -13.18 -52.65 -23.49
CA CYS E 219 -13.92 -52.71 -24.77
C CYS E 219 -13.05 -52.28 -25.95
N ALA F 1 27.87 -5.32 -8.74
CA ALA F 1 27.08 -4.15 -9.10
C ALA F 1 27.63 -2.92 -8.40
N VAL F 2 27.18 -1.75 -8.87
CA VAL F 2 27.56 -0.47 -8.25
C VAL F 2 27.05 -0.41 -6.81
N GLY F 3 25.78 -0.76 -6.62
CA GLY F 3 25.06 -0.67 -5.35
C GLY F 3 24.11 0.51 -5.36
N ILE F 4 23.00 0.37 -4.64
CA ILE F 4 21.99 1.43 -4.71
C ILE F 4 22.37 2.64 -3.88
N GLY F 5 23.24 2.46 -2.88
CA GLY F 5 23.63 3.56 -2.01
C GLY F 5 24.97 4.16 -2.36
N ALA F 6 25.57 3.73 -3.47
CA ALA F 6 26.83 4.32 -3.88
C ALA F 6 26.57 5.74 -4.36
N VAL F 7 27.45 6.65 -4.03
CA VAL F 7 27.35 8.00 -4.56
C VAL F 7 28.69 8.34 -5.21
N PHE F 8 28.61 8.72 -6.48
CA PHE F 8 29.78 8.95 -7.32
C PHE F 8 30.50 10.22 -6.89
N GLN G 1 8.70 -21.75 30.98
CA GLN G 1 8.10 -20.50 31.42
C GLN G 1 7.55 -19.72 30.24
N VAL G 2 6.30 -19.27 30.39
CA VAL G 2 5.55 -18.66 29.29
C VAL G 2 6.02 -17.22 29.11
N GLN G 3 6.51 -16.89 27.92
CA GLN G 3 7.02 -15.54 27.72
C GLN G 3 6.93 -15.13 26.25
N LEU G 4 6.87 -13.82 26.03
CA LEU G 4 6.98 -13.21 24.72
C LEU G 4 8.24 -12.35 24.72
N GLN G 5 9.19 -12.71 23.86
CA GLN G 5 10.49 -12.06 23.80
C GLN G 5 10.50 -11.05 22.65
N GLN G 6 10.53 -9.75 22.98
CA GLN G 6 10.50 -8.68 21.99
C GLN G 6 11.91 -8.21 21.66
N SER G 7 12.10 -7.78 20.42
CA SER G 7 13.39 -7.30 19.94
C SER G 7 13.77 -5.98 20.60
N GLY G 8 15.08 -5.63 20.48
CA GLY G 8 15.62 -4.52 21.22
C GLY G 8 15.26 -3.15 20.66
N THR G 9 15.67 -2.13 21.43
CA THR G 9 15.38 -0.73 21.09
C THR G 9 15.81 -0.39 19.67
N GLU G 10 14.98 0.39 18.97
CA GLU G 10 15.25 0.78 17.60
C GLU G 10 15.49 2.27 17.52
N LEU G 11 16.70 2.66 17.09
CA LEU G 11 17.05 4.04 16.78
C LEU G 11 17.05 4.20 15.27
N VAL G 12 16.03 4.86 14.74
CA VAL G 12 15.76 4.82 13.31
C VAL G 12 15.51 6.21 12.77
N TRP G 13 15.90 6.42 11.50
CA TRP G 13 15.78 7.69 10.83
C TRP G 13 14.37 7.92 10.31
N PRO G 14 13.93 9.18 10.26
CA PRO G 14 12.60 9.45 9.70
C PRO G 14 12.51 8.94 8.26
N GLY G 15 11.32 8.46 7.90
CA GLY G 15 11.07 7.97 6.56
C GLY G 15 11.46 6.54 6.29
N THR G 16 12.28 5.92 7.15
CA THR G 16 12.63 4.52 6.96
C THR G 16 11.53 3.62 7.54
N SER G 17 11.73 2.31 7.43
CA SER G 17 10.82 1.33 7.99
C SER G 17 11.60 0.40 8.90
N VAL G 18 10.90 -0.26 9.81
CA VAL G 18 11.57 -1.06 10.82
C VAL G 18 10.74 -2.32 11.06
N THR G 19 11.41 -3.41 11.44
CA THR G 19 10.74 -4.65 11.78
C THR G 19 10.87 -4.92 13.27
N LEU G 20 9.74 -5.13 13.94
CA LEU G 20 9.71 -5.52 15.33
C LEU G 20 9.36 -6.99 15.41
N SER G 21 10.00 -7.72 16.32
CA SER G 21 9.76 -9.15 16.45
C SER G 21 9.27 -9.50 17.86
N CYS G 22 8.42 -10.52 17.92
CA CYS G 22 7.85 -10.99 19.19
C CYS G 22 7.92 -12.52 19.15
N LYS G 23 8.78 -13.11 19.98
CA LYS G 23 9.04 -14.54 19.91
C LYS G 23 8.35 -15.25 21.07
N ALA G 24 7.50 -16.22 20.74
CA ALA G 24 6.77 -16.96 21.76
C ALA G 24 7.65 -18.05 22.34
N SER G 25 7.57 -18.22 23.67
CA SER G 25 8.42 -19.19 24.34
C SER G 25 7.63 -19.86 25.45
N GLY G 26 7.72 -21.18 25.54
CA GLY G 26 7.10 -21.89 26.65
C GLY G 26 5.61 -22.16 26.51
N TYR G 27 5.03 -21.94 25.33
CA TYR G 27 3.64 -22.28 25.09
C TYR G 27 3.47 -22.53 23.59
N THR G 28 2.25 -22.89 23.19
CA THR G 28 2.00 -23.24 21.81
C THR G 28 1.60 -22.00 21.04
N PHE G 29 2.49 -21.55 20.16
CA PHE G 29 2.30 -20.29 19.42
C PHE G 29 0.97 -20.25 18.71
N THR G 30 0.57 -21.36 18.07
CA THR G 30 -0.62 -21.32 17.24
C THR G 30 -1.92 -21.45 18.01
N ASP G 31 -1.87 -21.62 19.33
CA ASP G 31 -3.09 -21.66 20.11
C ASP G 31 -3.57 -20.28 20.55
N TYR G 32 -2.81 -19.21 20.27
CA TYR G 32 -3.14 -17.88 20.76
C TYR G 32 -2.97 -16.86 19.64
N GLU G 33 -3.85 -15.85 19.62
CA GLU G 33 -3.64 -14.68 18.79
C GLU G 33 -2.53 -13.82 19.37
N ILE G 34 -1.92 -12.99 18.53
CA ILE G 34 -0.95 -12.01 18.96
C ILE G 34 -1.53 -10.64 18.65
N HIS G 35 -1.62 -9.79 19.67
CA HIS G 35 -2.14 -8.45 19.54
C HIS G 35 -1.03 -7.46 19.83
N TRP G 36 -1.05 -6.33 19.12
CA TRP G 36 -0.01 -5.32 19.26
C TRP G 36 -0.60 -4.03 19.80
N VAL G 37 0.12 -3.39 20.72
CA VAL G 37 -0.38 -2.23 21.43
C VAL G 37 0.70 -1.15 21.44
N LYS G 38 0.31 0.09 21.17
CA LYS G 38 1.22 1.21 21.17
C LYS G 38 1.04 2.04 22.44
N GLN G 39 2.14 2.42 23.07
CA GLN G 39 2.11 3.16 24.32
C GLN G 39 2.92 4.44 24.15
N THR G 40 2.29 5.57 24.40
CA THR G 40 2.92 6.88 24.34
C THR G 40 2.46 7.69 25.53
N PRO G 41 3.16 8.77 25.89
CA PRO G 41 2.58 9.70 26.88
C PRO G 41 1.26 10.33 26.45
N VAL G 42 1.13 10.73 25.17
CA VAL G 42 -0.01 11.55 24.76
C VAL G 42 -1.29 10.74 24.52
N HIS G 43 -1.21 9.58 23.88
CA HIS G 43 -2.39 8.80 23.53
C HIS G 43 -2.67 7.61 24.47
N GLY G 44 -1.88 7.41 25.51
CA GLY G 44 -2.04 6.24 26.36
C GLY G 44 -1.76 4.96 25.60
N LEU G 45 -2.60 3.95 25.84
CA LEU G 45 -2.48 2.67 25.13
C LEU G 45 -3.44 2.69 23.96
N GLU G 46 -2.98 2.17 22.82
CA GLU G 46 -3.76 2.08 21.60
C GLU G 46 -3.62 0.67 21.05
N TRP G 47 -4.74 0.07 20.66
CA TRP G 47 -4.73 -1.25 20.05
C TRP G 47 -4.43 -1.06 18.57
N ILE G 48 -3.32 -1.65 18.12
CA ILE G 48 -2.91 -1.53 16.72
C ILE G 48 -3.65 -2.53 15.85
N GLY G 49 -3.73 -3.77 16.30
CA GLY G 49 -4.24 -4.83 15.46
C GLY G 49 -3.81 -6.17 15.99
N ALA G 50 -4.17 -7.22 15.25
CA ALA G 50 -3.88 -8.55 15.72
C ALA G 50 -3.74 -9.51 14.56
N ILE G 51 -3.11 -10.64 14.85
CA ILE G 51 -2.99 -11.71 13.86
C ILE G 51 -3.32 -13.04 14.53
N VAL G 52 -3.94 -13.92 13.76
CA VAL G 52 -4.17 -15.30 14.16
C VAL G 52 -3.05 -16.14 13.55
N PRO G 53 -2.07 -16.58 14.33
CA PRO G 53 -0.94 -17.30 13.75
C PRO G 53 -1.36 -18.54 12.97
N LYS G 54 -2.44 -19.21 13.37
CA LYS G 54 -2.82 -20.43 12.68
C LYS G 54 -3.25 -20.16 11.24
N THR G 55 -4.08 -19.13 11.03
CA THR G 55 -4.62 -18.82 9.70
C THR G 55 -3.95 -17.67 8.98
N GLY G 56 -3.06 -16.93 9.63
CA GLY G 56 -2.58 -15.68 9.04
C GLY G 56 -3.61 -14.56 8.92
N TYR G 57 -4.82 -14.74 9.45
CA TYR G 57 -5.85 -13.70 9.38
C TYR G 57 -5.46 -12.50 10.27
N THR G 58 -5.66 -11.29 9.73
CA THR G 58 -5.30 -10.06 10.44
C THR G 58 -6.49 -9.12 10.52
N ALA G 59 -6.46 -8.25 11.54
CA ALA G 59 -7.42 -7.16 11.65
C ALA G 59 -6.66 -5.97 12.18
N TYR G 60 -6.99 -4.78 11.70
CA TYR G 60 -6.27 -3.58 12.06
C TYR G 60 -7.21 -2.50 12.57
N ASN G 61 -6.76 -1.78 13.57
CA ASN G 61 -7.31 -0.46 13.83
C ASN G 61 -7.08 0.40 12.60
N GLN G 62 -8.16 0.97 12.06
CA GLN G 62 -8.08 1.67 10.78
C GLN G 62 -7.04 2.78 10.84
N LYS G 63 -6.86 3.40 12.01
CA LYS G 63 -5.85 4.43 12.19
C LYS G 63 -4.44 3.95 11.82
N PHE G 64 -4.14 2.67 12.01
CA PHE G 64 -2.80 2.16 11.72
C PHE G 64 -2.69 1.43 10.39
N ARG G 65 -3.77 1.35 9.63
CA ARG G 65 -3.69 0.64 8.36
C ARG G 65 -2.75 1.40 7.44
N GLY G 66 -1.80 0.68 6.83
CA GLY G 66 -0.78 1.30 6.03
C GLY G 66 0.46 1.70 6.82
N LYS G 67 0.33 1.91 8.12
CA LYS G 67 1.46 2.15 9.01
C LYS G 67 2.07 0.85 9.53
N ALA G 68 1.23 -0.10 9.93
CA ALA G 68 1.66 -1.34 10.55
C ALA G 68 1.29 -2.50 9.64
N ILE G 69 2.20 -3.46 9.49
CA ILE G 69 1.91 -4.71 8.78
C ILE G 69 2.28 -5.85 9.69
N LEU G 70 1.31 -6.72 10.01
CA LEU G 70 1.52 -7.80 10.96
C LEU G 70 1.67 -9.12 10.22
N THR G 71 2.67 -9.91 10.63
CA THR G 71 2.84 -11.27 10.14
C THR G 71 3.13 -12.17 11.33
N ALA G 72 3.03 -13.47 11.10
CA ALA G 72 3.35 -14.47 12.10
C ALA G 72 4.09 -15.60 11.41
N ASP G 73 5.19 -16.03 11.98
CA ASP G 73 5.96 -17.12 11.39
C ASP G 73 5.79 -18.34 12.27
N LYS G 74 5.03 -19.33 11.79
CA LYS G 74 4.73 -20.50 12.61
C LYS G 74 5.99 -21.29 12.95
N SER G 75 6.88 -21.49 11.96
CA SER G 75 8.00 -22.39 12.17
C SER G 75 8.94 -21.85 13.24
N SER G 76 9.07 -20.54 13.37
CA SER G 76 9.89 -19.91 14.39
C SER G 76 9.09 -19.41 15.59
N SER G 77 7.77 -19.64 15.62
CA SER G 77 6.91 -19.15 16.71
C SER G 77 7.14 -17.67 16.98
N THR G 78 7.23 -16.87 15.91
CA THR G 78 7.55 -15.45 16.01
C THR G 78 6.52 -14.62 15.25
N ALA G 79 6.02 -13.56 15.89
CA ALA G 79 5.15 -12.58 15.24
C ALA G 79 5.95 -11.32 14.91
N TYR G 80 5.65 -10.70 13.78
CA TYR G 80 6.37 -9.51 13.35
C TYR G 80 5.42 -8.34 13.13
N MET G 81 5.93 -7.13 13.39
CA MET G 81 5.25 -5.91 12.97
C MET G 81 6.23 -5.01 12.24
N ASP G 82 5.93 -4.73 10.98
CA ASP G 82 6.62 -3.69 10.24
C ASP G 82 5.94 -2.37 10.51
N LEU G 83 6.71 -1.37 10.87
CA LEU G 83 6.23 0.00 10.92
C LEU G 83 6.85 0.76 9.75
N ARG G 84 6.01 1.39 8.93
CA ARG G 84 6.43 1.98 7.66
C ARG G 84 6.48 3.50 7.69
N ARG G 85 7.44 4.05 6.94
CA ARG G 85 7.54 5.49 6.69
C ARG G 85 7.47 6.27 8.00
N LEU G 86 8.47 6.03 8.84
CA LEU G 86 8.43 6.47 10.22
C LEU G 86 8.49 7.98 10.34
N THR G 87 7.67 8.52 11.25
CA THR G 87 7.74 9.92 11.63
C THR G 87 7.87 9.98 13.15
N SER G 88 7.96 11.20 13.65
CA SER G 88 8.10 11.39 15.09
C SER G 88 6.89 10.86 15.86
N GLU G 89 5.72 10.87 15.26
CA GLU G 89 4.54 10.32 15.93
C GLU G 89 4.63 8.82 16.13
N ASP G 90 5.53 8.12 15.43
CA ASP G 90 5.66 6.68 15.64
C ASP G 90 6.60 6.33 16.80
N SER G 91 7.32 7.30 17.35
CA SER G 91 8.18 7.01 18.50
C SER G 91 7.32 6.64 19.69
N ALA G 92 7.62 5.49 20.30
CA ALA G 92 6.75 4.91 21.32
C ALA G 92 7.32 3.60 21.87
N VAL G 93 6.62 3.02 22.84
CA VAL G 93 6.87 1.64 23.24
C VAL G 93 5.79 0.78 22.61
N TYR G 94 6.19 -0.29 21.94
CA TYR G 94 5.26 -1.20 21.29
C TYR G 94 5.30 -2.53 22.02
N TYR G 95 4.14 -3.00 22.44
CA TYR G 95 4.02 -4.27 23.14
C TYR G 95 3.33 -5.30 22.25
N CYS G 96 3.73 -6.55 22.38
CA CYS G 96 2.90 -7.64 21.89
C CYS G 96 2.33 -8.38 23.08
N THR G 97 1.15 -8.98 22.89
CA THR G 97 0.53 -9.75 23.96
C THR G 97 -0.28 -10.85 23.31
N ARG G 98 -0.58 -11.91 24.07
CA ARG G 98 -1.22 -13.10 23.51
C ARG G 98 -2.68 -13.15 23.93
N LEU G 99 -3.52 -13.78 23.09
CA LEU G 99 -4.94 -13.89 23.42
C LEU G 99 -5.48 -15.25 23.00
N ARG G 100 -6.00 -15.98 23.97
CA ARG G 100 -6.85 -17.11 23.67
C ARG G 100 -8.28 -16.58 23.57
N ASN G 101 -9.01 -16.99 22.53
CA ASN G 101 -10.34 -16.48 22.28
C ASN G 101 -11.22 -16.59 23.53
N TYR G 102 -11.90 -15.49 23.86
CA TYR G 102 -12.80 -15.32 25.01
C TYR G 102 -12.07 -15.21 26.35
N TRP G 103 -10.75 -15.29 26.37
CA TRP G 103 -9.91 -15.04 27.54
C TRP G 103 -9.44 -13.58 27.50
N TYR G 104 -8.18 -13.32 27.82
CA TYR G 104 -7.70 -11.97 28.07
C TYR G 104 -6.21 -11.89 27.78
N PHE G 105 -5.63 -10.69 27.88
CA PHE G 105 -4.20 -10.54 27.62
C PHE G 105 -3.49 -10.86 28.94
N ASP G 106 -3.07 -12.12 29.11
CA ASP G 106 -2.40 -12.51 30.35
C ASP G 106 -0.90 -12.27 30.28
N VAL G 107 -0.26 -12.58 29.14
CA VAL G 107 1.18 -12.48 29.01
C VAL G 107 1.50 -11.40 27.99
N TRP G 108 2.46 -10.54 28.35
CA TRP G 108 2.90 -9.44 27.54
C TRP G 108 4.41 -9.53 27.33
N GLY G 109 4.87 -9.08 26.16
CA GLY G 109 6.29 -8.83 25.99
C GLY G 109 6.70 -7.67 26.88
N THR G 110 8.02 -7.46 27.01
CA THR G 110 8.53 -6.36 27.82
C THR G 110 8.61 -5.06 27.05
N GLY G 111 8.20 -5.05 25.78
CA GLY G 111 8.04 -3.84 25.01
C GLY G 111 9.27 -3.46 24.22
N THR G 112 9.07 -2.91 23.03
CA THR G 112 10.16 -2.44 22.17
C THR G 112 10.02 -0.94 22.01
N THR G 113 11.05 -0.20 22.43
CA THR G 113 11.10 1.24 22.23
C THR G 113 11.54 1.58 20.82
N VAL G 114 10.76 2.38 20.12
CA VAL G 114 11.12 2.91 18.82
C VAL G 114 11.34 4.40 18.98
N THR G 115 12.53 4.86 18.58
CA THR G 115 12.91 6.27 18.66
C THR G 115 13.24 6.77 17.27
N VAL G 116 12.40 7.65 16.76
CA VAL G 116 12.59 8.21 15.42
C VAL G 116 13.36 9.52 15.57
N SER G 117 14.59 9.54 15.05
CA SER G 117 15.41 10.73 15.01
C SER G 117 16.40 10.65 13.85
N PRO G 118 16.67 11.78 13.19
CA PRO G 118 17.71 11.79 12.14
C PRO G 118 19.13 11.68 12.68
N ALA G 119 19.35 11.82 13.98
CA ALA G 119 20.70 11.96 14.51
C ALA G 119 21.45 10.62 14.53
N SER G 120 22.74 10.71 14.87
CA SER G 120 23.64 9.58 15.11
C SER G 120 24.29 9.77 16.48
N THR G 121 24.97 8.72 16.95
CA THR G 121 25.56 8.71 18.27
C THR G 121 26.40 9.97 18.49
N LYS G 122 26.10 10.71 19.54
CA LYS G 122 26.82 11.93 19.83
C LYS G 122 26.86 12.14 21.35
N GLY G 123 28.04 12.49 21.85
CA GLY G 123 28.21 12.81 23.25
C GLY G 123 27.74 14.22 23.57
N PRO G 124 27.34 14.45 24.81
CA PRO G 124 26.77 15.74 25.20
C PRO G 124 27.82 16.82 25.43
N SER G 125 27.37 18.07 25.31
CA SER G 125 28.04 19.20 25.95
C SER G 125 27.31 19.53 27.25
N VAL G 126 28.08 19.88 28.28
CA VAL G 126 27.55 20.13 29.63
C VAL G 126 27.81 21.59 29.98
N PHE G 127 26.74 22.32 30.29
CA PHE G 127 26.86 23.73 30.63
C PHE G 127 26.34 23.96 32.04
N PRO G 128 26.89 24.94 32.75
CA PRO G 128 26.41 25.25 34.10
C PRO G 128 25.08 25.99 34.09
N LEU G 129 24.25 25.67 35.06
CA LEU G 129 23.09 26.49 35.41
C LEU G 129 23.47 27.21 36.69
N ALA G 130 23.75 28.55 36.57
CA ALA G 130 24.46 29.25 37.63
C ALA G 130 23.50 29.95 38.59
N PRO G 131 23.78 29.85 39.90
CA PRO G 131 23.03 30.58 40.92
C PRO G 131 23.21 32.09 40.75
N ALA G 142 19.25 27.66 43.95
CA ALA G 142 19.21 26.60 42.95
C ALA G 142 20.35 26.71 41.92
N LEU G 143 20.97 25.57 41.62
CA LEU G 143 22.04 25.45 40.64
C LEU G 143 21.86 24.14 39.88
N GLY G 144 22.53 24.03 38.74
CA GLY G 144 22.36 22.82 37.98
C GLY G 144 23.35 22.67 36.84
N CYS G 145 23.11 21.63 36.03
CA CYS G 145 23.85 21.34 34.82
C CYS G 145 22.89 21.12 33.67
N LEU G 146 23.20 21.70 32.51
CA LEU G 146 22.44 21.48 31.30
C LEU G 146 23.24 20.56 30.39
N VAL G 147 22.67 19.39 30.11
CA VAL G 147 23.33 18.34 29.34
C VAL G 147 22.67 18.38 27.97
N LYS G 148 23.37 18.91 26.97
CA LYS G 148 22.74 19.28 25.71
C LYS G 148 23.34 18.52 24.54
N ASP G 149 22.46 18.20 23.58
CA ASP G 149 22.86 17.74 22.23
C ASP G 149 23.59 16.40 22.25
N TYR G 150 22.98 15.40 22.89
CA TYR G 150 23.51 14.05 22.82
C TYR G 150 22.49 13.12 22.19
N PHE G 151 22.97 12.00 21.65
CA PHE G 151 22.10 10.94 21.17
C PHE G 151 22.85 9.60 21.25
N PRO G 152 22.16 8.52 21.59
CA PRO G 152 20.79 8.37 22.05
C PRO G 152 20.72 8.43 23.57
N GLU G 153 19.54 8.16 24.11
CA GLU G 153 19.39 7.91 25.54
C GLU G 153 20.16 6.64 25.90
N PRO G 154 20.51 6.45 27.20
CA PRO G 154 20.34 7.39 28.29
C PRO G 154 21.57 8.23 28.59
N VAL G 155 21.43 9.15 29.52
CA VAL G 155 22.55 9.74 30.22
C VAL G 155 22.32 9.51 31.70
N THR G 156 23.40 9.26 32.44
CA THR G 156 23.36 9.20 33.90
C THR G 156 24.04 10.44 34.45
N VAL G 157 23.47 11.00 35.50
CA VAL G 157 24.03 12.18 36.15
C VAL G 157 24.08 11.91 37.64
N SER G 158 25.24 12.15 38.25
CA SER G 158 25.40 12.15 39.70
C SER G 158 26.09 13.44 40.09
N TRP G 159 25.92 13.84 41.36
CA TRP G 159 26.55 15.02 41.90
C TRP G 159 27.58 14.62 42.95
N ASN G 160 28.79 15.16 42.81
CA ASN G 160 29.91 14.83 43.69
C ASN G 160 30.09 13.31 43.81
N SER G 161 30.16 12.66 42.64
CA SER G 161 30.37 11.21 42.55
C SER G 161 29.37 10.43 43.39
N GLY G 162 28.15 10.97 43.53
CA GLY G 162 27.11 10.31 44.27
C GLY G 162 27.05 10.66 45.74
N ALA G 163 27.93 11.53 46.23
CA ALA G 163 27.86 11.93 47.63
C ALA G 163 26.64 12.82 47.90
N LEU G 164 26.22 13.61 46.93
CA LEU G 164 25.09 14.52 47.11
C LEU G 164 23.85 13.91 46.45
N THR G 165 22.97 13.34 47.26
CA THR G 165 21.69 12.84 46.76
C THR G 165 20.50 13.73 47.12
N SER G 166 20.65 14.68 48.04
CA SER G 166 19.51 15.38 48.61
C SER G 166 19.15 16.60 47.76
N GLY G 167 17.89 16.69 47.37
CA GLY G 167 17.45 17.80 46.54
C GLY G 167 17.82 17.72 45.07
N VAL G 168 18.39 16.62 44.60
CA VAL G 168 18.78 16.52 43.20
C VAL G 168 17.55 16.12 42.38
N HIS G 169 17.30 16.86 41.30
CA HIS G 169 16.27 16.48 40.34
C HIS G 169 16.89 16.44 38.96
N THR G 170 16.97 15.25 38.38
CA THR G 170 17.41 15.09 37.01
C THR G 170 16.17 14.83 36.18
N PHE G 171 15.92 15.68 35.20
CA PHE G 171 14.66 15.69 34.47
C PHE G 171 14.71 14.74 33.29
N PRO G 172 13.56 14.28 32.82
CA PRO G 172 13.55 13.55 31.56
C PRO G 172 14.09 14.42 30.43
N ALA G 173 14.92 13.81 29.58
CA ALA G 173 15.41 14.53 28.42
C ALA G 173 14.25 14.87 27.48
N VAL G 174 14.40 15.94 26.72
CA VAL G 174 13.47 16.25 25.65
C VAL G 174 14.23 16.13 24.35
N LEU G 175 13.53 15.69 23.30
CA LEU G 175 14.11 15.53 21.97
C LEU G 175 13.87 16.80 21.17
N GLN G 176 14.95 17.46 20.78
CA GLN G 176 14.92 18.69 20.00
C GLN G 176 14.70 18.40 18.52
N SER G 177 14.39 19.47 17.76
CA SER G 177 14.16 19.32 16.33
C SER G 177 15.42 18.89 15.59
N SER G 178 16.60 19.10 16.19
CA SER G 178 17.82 18.57 15.61
C SER G 178 17.89 17.04 15.66
N GLY G 179 17.04 16.41 16.46
CA GLY G 179 17.16 14.99 16.69
C GLY G 179 18.06 14.63 17.84
N LEU G 180 18.59 15.61 18.56
CA LEU G 180 19.46 15.42 19.71
C LEU G 180 18.69 15.73 20.98
N TYR G 181 19.01 15.00 22.05
CA TYR G 181 18.38 15.18 23.35
C TYR G 181 19.01 16.33 24.13
N SER G 182 18.19 16.92 25.00
CA SER G 182 18.65 17.92 25.94
C SER G 182 17.98 17.65 27.28
N LEU G 183 18.77 17.71 28.33
CA LEU G 183 18.34 17.33 29.67
C LEU G 183 18.94 18.29 30.68
N SER G 184 18.17 18.62 31.71
CA SER G 184 18.65 19.46 32.80
C SER G 184 18.64 18.67 34.10
N SER G 185 19.61 18.98 34.95
CA SER G 185 19.68 18.39 36.27
C SER G 185 20.01 19.48 37.26
N VAL G 186 19.26 19.55 38.36
CA VAL G 186 19.39 20.64 39.31
C VAL G 186 19.41 20.06 40.72
N VAL G 187 19.95 20.86 41.63
CA VAL G 187 19.94 20.58 43.06
C VAL G 187 19.75 21.91 43.78
N THR G 188 18.92 21.89 44.81
CA THR G 188 18.71 23.07 45.65
C THR G 188 19.50 22.93 46.93
N VAL G 189 20.14 24.03 47.32
CA VAL G 189 21.06 24.08 48.46
C VAL G 189 20.85 25.39 49.20
N PRO G 190 21.14 25.47 50.50
CA PRO G 190 21.01 26.74 51.21
C PRO G 190 21.97 27.78 50.66
N SER G 191 21.47 29.01 50.53
CA SER G 191 22.24 30.12 49.98
C SER G 191 23.56 30.32 50.73
N SER G 192 23.59 29.99 52.01
CA SER G 192 24.79 30.18 52.82
C SER G 192 26.00 29.43 52.25
N SER G 193 25.77 28.23 51.74
CA SER G 193 26.87 27.34 51.36
C SER G 193 27.45 27.67 49.99
N LEU G 194 26.98 28.73 49.33
CA LEU G 194 27.39 29.05 47.97
C LEU G 194 28.92 29.10 47.81
N GLY G 195 29.59 29.75 48.77
CA GLY G 195 31.02 29.98 48.69
C GLY G 195 31.85 28.85 49.27
N THR G 196 31.25 28.10 50.19
CA THR G 196 32.00 27.09 50.95
C THR G 196 32.08 25.77 50.17
N GLN G 197 30.95 25.14 49.91
CA GLN G 197 30.91 23.81 49.32
C GLN G 197 31.00 23.86 47.80
N THR G 198 31.79 22.95 47.23
CA THR G 198 31.94 22.82 45.80
C THR G 198 30.93 21.82 45.25
N TYR G 199 30.38 22.12 44.07
CA TYR G 199 29.36 21.28 43.43
C TYR G 199 29.77 20.93 42.02
N ILE G 200 29.89 19.62 41.75
CA ILE G 200 30.28 19.11 40.45
C ILE G 200 29.27 18.07 40.02
N CYS G 201 28.72 18.24 38.83
CA CYS G 201 27.83 17.24 38.26
C CYS G 201 28.66 16.29 37.39
N ASN G 202 28.43 15.00 37.56
CA ASN G 202 29.15 13.97 36.83
C ASN G 202 28.20 13.41 35.78
N VAL G 203 28.54 13.63 34.51
CA VAL G 203 27.68 13.24 33.39
C VAL G 203 28.37 12.08 32.69
N ASN G 204 27.62 11.00 32.45
CA ASN G 204 28.15 9.83 31.77
C ASN G 204 27.19 9.47 30.64
N HIS G 205 27.70 9.49 29.41
CA HIS G 205 26.94 9.00 28.26
C HIS G 205 27.69 7.80 27.72
N LYS G 206 27.17 6.60 28.00
CA LYS G 206 27.86 5.36 27.63
C LYS G 206 27.94 5.15 26.12
N PRO G 207 26.87 5.40 25.35
CA PRO G 207 26.97 5.16 23.89
C PRO G 207 28.14 5.88 23.22
N SER G 208 28.50 7.08 23.66
CA SER G 208 29.65 7.79 23.13
C SER G 208 30.89 7.64 23.99
N ASN G 209 30.81 6.87 25.09
CA ASN G 209 31.86 6.80 26.09
C ASN G 209 32.32 8.21 26.48
N THR G 210 31.34 9.08 26.72
CA THR G 210 31.60 10.43 27.19
C THR G 210 31.46 10.46 28.70
N LYS G 211 32.47 11.00 29.37
CA LYS G 211 32.49 11.16 30.81
C LYS G 211 32.90 12.60 31.07
N VAL G 212 32.05 13.37 31.75
CA VAL G 212 32.33 14.79 31.94
C VAL G 212 31.96 15.19 33.37
N ASP G 213 32.88 15.88 34.02
CA ASP G 213 32.64 16.54 35.30
C ASP G 213 32.59 18.05 35.09
N LYS G 214 31.62 18.71 35.70
CA LYS G 214 31.43 20.16 35.51
C LYS G 214 31.15 20.81 36.86
N LYS G 215 32.02 21.73 37.28
CA LYS G 215 31.82 22.45 38.52
C LYS G 215 30.96 23.67 38.28
N VAL G 216 29.94 23.85 39.10
CA VAL G 216 28.96 24.92 38.94
C VAL G 216 29.19 25.92 40.05
N GLU G 217 29.51 27.16 39.66
CA GLU G 217 29.87 28.25 40.53
C GLU G 217 28.97 29.45 40.26
N PRO G 218 28.83 30.37 41.23
CA PRO G 218 28.04 31.59 41.02
C PRO G 218 28.56 32.46 39.89
N ASP H 1 -18.30 5.27 18.54
CA ASP H 1 -17.97 3.96 17.98
C ASP H 1 -17.15 3.13 18.96
N PHE H 2 -17.81 2.73 20.05
CA PHE H 2 -17.17 1.97 21.12
C PHE H 2 -15.92 2.67 21.69
N LEU H 3 -15.99 3.98 21.81
CA LEU H 3 -14.99 4.69 22.59
C LEU H 3 -15.23 4.45 24.08
N MET H 4 -14.14 4.35 24.85
CA MET H 4 -14.22 4.22 26.30
C MET H 4 -13.85 5.56 26.92
N ALA H 5 -14.78 6.15 27.69
CA ALA H 5 -14.55 7.39 28.41
C ALA H 5 -14.18 7.05 29.85
N GLN H 6 -12.93 7.29 30.21
CA GLN H 6 -12.40 6.92 31.51
C GLN H 6 -12.18 8.17 32.36
N THR H 7 -12.66 8.15 33.59
CA THR H 7 -12.50 9.31 34.49
C THR H 7 -12.14 8.86 35.90
N PRO H 8 -11.40 9.71 36.63
CA PRO H 8 -10.81 10.97 36.16
C PRO H 8 -9.49 10.73 35.46
N LEU H 9 -8.90 11.79 34.90
CA LEU H 9 -7.59 11.65 34.26
C LEU H 9 -6.51 11.33 35.29
N SER H 10 -6.54 12.00 36.45
CA SER H 10 -5.64 11.68 37.55
C SER H 10 -6.48 11.55 38.81
N LEU H 11 -6.08 10.63 39.69
CA LEU H 11 -6.83 10.28 40.88
C LEU H 11 -5.91 10.45 42.08
N PRO H 12 -5.91 11.63 42.70
CA PRO H 12 -5.17 11.80 43.96
C PRO H 12 -5.82 11.00 45.07
N VAL H 13 -5.02 10.21 45.79
CA VAL H 13 -5.50 9.38 46.88
C VAL H 13 -4.46 9.40 48.00
N SER H 14 -4.92 9.10 49.21
CA SER H 14 -4.05 8.84 50.34
C SER H 14 -3.86 7.34 50.51
N LEU H 15 -2.65 6.92 50.88
CA LEU H 15 -2.39 5.51 51.13
C LEU H 15 -3.32 4.97 52.21
N GLY H 16 -3.81 3.75 52.00
CA GLY H 16 -4.80 3.17 52.87
C GLY H 16 -6.23 3.52 52.53
N ASP H 17 -6.45 4.58 51.76
CA ASP H 17 -7.79 4.99 51.35
C ASP H 17 -8.28 4.11 50.19
N GLN H 18 -9.56 4.27 49.85
CA GLN H 18 -10.17 3.55 48.74
C GLN H 18 -10.14 4.40 47.48
N ALA H 19 -9.98 3.73 46.34
CA ALA H 19 -9.94 4.36 45.05
C ALA H 19 -10.98 3.70 44.15
N SER H 20 -11.63 4.52 43.33
CA SER H 20 -12.66 4.08 42.42
C SER H 20 -12.44 4.78 41.08
N ILE H 21 -12.33 4.02 39.99
CA ILE H 21 -12.08 4.53 38.65
C ILE H 21 -13.23 4.11 37.73
N SER H 22 -13.70 5.05 36.90
CA SER H 22 -14.91 4.85 36.12
C SER H 22 -14.60 4.84 34.61
N CYS H 23 -15.37 4.03 33.88
CA CYS H 23 -15.22 3.88 32.44
C CYS H 23 -16.60 3.73 31.81
N ARG H 24 -16.90 4.54 30.81
CA ARG H 24 -18.22 4.54 30.15
C ARG H 24 -18.05 4.31 28.65
N SER H 25 -18.84 3.38 28.10
CA SER H 25 -18.80 3.08 26.68
C SER H 25 -19.85 3.88 25.92
N SER H 26 -19.50 4.29 24.70
CA SER H 26 -20.46 5.04 23.88
C SER H 26 -21.68 4.19 23.52
N GLN H 27 -21.51 2.86 23.46
CA GLN H 27 -22.61 1.93 23.19
C GLN H 27 -22.46 0.73 24.11
N SER H 28 -23.49 -0.11 24.16
CA SER H 28 -23.40 -1.33 24.94
C SER H 28 -22.26 -2.20 24.43
N ILE H 29 -21.46 -2.72 25.37
CA ILE H 29 -20.37 -3.63 25.01
C ILE H 29 -20.70 -5.09 25.34
N VAL H 30 -21.96 -5.41 25.64
CA VAL H 30 -22.34 -6.82 25.76
C VAL H 30 -22.12 -7.52 24.43
N TYR H 31 -21.34 -8.59 24.45
CA TYR H 31 -21.11 -9.41 23.27
C TYR H 31 -22.28 -10.35 23.00
N SER H 32 -22.34 -10.84 21.76
CA SER H 32 -23.46 -11.68 21.33
C SER H 32 -23.53 -13.03 22.06
N ASP H 33 -22.51 -13.39 22.83
CA ASP H 33 -22.58 -14.58 23.68
C ASP H 33 -23.20 -14.29 25.03
N GLY H 34 -23.63 -13.05 25.26
CA GLY H 34 -24.15 -12.67 26.55
C GLY H 34 -23.10 -12.15 27.52
N ASN H 35 -21.82 -12.41 27.28
CA ASN H 35 -20.75 -11.89 28.14
C ASN H 35 -20.36 -10.46 27.73
N THR H 36 -19.81 -9.73 28.70
CA THR H 36 -19.29 -8.39 28.47
C THR H 36 -17.79 -8.43 28.67
N TYR H 37 -17.03 -8.17 27.61
CA TYR H 37 -15.57 -8.30 27.70
C TYR H 37 -15.03 -6.91 27.98
N LEU H 38 -14.95 -6.62 29.26
CA LEU H 38 -14.41 -5.36 29.76
C LEU H 38 -13.31 -5.76 30.72
N GLU H 39 -12.10 -5.30 30.42
CA GLU H 39 -10.95 -5.65 31.23
C GLU H 39 -10.30 -4.39 31.78
N TRP H 40 -9.57 -4.55 32.88
CA TRP H 40 -8.83 -3.46 33.52
C TRP H 40 -7.37 -3.84 33.57
N TYR H 41 -6.51 -2.94 33.10
CA TYR H 41 -5.07 -3.15 33.14
C TYR H 41 -4.40 -2.05 33.94
N LEU H 42 -3.30 -2.41 34.57
CA LEU H 42 -2.44 -1.47 35.26
C LEU H 42 -1.09 -1.43 34.55
N GLN H 43 -0.58 -0.23 34.30
CA GLN H 43 0.78 -0.08 33.83
C GLN H 43 1.54 0.82 34.80
N ARG H 44 2.51 0.30 35.41
CA ARG H 44 3.44 1.04 36.24
C ARG H 44 4.58 1.56 35.39
N PRO H 45 5.13 2.74 35.73
CA PRO H 45 6.24 3.28 34.95
C PRO H 45 7.36 2.27 34.85
N GLY H 46 7.84 2.06 33.62
CA GLY H 46 8.89 1.10 33.34
C GLY H 46 8.49 -0.36 33.22
N GLN H 47 7.21 -0.69 33.30
CA GLN H 47 6.78 -2.09 33.21
C GLN H 47 5.74 -2.24 32.11
N SER H 48 5.59 -3.48 31.63
CA SER H 48 4.51 -3.79 30.70
C SER H 48 3.16 -3.75 31.42
N PRO H 49 2.07 -3.57 30.68
CA PRO H 49 0.73 -3.64 31.30
C PRO H 49 0.47 -4.99 31.98
N LYS H 50 -0.34 -4.96 33.05
CA LYS H 50 -0.69 -6.14 33.82
C LYS H 50 -2.21 -6.29 33.86
N LEU H 51 -2.69 -7.51 33.62
CA LEU H 51 -4.13 -7.75 33.70
C LEU H 51 -4.58 -7.78 35.16
N LEU H 52 -5.64 -7.03 35.46
CA LEU H 52 -6.27 -6.99 36.78
C LEU H 52 -7.62 -7.68 36.80
N ILE H 53 -8.56 -7.22 35.96
CA ILE H 53 -9.94 -7.68 35.95
C ILE H 53 -10.30 -8.11 34.53
N TYR H 54 -11.06 -9.20 34.41
CA TYR H 54 -11.64 -9.59 33.13
C TYR H 54 -13.12 -9.86 33.32
N LYS H 55 -13.88 -9.75 32.22
CA LYS H 55 -15.33 -9.90 32.23
C LYS H 55 -15.96 -9.08 33.36
N VAL H 56 -15.46 -7.86 33.52
CA VAL H 56 -15.96 -6.78 34.34
C VAL H 56 -15.73 -6.98 35.84
N SER H 57 -15.94 -8.20 36.33
CA SER H 57 -15.87 -8.46 37.76
C SER H 57 -14.82 -9.48 38.19
N ASN H 58 -14.13 -10.17 37.28
CA ASN H 58 -13.32 -11.31 37.67
C ASN H 58 -11.87 -10.87 37.77
N ARG H 59 -11.27 -11.01 38.96
CA ARG H 59 -9.87 -10.64 39.09
C ARG H 59 -8.98 -11.79 38.62
N PHE H 60 -7.99 -11.43 37.81
CA PHE H 60 -7.02 -12.38 37.28
C PHE H 60 -6.20 -13.00 38.41
N SER H 61 -5.75 -14.24 38.18
CA SER H 61 -4.96 -14.96 39.16
C SER H 61 -3.77 -14.13 39.63
N GLY H 62 -3.61 -14.05 40.95
CA GLY H 62 -2.54 -13.28 41.55
C GLY H 62 -2.90 -11.87 41.93
N VAL H 63 -4.04 -11.35 41.46
CA VAL H 63 -4.43 -9.99 41.79
C VAL H 63 -5.05 -9.96 43.19
N PRO H 64 -4.58 -9.09 44.08
CA PRO H 64 -5.09 -9.06 45.45
C PRO H 64 -6.58 -8.75 45.53
N ASP H 65 -7.21 -9.21 46.63
CA ASP H 65 -8.64 -9.06 46.89
C ASP H 65 -9.07 -7.59 46.96
N ARG H 66 -8.13 -6.67 47.18
CA ARG H 66 -8.48 -5.25 47.23
C ARG H 66 -9.10 -4.80 45.93
N PHE H 67 -8.72 -5.44 44.83
CA PHE H 67 -9.18 -5.04 43.51
C PHE H 67 -10.48 -5.77 43.21
N SER H 68 -11.51 -5.00 42.86
CA SER H 68 -12.75 -5.58 42.37
C SER H 68 -13.32 -4.66 41.32
N GLY H 69 -14.25 -5.17 40.53
CA GLY H 69 -14.85 -4.39 39.47
C GLY H 69 -16.30 -4.74 39.32
N SER H 70 -17.04 -3.78 38.76
CA SER H 70 -18.49 -3.88 38.70
C SER H 70 -19.00 -3.01 37.56
N GLY H 71 -20.22 -3.30 37.15
CA GLY H 71 -20.96 -2.53 36.17
C GLY H 71 -21.77 -3.46 35.32
N SER H 72 -22.40 -2.90 34.30
CA SER H 72 -22.99 -3.67 33.20
C SER H 72 -23.41 -2.69 32.12
N GLY H 73 -23.65 -3.20 30.92
CA GLY H 73 -24.10 -2.32 29.87
C GLY H 73 -23.01 -1.36 29.45
N THR H 74 -23.24 -0.05 29.65
CA THR H 74 -22.27 0.97 29.26
C THR H 74 -21.43 1.57 30.40
N ASP H 75 -21.66 1.23 31.67
CA ASP H 75 -20.98 1.91 32.77
C ASP H 75 -20.24 0.91 33.65
N PHE H 76 -18.98 1.21 33.96
CA PHE H 76 -18.12 0.26 34.67
C PHE H 76 -17.23 0.98 35.65
N THR H 77 -16.92 0.30 36.76
CA THR H 77 -16.14 0.89 37.83
C THR H 77 -15.14 -0.14 38.35
N LEU H 78 -13.88 0.30 38.51
CA LEU H 78 -12.83 -0.44 39.19
C LEU H 78 -12.62 0.14 40.59
N ARG H 79 -12.53 -0.73 41.60
CA ARG H 79 -12.38 -0.29 42.98
C ARG H 79 -11.17 -0.97 43.62
N ILE H 80 -10.34 -0.17 44.29
CA ILE H 80 -9.21 -0.66 45.11
C ILE H 80 -9.51 -0.29 46.55
N SER H 81 -9.75 -1.29 47.39
CA SER H 81 -10.26 -1.03 48.74
C SER H 81 -9.21 -0.29 49.59
N ARG H 82 -8.00 -0.81 49.68
CA ARG H 82 -6.94 -0.14 50.41
C ARG H 82 -5.73 0.05 49.51
N VAL H 83 -5.41 1.30 49.23
CA VAL H 83 -4.32 1.59 48.29
C VAL H 83 -3.00 1.33 48.99
N GLU H 84 -2.12 0.60 48.32
CA GLU H 84 -0.76 0.41 48.81
C GLU H 84 0.20 1.00 47.79
N ALA H 85 1.49 1.06 48.18
CA ALA H 85 2.49 1.68 47.33
C ALA H 85 2.61 0.98 45.98
N GLU H 86 2.41 -0.34 45.96
CA GLU H 86 2.56 -1.14 44.76
C GLU H 86 1.46 -0.91 43.74
N ASP H 87 0.39 -0.18 44.10
CA ASP H 87 -0.74 0.08 43.23
C ASP H 87 -0.62 1.36 42.41
N LEU H 88 0.41 2.18 42.63
CA LEU H 88 0.54 3.46 41.93
C LEU H 88 0.94 3.25 40.47
N GLY H 89 0.35 4.04 39.58
CA GLY H 89 0.54 3.89 38.14
C GLY H 89 -0.70 4.34 37.38
N ILE H 90 -0.80 3.89 36.13
CA ILE H 90 -1.90 4.27 35.25
C ILE H 90 -2.77 3.05 34.96
N TYR H 91 -4.07 3.18 35.25
CA TYR H 91 -5.08 2.15 35.02
C TYR H 91 -5.82 2.42 33.71
N TYR H 92 -6.06 1.36 32.96
CA TYR H 92 -6.77 1.48 31.70
C TYR H 92 -7.90 0.46 31.64
N CYS H 93 -9.11 0.93 31.34
CA CYS H 93 -10.15 -0.01 30.94
C CYS H 93 -9.94 -0.37 29.48
N PHE H 94 -10.43 -1.55 29.11
CA PHE H 94 -10.25 -2.07 27.76
C PHE H 94 -11.50 -2.81 27.33
N GLN H 95 -11.99 -2.46 26.14
CA GLN H 95 -13.21 -2.99 25.54
C GLN H 95 -12.79 -4.09 24.56
N GLY H 96 -13.13 -5.34 24.88
CA GLY H 96 -12.77 -6.49 24.06
C GLY H 96 -13.90 -7.20 23.33
N SER H 97 -15.06 -6.55 23.23
CA SER H 97 -16.24 -7.10 22.56
C SER H 97 -16.28 -6.88 21.05
N HIS H 98 -15.80 -5.72 20.56
CA HIS H 98 -16.06 -5.36 19.17
C HIS H 98 -14.79 -4.78 18.56
N VAL H 99 -14.41 -5.33 17.40
CA VAL H 99 -13.24 -4.87 16.66
C VAL H 99 -13.54 -3.52 15.98
N PRO H 100 -12.62 -2.55 16.05
CA PRO H 100 -11.33 -2.55 16.75
C PRO H 100 -11.49 -2.41 18.24
N TYR H 101 -10.71 -3.15 19.00
CA TYR H 101 -10.71 -3.03 20.45
C TYR H 101 -10.11 -1.68 20.85
N THR H 102 -10.54 -1.16 22.01
CA THR H 102 -10.25 0.21 22.40
C THR H 102 -9.96 0.32 23.90
N PHE H 103 -9.09 1.26 24.24
CA PHE H 103 -8.73 1.57 25.61
C PHE H 103 -9.39 2.87 26.05
N GLY H 104 -9.69 2.96 27.34
CA GLY H 104 -9.93 4.26 27.94
C GLY H 104 -8.66 5.10 27.96
N GLY H 105 -8.83 6.39 28.23
CA GLY H 105 -7.67 7.27 28.20
C GLY H 105 -6.72 7.10 29.36
N GLY H 106 -7.07 6.32 30.38
CA GLY H 106 -6.15 6.08 31.46
C GLY H 106 -6.45 6.93 32.69
N THR H 107 -6.12 6.40 33.86
CA THR H 107 -6.21 7.14 35.11
C THR H 107 -4.92 6.93 35.90
N LYS H 108 -4.18 8.00 36.14
CA LYS H 108 -2.97 7.91 36.94
C LYS H 108 -3.36 7.92 38.41
N LEU H 109 -3.02 6.84 39.12
CA LEU H 109 -3.21 6.76 40.56
C LEU H 109 -1.98 7.37 41.22
N GLU H 110 -2.20 8.40 42.03
CA GLU H 110 -1.09 9.17 42.59
C GLU H 110 -1.34 9.46 44.05
N ILE H 111 -0.29 9.88 44.74
CA ILE H 111 -0.36 10.16 46.18
C ILE H 111 -0.82 11.60 46.35
N LYS H 112 -1.94 11.81 47.02
CA LYS H 112 -2.41 13.17 47.25
C LYS H 112 -1.76 13.76 48.49
N ARG H 113 -1.42 15.04 48.39
CA ARG H 113 -0.80 15.81 49.47
C ARG H 113 -1.42 17.20 49.44
N THR H 114 -1.00 18.05 50.36
CA THR H 114 -1.48 19.43 50.35
C THR H 114 -0.83 20.23 49.23
N VAL H 115 -1.56 21.25 48.77
CA VAL H 115 -1.06 22.15 47.73
C VAL H 115 0.26 22.75 48.17
N ALA H 116 1.23 22.79 47.27
CA ALA H 116 2.52 23.45 47.51
C ALA H 116 2.93 24.21 46.26
N ALA H 117 3.21 25.50 46.44
CA ALA H 117 3.60 26.37 45.34
C ALA H 117 5.03 26.06 44.88
N PRO H 118 5.33 26.30 43.60
CA PRO H 118 6.70 26.07 43.13
C PRO H 118 7.65 27.13 43.63
N SER H 119 8.88 26.70 43.93
CA SER H 119 10.01 27.63 43.97
C SER H 119 10.52 27.74 42.54
N VAL H 120 10.59 28.96 42.03
CA VAL H 120 10.89 29.20 40.62
C VAL H 120 12.29 29.81 40.52
N PHE H 121 13.02 29.43 39.45
CA PHE H 121 14.34 29.97 39.17
C PHE H 121 14.51 30.09 37.66
N ILE H 122 15.19 31.15 37.22
CA ILE H 122 15.51 31.34 35.81
C ILE H 122 17.03 31.42 35.68
N PHE H 123 17.58 30.72 34.69
CA PHE H 123 19.02 30.67 34.44
C PHE H 123 19.35 31.23 33.06
N PRO H 124 20.18 32.26 32.95
CA PRO H 124 20.65 32.71 31.62
C PRO H 124 21.52 31.65 30.98
N PRO H 125 21.73 31.70 29.67
CA PRO H 125 22.69 30.78 29.03
C PRO H 125 24.11 31.10 29.45
N SER H 126 24.93 30.07 29.58
CA SER H 126 26.33 30.24 29.93
C SER H 126 27.14 30.83 28.77
N ASP H 127 28.25 31.49 29.13
CA ASP H 127 29.16 31.97 28.09
C ASP H 127 29.74 30.81 27.30
N GLU H 128 30.03 29.69 27.97
CA GLU H 128 30.51 28.51 27.26
C GLU H 128 29.57 28.15 26.12
N GLN H 129 28.27 28.08 26.42
CA GLN H 129 27.30 27.69 25.40
C GLN H 129 27.21 28.75 24.31
N LEU H 130 27.24 30.04 24.69
CA LEU H 130 27.10 31.07 23.68
C LEU H 130 28.23 31.04 22.65
N LYS H 131 29.38 30.44 23.00
CA LYS H 131 30.44 30.25 22.01
C LYS H 131 30.02 29.33 20.88
N SER H 132 28.99 28.50 21.08
CA SER H 132 28.59 27.49 20.12
C SER H 132 27.52 27.96 19.16
N GLY H 133 27.03 29.18 19.32
CA GLY H 133 26.04 29.74 18.43
C GLY H 133 24.59 29.58 18.90
N THR H 134 24.35 28.84 19.97
CA THR H 134 23.01 28.65 20.49
C THR H 134 22.90 29.14 21.93
N ALA H 135 21.71 29.58 22.32
CA ALA H 135 21.43 30.04 23.67
C ALA H 135 20.25 29.27 24.24
N SER H 136 20.42 28.66 25.41
CA SER H 136 19.35 28.01 26.14
C SER H 136 19.10 28.79 27.42
N VAL H 137 17.85 29.24 27.61
CA VAL H 137 17.40 29.87 28.85
C VAL H 137 16.52 28.84 29.55
N VAL H 138 16.80 28.60 30.83
CA VAL H 138 16.16 27.53 31.58
C VAL H 138 15.37 28.14 32.72
N CYS H 139 14.14 27.66 32.91
CA CYS H 139 13.30 28.04 34.04
C CYS H 139 12.96 26.78 34.82
N LEU H 140 13.29 26.77 36.11
CA LEU H 140 13.11 25.60 36.97
C LEU H 140 11.98 25.83 37.95
N LEU H 141 11.08 24.86 38.07
CA LEU H 141 9.98 24.86 39.04
C LEU H 141 10.19 23.69 39.99
N ASN H 142 10.51 23.97 41.26
CA ASN H 142 11.03 22.97 42.19
C ASN H 142 10.00 22.63 43.27
N ASN H 143 9.63 21.34 43.35
CA ASN H 143 8.86 20.76 44.45
C ASN H 143 7.49 21.41 44.64
N PHE H 144 6.60 21.13 43.68
CA PHE H 144 5.22 21.61 43.71
C PHE H 144 4.22 20.46 43.65
N TYR H 145 3.00 20.74 44.09
CA TYR H 145 1.83 19.85 43.92
C TYR H 145 0.56 20.71 43.78
N PRO H 146 -0.39 20.31 42.93
CA PRO H 146 -0.48 19.14 42.03
C PRO H 146 0.36 19.31 40.75
N ARG H 147 0.15 18.38 39.81
CA ARG H 147 0.90 18.37 38.56
C ARG H 147 0.75 19.66 37.78
N GLU H 148 -0.48 20.13 37.64
CA GLU H 148 -0.79 21.06 36.56
C GLU H 148 -0.06 22.37 36.83
N ALA H 149 0.81 22.74 35.90
CA ALA H 149 1.57 23.97 36.07
C ALA H 149 1.87 24.51 34.69
N LYS H 150 2.02 25.81 34.61
CA LYS H 150 2.13 26.43 33.30
C LYS H 150 3.24 27.47 33.27
N VAL H 151 4.07 27.40 32.23
CA VAL H 151 5.22 28.27 32.04
C VAL H 151 4.97 29.12 30.80
N GLN H 152 5.15 30.43 30.93
CA GLN H 152 5.05 31.36 29.82
C GLN H 152 6.35 32.13 29.66
N TRP H 153 6.99 31.98 28.50
CA TRP H 153 8.22 32.70 28.17
C TRP H 153 7.91 34.04 27.52
N LYS H 154 8.69 35.06 27.89
CA LYS H 154 8.60 36.40 27.34
C LYS H 154 10.00 36.96 27.07
N VAL H 155 10.17 37.61 25.93
CA VAL H 155 11.45 38.20 25.53
C VAL H 155 11.19 39.67 25.25
N ASP H 156 11.81 40.54 26.04
CA ASP H 156 11.51 41.97 25.98
C ASP H 156 9.99 42.18 26.06
N ASN H 157 9.37 41.46 27.00
CA ASN H 157 7.93 41.49 27.29
C ASN H 157 7.06 40.86 26.21
N ALA H 158 7.64 40.40 25.09
CA ALA H 158 6.84 39.77 24.04
C ALA H 158 6.60 38.31 24.37
N LEU H 159 5.34 37.88 24.38
CA LEU H 159 5.05 36.49 24.68
C LEU H 159 5.63 35.58 23.59
N GLN H 160 6.27 34.50 24.02
CA GLN H 160 6.90 33.53 23.14
C GLN H 160 6.05 32.26 23.03
N SER H 161 6.08 31.64 21.84
CA SER H 161 5.48 30.32 21.65
C SER H 161 6.24 29.54 20.58
N GLY H 162 6.28 28.20 20.75
CA GLY H 162 6.91 27.31 19.79
C GLY H 162 8.41 27.17 19.90
N ASN H 163 9.08 28.03 20.67
CA ASN H 163 10.54 27.95 20.82
C ASN H 163 10.97 27.33 22.14
N SER H 164 10.06 26.69 22.88
CA SER H 164 10.39 26.09 24.16
C SER H 164 9.98 24.62 24.24
N GLN H 165 10.64 23.91 25.16
CA GLN H 165 10.27 22.56 25.57
C GLN H 165 10.36 22.45 27.09
N GLU H 166 9.60 21.50 27.65
CA GLU H 166 9.53 21.25 29.09
C GLU H 166 9.52 19.75 29.35
N SER H 167 9.88 19.36 30.58
CA SER H 167 9.63 18.01 31.07
C SER H 167 9.43 18.07 32.58
N VAL H 168 8.81 17.03 33.12
CA VAL H 168 8.41 17.01 34.53
C VAL H 168 8.88 15.72 35.17
N THR H 169 9.40 15.82 36.39
CA THR H 169 9.87 14.65 37.10
C THR H 169 8.68 13.79 37.50
N GLU H 170 8.98 12.63 38.06
CA GLU H 170 7.93 11.82 38.65
C GLU H 170 7.93 11.97 40.16
N GLN H 171 6.79 11.62 40.77
CA GLN H 171 6.53 11.98 42.16
C GLN H 171 7.65 11.54 43.08
N ASP H 172 8.16 12.50 43.84
CA ASP H 172 9.27 12.20 44.73
C ASP H 172 8.74 11.33 45.87
N SER H 173 9.54 10.34 46.27
CA SER H 173 9.04 9.38 47.26
C SER H 173 8.86 10.04 48.62
N LYS H 174 9.78 10.93 49.00
CA LYS H 174 9.73 11.52 50.33
C LYS H 174 8.58 12.53 50.46
N ASP H 175 8.56 13.54 49.61
CA ASP H 175 7.65 14.67 49.75
C ASP H 175 6.42 14.63 48.85
N SER H 176 6.30 13.62 47.98
CA SER H 176 5.15 13.42 47.10
C SER H 176 4.85 14.63 46.20
N THR H 177 5.87 15.42 45.89
CA THR H 177 5.74 16.55 44.99
C THR H 177 6.36 16.24 43.62
N TYR H 178 6.22 17.19 42.71
CA TYR H 178 6.84 17.18 41.39
C TYR H 178 7.70 18.42 41.17
N SER H 179 8.57 18.33 40.16
CA SER H 179 9.34 19.47 39.71
C SER H 179 9.32 19.53 38.18
N LEU H 180 9.51 20.74 37.63
CA LEU H 180 9.41 20.97 36.19
C LEU H 180 10.57 21.83 35.70
N SER H 181 11.11 21.49 34.53
CA SER H 181 12.15 22.27 33.86
C SER H 181 11.70 22.67 32.46
N SER H 182 11.82 23.96 32.14
CA SER H 182 11.47 24.48 30.83
C SER H 182 12.68 25.15 30.21
N THR H 183 13.00 24.80 28.96
CA THR H 183 14.12 25.39 28.23
C THR H 183 13.62 26.18 27.03
N LEU H 184 13.97 27.46 26.98
CA LEU H 184 13.75 28.33 25.83
C LEU H 184 15.04 28.37 25.00
N THR H 185 14.95 28.02 23.71
CA THR H 185 16.12 27.96 22.84
C THR H 185 16.04 29.03 21.76
N LEU H 186 17.12 29.82 21.66
CA LEU H 186 17.26 30.88 20.67
C LEU H 186 18.63 30.77 20.04
N SER H 187 18.76 31.30 18.83
CA SER H 187 20.09 31.49 18.27
C SER H 187 20.83 32.54 19.08
N LYS H 188 22.16 32.46 19.06
CA LYS H 188 22.97 33.48 19.75
C LYS H 188 22.65 34.87 19.21
N ALA H 189 22.50 35.01 17.88
CA ALA H 189 22.20 36.30 17.29
C ALA H 189 20.88 36.85 17.79
N ASP H 190 19.85 36.00 17.90
CA ASP H 190 18.59 36.42 18.48
C ASP H 190 18.76 36.79 19.95
N TYR H 191 19.49 35.96 20.70
CA TYR H 191 19.66 36.22 22.12
C TYR H 191 20.32 37.58 22.38
N GLU H 192 21.28 37.97 21.52
CA GLU H 192 22.00 39.23 21.69
C GLU H 192 21.16 40.45 21.31
N LYS H 193 20.09 40.27 20.56
CA LYS H 193 19.27 41.40 20.11
C LYS H 193 18.26 41.86 21.15
N HIS H 194 18.15 41.18 22.28
CA HIS H 194 17.11 41.48 23.25
C HIS H 194 17.72 41.51 24.64
N LYS H 195 16.99 42.13 25.56
CA LYS H 195 17.50 42.45 26.89
C LYS H 195 16.83 41.62 27.98
N VAL H 196 15.50 41.71 28.10
CA VAL H 196 14.78 41.17 29.24
C VAL H 196 14.20 39.80 28.90
N TYR H 197 14.58 38.80 29.70
CA TYR H 197 14.14 37.44 29.54
C TYR H 197 13.41 37.02 30.81
N ALA H 198 12.20 36.52 30.66
CA ALA H 198 11.33 36.29 31.79
C ALA H 198 10.59 34.98 31.65
N CYS H 199 10.40 34.32 32.78
CA CYS H 199 9.60 33.11 32.91
C CYS H 199 8.47 33.40 33.90
N GLU H 200 7.23 33.24 33.45
CA GLU H 200 6.05 33.50 34.27
C GLU H 200 5.32 32.18 34.50
N VAL H 201 5.13 31.82 35.76
CA VAL H 201 4.68 30.49 36.15
C VAL H 201 3.31 30.58 36.79
N THR H 202 2.38 29.74 36.34
CA THR H 202 1.06 29.63 36.96
C THR H 202 0.95 28.29 37.69
N HIS H 203 0.54 28.33 38.96
CA HIS H 203 0.34 27.11 39.71
C HIS H 203 -0.67 27.38 40.81
N GLN H 204 -1.46 26.35 41.15
CA GLN H 204 -2.53 26.51 42.12
C GLN H 204 -2.02 27.01 43.48
N GLY H 205 -0.74 26.76 43.79
CA GLY H 205 -0.14 27.23 45.02
C GLY H 205 0.27 28.69 45.03
N LEU H 206 0.18 29.37 43.89
CA LEU H 206 0.57 30.77 43.78
C LEU H 206 -0.66 31.68 43.77
N SER H 207 -0.63 32.71 44.63
CA SER H 207 -1.75 33.65 44.70
C SER H 207 -2.02 34.27 43.34
N SER H 208 -0.96 34.60 42.61
CA SER H 208 -1.02 34.99 41.21
C SER H 208 0.24 34.45 40.55
N PRO H 209 0.26 34.35 39.22
CA PRO H 209 1.47 33.82 38.57
C PRO H 209 2.70 34.69 38.84
N VAL H 210 3.81 34.01 39.09
CA VAL H 210 5.07 34.62 39.52
C VAL H 210 5.99 34.71 38.32
N THR H 211 6.65 35.86 38.16
CA THR H 211 7.60 36.08 37.07
C THR H 211 9.01 36.19 37.63
N LYS H 212 9.92 35.45 37.02
CA LYS H 212 11.34 35.57 37.31
C LYS H 212 12.07 36.03 36.05
N SER H 213 13.02 36.94 36.20
CA SER H 213 13.58 37.62 35.05
C SER H 213 15.06 37.90 35.24
N PHE H 214 15.74 38.15 34.12
CA PHE H 214 17.10 38.69 34.12
C PHE H 214 17.27 39.58 32.90
N ASN H 215 18.25 40.47 32.97
CA ASN H 215 18.69 41.30 31.85
C ASN H 215 20.02 40.77 31.35
N ARG H 216 20.12 40.52 30.04
CA ARG H 216 21.31 39.92 29.43
C ARG H 216 22.63 40.64 29.71
N ALA I 1 -10.43 -10.48 25.72
CA ALA I 1 -11.26 -10.09 24.60
C ALA I 1 -11.84 -11.32 23.91
N VAL I 2 -12.80 -11.10 23.02
CA VAL I 2 -13.29 -12.17 22.16
C VAL I 2 -12.17 -12.69 21.26
N GLY I 3 -11.47 -11.78 20.61
CA GLY I 3 -10.46 -12.16 19.65
C GLY I 3 -10.97 -11.99 18.23
N ILE I 4 -10.05 -11.67 17.32
CA ILE I 4 -10.46 -11.34 15.95
C ILE I 4 -10.82 -12.58 15.14
N GLY I 5 -10.28 -13.75 15.49
CA GLY I 5 -10.51 -14.96 14.75
C GLY I 5 -11.51 -15.89 15.39
N ALA I 6 -12.24 -15.43 16.41
CA ALA I 6 -13.16 -16.28 17.14
C ALA I 6 -14.34 -16.71 16.29
N VAL I 7 -14.74 -17.96 16.49
CA VAL I 7 -15.99 -18.50 15.98
C VAL I 7 -16.66 -19.20 17.16
N PHE I 8 -17.99 -19.21 17.15
CA PHE I 8 -18.74 -19.88 18.20
C PHE I 8 -20.07 -20.34 17.60
N GLN J 1 -8.92 31.10 -22.39
CA GLN J 1 -8.66 31.17 -20.96
C GLN J 1 -7.79 29.98 -20.51
N VAL J 2 -6.89 30.21 -19.56
CA VAL J 2 -6.03 29.15 -19.03
C VAL J 2 -6.40 28.91 -17.57
N GLN J 3 -6.82 27.69 -17.26
CA GLN J 3 -7.31 27.42 -15.92
C GLN J 3 -7.14 25.96 -15.54
N LEU J 4 -7.11 25.74 -14.24
CA LEU J 4 -7.22 24.42 -13.62
C LEU J 4 -8.51 24.43 -12.80
N GLN J 5 -9.46 23.59 -13.19
CA GLN J 5 -10.76 23.58 -12.52
C GLN J 5 -10.77 22.41 -11.54
N GLN J 6 -10.79 22.73 -10.25
CA GLN J 6 -10.75 21.70 -9.23
C GLN J 6 -12.15 21.33 -8.77
N SER J 7 -12.30 20.07 -8.36
CA SER J 7 -13.59 19.57 -7.90
C SER J 7 -14.01 20.26 -6.60
N GLY J 8 -15.30 20.13 -6.28
CA GLY J 8 -15.90 20.88 -5.21
C GLY J 8 -15.54 20.38 -3.82
N THR J 9 -16.02 21.13 -2.83
CA THR J 9 -15.77 20.84 -1.43
C THR J 9 -16.16 19.41 -1.09
N GLU J 10 -15.33 18.75 -0.28
CA GLU J 10 -15.58 17.37 0.14
C GLU J 10 -15.86 17.32 1.63
N LEU J 11 -17.06 16.85 1.99
CA LEU J 11 -17.44 16.55 3.36
C LEU J 11 -17.42 15.03 3.52
N VAL J 12 -16.45 14.52 4.26
CA VAL J 12 -16.15 13.10 4.25
C VAL J 12 -15.94 12.56 5.67
N TRP J 13 -16.29 11.27 5.86
CA TRP J 13 -16.18 10.60 7.13
C TRP J 13 -14.75 10.12 7.36
N PRO J 14 -14.30 10.10 8.62
CA PRO J 14 -12.95 9.59 8.91
C PRO J 14 -12.80 8.13 8.48
N GLY J 15 -11.59 7.79 8.04
CA GLY J 15 -11.28 6.44 7.62
C GLY J 15 -11.66 6.12 6.19
N THR J 16 -12.50 6.93 5.56
CA THR J 16 -12.83 6.74 4.15
C THR J 16 -11.75 7.32 3.26
N SER J 17 -11.95 7.20 1.95
CA SER J 17 -11.04 7.75 0.97
C SER J 17 -11.80 8.67 0.02
N VAL J 18 -11.07 9.57 -0.63
CA VAL J 18 -11.70 10.57 -1.49
C VAL J 18 -10.83 10.82 -2.71
N THR J 19 -11.49 11.16 -3.82
CA THR J 19 -10.82 11.51 -5.07
C THR J 19 -11.01 13.00 -5.36
N LEU J 20 -9.90 13.70 -5.54
CA LEU J 20 -9.90 15.10 -5.95
C LEU J 20 -9.49 15.19 -7.43
N SER J 21 -10.16 16.06 -8.16
CA SER J 21 -9.90 16.20 -9.59
C SER J 21 -9.45 17.61 -9.91
N CYS J 22 -8.58 17.71 -10.90
CA CYS J 22 -8.04 18.98 -11.36
C CYS J 22 -8.05 18.93 -12.88
N LYS J 23 -8.97 19.66 -13.52
CA LYS J 23 -9.14 19.53 -14.97
C LYS J 23 -8.48 20.71 -15.67
N ALA J 24 -7.55 20.41 -16.57
CA ALA J 24 -6.83 21.45 -17.30
C ALA J 24 -7.68 21.94 -18.46
N SER J 25 -7.65 23.25 -18.66
CA SER J 25 -8.49 23.89 -19.67
C SER J 25 -7.71 25.03 -20.30
N GLY J 26 -7.77 25.12 -21.63
CA GLY J 26 -7.17 26.25 -22.32
C GLY J 26 -5.68 26.14 -22.56
N TYR J 27 -5.07 24.98 -22.33
CA TYR J 27 -3.67 24.76 -22.66
C TYR J 27 -3.48 23.27 -22.92
N THR J 28 -2.27 22.87 -23.28
CA THR J 28 -2.00 21.48 -23.62
C THR J 28 -1.59 20.73 -22.35
N PHE J 29 -2.47 19.84 -21.89
CA PHE J 29 -2.29 19.11 -20.63
C PHE J 29 -0.94 18.43 -20.53
N THR J 30 -0.52 17.77 -21.60
CA THR J 30 0.70 16.97 -21.55
C THR J 30 1.98 17.79 -21.72
N ASP J 31 1.89 19.11 -21.90
CA ASP J 31 3.10 19.92 -21.93
C ASP J 31 3.56 20.36 -20.53
N TYR J 32 2.79 20.08 -19.48
CA TYR J 32 3.10 20.58 -18.14
C TYR J 32 2.95 19.47 -17.11
N GLU J 33 3.80 19.50 -16.08
CA GLU J 33 3.59 18.69 -14.89
C GLU J 33 2.44 19.27 -14.07
N ILE J 34 1.82 18.42 -13.24
CA ILE J 34 0.79 18.84 -12.29
C ILE J 34 1.35 18.59 -10.90
N HIS J 35 1.41 19.63 -10.09
CA HIS J 35 1.88 19.55 -8.72
C HIS J 35 0.72 19.84 -7.79
N TRP J 36 0.74 19.19 -6.62
CA TRP J 36 -0.31 19.31 -5.63
C TRP J 36 0.24 19.89 -4.34
N VAL J 37 -0.51 20.79 -3.72
CA VAL J 37 -0.06 21.51 -2.54
C VAL J 37 -1.18 21.47 -1.49
N LYS J 38 -0.79 21.22 -0.25
CA LYS J 38 -1.71 21.21 0.86
C LYS J 38 -1.50 22.49 1.67
N GLN J 39 -2.60 23.13 2.07
CA GLN J 39 -2.57 24.38 2.82
C GLN J 39 -3.35 24.21 4.12
N THR J 40 -2.70 24.43 5.26
CA THR J 40 -3.35 24.40 6.55
C THR J 40 -2.86 25.56 7.39
N PRO J 41 -3.63 25.99 8.39
CA PRO J 41 -3.10 26.98 9.34
C PRO J 41 -1.84 26.51 10.03
N VAL J 42 -1.78 25.24 10.42
CA VAL J 42 -0.68 24.76 11.25
C VAL J 42 0.59 24.56 10.44
N HIS J 43 0.50 23.95 9.26
CA HIS J 43 1.69 23.66 8.49
C HIS J 43 1.96 24.62 7.34
N GLY J 44 1.13 25.64 7.14
CA GLY J 44 1.34 26.50 5.98
C GLY J 44 1.14 25.72 4.69
N LEU J 45 2.01 25.97 3.70
CA LEU J 45 1.94 25.26 2.43
C LEU J 45 2.92 24.11 2.43
N GLU J 46 2.48 22.97 1.92
CA GLU J 46 3.27 21.77 1.85
C GLU J 46 3.19 21.20 0.45
N TRP J 47 4.34 20.81 -0.10
CA TRP J 47 4.37 20.16 -1.41
C TRP J 47 4.10 18.68 -1.20
N ILE J 48 3.02 18.18 -1.81
CA ILE J 48 2.63 16.77 -1.66
C ILE J 48 3.41 15.90 -2.62
N GLY J 49 3.51 16.33 -3.87
CA GLY J 49 4.03 15.52 -4.94
C GLY J 49 3.61 16.07 -6.29
N ALA J 50 3.98 15.34 -7.35
CA ALA J 50 3.71 15.79 -8.70
C ALA J 50 3.60 14.58 -9.63
N ILE J 51 3.02 14.82 -10.79
CA ILE J 51 2.93 13.81 -11.83
C ILE J 51 3.29 14.44 -13.17
N VAL J 52 3.92 13.66 -14.03
CA VAL J 52 4.17 14.06 -15.42
C VAL J 52 3.08 13.41 -16.27
N PRO J 53 2.10 14.17 -16.76
CA PRO J 53 1.00 13.55 -17.53
C PRO J 53 1.46 12.76 -18.76
N LYS J 54 2.55 13.17 -19.40
CA LYS J 54 3.00 12.47 -20.61
C LYS J 54 3.46 11.04 -20.29
N THR J 55 4.23 10.87 -19.21
CA THR J 55 4.78 9.56 -18.88
C THR J 55 4.08 8.84 -17.73
N GLY J 56 3.17 9.49 -17.01
CA GLY J 56 2.68 8.88 -15.78
C GLY J 56 3.70 8.81 -14.66
N TYR J 57 4.89 9.39 -14.83
CA TYR J 57 5.88 9.36 -13.76
C TYR J 57 5.44 10.25 -12.60
N THR J 58 5.62 9.77 -11.36
CA THR J 58 5.23 10.50 -10.16
C THR J 58 6.40 10.60 -9.18
N ALA J 59 6.36 11.62 -8.34
CA ALA J 59 7.28 11.77 -7.22
C ALA J 59 6.51 12.34 -6.04
N TYR J 60 6.82 11.88 -4.83
CA TYR J 60 6.05 12.26 -3.65
C TYR J 60 6.98 12.78 -2.58
N ASN J 61 6.50 13.79 -1.89
CA ASN J 61 7.01 14.07 -0.57
C ASN J 61 6.80 12.83 0.30
N GLN J 62 7.88 12.30 0.88
CA GLN J 62 7.81 11.02 1.60
C GLN J 62 6.76 11.07 2.69
N LYS J 63 6.50 12.27 3.24
CA LYS J 63 5.47 12.45 4.26
C LYS J 63 4.09 12.04 3.78
N PHE J 64 3.80 12.23 2.49
CA PHE J 64 2.48 11.90 1.96
C PHE J 64 2.44 10.55 1.24
N ARG J 65 3.54 9.81 1.21
CA ARG J 65 3.51 8.52 0.56
C ARG J 65 2.59 7.57 1.29
N GLY J 66 1.69 6.95 0.56
CA GLY J 66 0.66 6.14 1.16
C GLY J 66 -0.59 6.90 1.55
N LYS J 67 -0.50 8.20 1.77
CA LYS J 67 -1.67 9.05 1.98
C LYS J 67 -2.27 9.51 0.65
N ALA J 68 -1.42 9.93 -0.28
CA ALA J 68 -1.86 10.55 -1.52
C ALA J 68 -1.46 9.67 -2.69
N ILE J 69 -2.36 9.49 -3.66
CA ILE J 69 -2.02 8.80 -4.89
C ILE J 69 -2.39 9.69 -6.07
N LEU J 70 -1.41 10.00 -6.91
CA LEU J 70 -1.59 10.93 -8.02
C LEU J 70 -1.73 10.16 -9.33
N THR J 71 -2.72 10.51 -10.14
CA THR J 71 -2.86 9.96 -11.48
C THR J 71 -3.16 11.09 -12.45
N ALA J 72 -3.04 10.78 -13.74
CA ALA J 72 -3.34 11.74 -14.80
C ALA J 72 -4.07 11.03 -15.91
N ASP J 73 -5.12 11.64 -16.40
CA ASP J 73 -5.88 11.06 -17.49
C ASP J 73 -5.66 11.94 -18.72
N LYS J 74 -4.89 11.44 -19.68
CA LYS J 74 -4.57 12.26 -20.85
C LYS J 74 -5.82 12.56 -21.66
N SER J 75 -6.67 11.55 -21.89
CA SER J 75 -7.80 11.74 -22.79
C SER J 75 -8.79 12.78 -22.26
N SER J 76 -8.93 12.90 -20.95
CA SER J 76 -9.78 13.92 -20.37
C SER J 76 -9.02 15.14 -19.84
N SER J 77 -7.71 15.20 -20.05
CA SER J 77 -6.88 16.31 -19.55
C SER J 77 -7.15 16.60 -18.08
N THR J 78 -7.26 15.54 -17.27
CA THR J 78 -7.60 15.66 -15.85
C THR J 78 -6.56 14.92 -15.01
N ALA J 79 -6.08 15.57 -13.96
CA ALA J 79 -5.24 14.93 -12.96
C ALA J 79 -6.07 14.62 -11.71
N TYR J 80 -5.75 13.52 -11.05
CA TYR J 80 -6.47 13.10 -9.87
C TYR J 80 -5.55 12.92 -8.67
N MET J 81 -6.09 13.20 -7.49
CA MET J 81 -5.41 12.83 -6.25
C MET J 81 -6.40 12.08 -5.38
N ASP J 82 -6.07 10.83 -5.09
CA ASP J 82 -6.78 10.07 -4.07
C ASP J 82 -6.13 10.34 -2.72
N LEU J 83 -6.95 10.70 -1.73
CA LEU J 83 -6.50 10.80 -0.35
C LEU J 83 -7.14 9.63 0.42
N ARG J 84 -6.30 8.85 1.10
CA ARG J 84 -6.72 7.58 1.69
C ARG J 84 -6.77 7.63 3.21
N ARG J 85 -7.71 6.87 3.78
CA ARG J 85 -7.80 6.66 5.24
C ARG J 85 -7.75 7.99 5.98
N LEU J 86 -8.78 8.79 5.72
CA LEU J 86 -8.78 10.18 6.14
C LEU J 86 -8.86 10.28 7.66
N THR J 87 -8.06 11.17 8.21
CA THR J 87 -8.13 11.60 9.61
C THR J 87 -8.28 13.10 9.62
N SER J 88 -8.39 13.62 10.84
CA SER J 88 -8.55 15.05 11.03
C SER J 88 -7.35 15.83 10.53
N GLU J 89 -6.15 15.26 10.57
CA GLU J 89 -4.99 15.95 10.03
C GLU J 89 -5.06 16.14 8.52
N ASP J 90 -5.94 15.43 7.82
CA ASP J 90 -6.07 15.61 6.38
C ASP J 90 -7.05 16.73 6.01
N SER J 91 -7.77 17.29 6.97
CA SER J 91 -8.64 18.42 6.66
C SER J 91 -7.78 19.62 6.26
N ALA J 92 -8.09 20.21 5.11
CA ALA J 92 -7.23 21.22 4.51
C ALA J 92 -7.81 21.75 3.20
N VAL J 93 -7.14 22.73 2.60
CA VAL J 93 -7.36 23.11 1.21
C VAL J 93 -6.24 22.52 0.35
N TYR J 94 -6.62 21.85 -0.72
CA TYR J 94 -5.66 21.21 -1.60
C TYR J 94 -5.67 21.93 -2.96
N TYR J 95 -4.49 22.33 -3.42
CA TYR J 95 -4.34 23.00 -4.70
C TYR J 95 -3.63 22.11 -5.71
N CYS J 96 -4.03 22.20 -6.97
CA CYS J 96 -3.17 21.75 -8.06
C CYS J 96 -2.61 22.97 -8.78
N THR J 97 -1.43 22.81 -9.37
CA THR J 97 -0.80 23.89 -10.12
C THR J 97 0.06 23.24 -11.19
N ARG J 98 0.36 24.00 -12.25
CA ARG J 98 1.07 23.40 -13.39
C ARG J 98 2.52 23.87 -13.40
N LEU J 99 3.39 23.03 -13.97
CA LEU J 99 4.79 23.39 -14.08
C LEU J 99 5.35 22.91 -15.42
N ARG J 100 5.85 23.84 -16.21
CA ARG J 100 6.73 23.52 -17.32
C ARG J 100 8.15 23.49 -16.77
N ASN J 101 8.92 22.46 -17.15
CA ASN J 101 10.25 22.28 -16.60
C ASN J 101 11.09 23.55 -16.70
N TYR J 102 11.72 23.92 -15.59
CA TYR J 102 12.57 25.11 -15.39
C TYR J 102 11.80 26.43 -15.31
N TRP J 103 10.48 26.41 -15.45
CA TRP J 103 9.60 27.56 -15.28
C TRP J 103 9.10 27.56 -13.83
N TYR J 104 7.82 27.85 -13.61
CA TYR J 104 7.34 28.09 -12.25
C TYR J 104 5.85 27.79 -12.20
N PHE J 105 5.27 27.88 -10.99
CA PHE J 105 3.84 27.62 -10.84
C PHE J 105 3.13 28.93 -11.13
N ASP J 106 2.72 29.12 -12.38
CA ASP J 106 2.03 30.35 -12.78
C ASP J 106 0.53 30.26 -12.57
N VAL J 107 -0.04 29.10 -12.89
CA VAL J 107 -1.48 28.88 -12.85
C VAL J 107 -1.80 27.88 -11.77
N TRP J 108 -2.77 28.21 -10.93
CA TRP J 108 -3.21 27.38 -9.83
C TRP J 108 -4.71 27.15 -9.97
N GLY J 109 -5.18 25.99 -9.51
CA GLY J 109 -6.60 25.83 -9.29
C GLY J 109 -7.05 26.68 -8.13
N THR J 110 -8.36 26.77 -7.93
CA THR J 110 -8.88 27.56 -6.82
C THR J 110 -8.95 26.77 -5.52
N GLY J 111 -8.54 25.50 -5.54
CA GLY J 111 -8.39 24.75 -4.32
C GLY J 111 -9.63 24.00 -3.95
N THR J 112 -9.45 22.80 -3.39
CA THR J 112 -10.56 21.97 -2.94
C THR J 112 -10.45 21.86 -1.42
N THR J 113 -11.49 22.29 -0.72
CA THR J 113 -11.56 22.12 0.72
C THR J 113 -11.99 20.71 1.04
N VAL J 114 -11.21 20.03 1.88
CA VAL J 114 -11.54 18.71 2.40
C VAL J 114 -11.80 18.86 3.89
N THR J 115 -12.99 18.42 4.33
CA THR J 115 -13.43 18.51 5.73
C THR J 115 -13.70 17.11 6.25
N VAL J 116 -12.87 16.64 7.20
CA VAL J 116 -13.04 15.30 7.73
C VAL J 116 -13.83 15.42 9.03
N SER J 117 -15.05 14.89 9.04
CA SER J 117 -15.87 14.87 10.24
C SER J 117 -16.81 13.66 10.23
N PRO J 118 -17.07 13.06 11.39
CA PRO J 118 -18.05 11.96 11.44
C PRO J 118 -19.48 12.42 11.24
N ALA J 119 -19.75 13.71 11.30
CA ALA J 119 -21.11 14.22 11.35
C ALA J 119 -21.81 14.17 9.99
N SER J 120 -23.12 14.46 10.03
CA SER J 120 -23.99 14.66 8.89
C SER J 120 -24.68 16.01 9.03
N THR J 121 -25.35 16.46 7.97
CA THR J 121 -25.96 17.80 7.96
C THR J 121 -26.84 18.00 9.18
N LYS J 122 -26.58 19.08 9.92
CA LYS J 122 -27.34 19.37 11.12
C LYS J 122 -27.43 20.88 11.33
N GLY J 123 -28.62 21.33 11.70
CA GLY J 123 -28.85 22.73 11.98
C GLY J 123 -28.35 23.13 13.36
N PRO J 124 -28.01 24.40 13.49
CA PRO J 124 -27.42 24.88 14.75
C PRO J 124 -28.44 25.09 15.85
N SER J 125 -27.97 25.02 17.09
CA SER J 125 -28.64 25.57 18.25
C SER J 125 -28.06 26.94 18.55
N VAL J 126 -28.90 27.90 18.94
CA VAL J 126 -28.46 29.26 19.20
C VAL J 126 -28.74 29.61 20.66
N PHE J 127 -27.68 29.96 21.39
CA PHE J 127 -27.79 30.30 22.80
C PHE J 127 -27.33 31.73 23.04
N PRO J 128 -27.89 32.41 24.03
CA PRO J 128 -27.48 33.79 24.31
C PRO J 128 -26.14 33.84 25.03
N LEU J 129 -25.36 34.87 24.70
CA LEU J 129 -24.21 35.26 25.51
C LEU J 129 -24.65 36.50 26.26
N ALA J 130 -24.93 36.34 27.56
CA ALA J 130 -25.77 37.36 28.19
C ALA J 130 -24.94 38.40 28.92
N PRO J 131 -25.26 39.69 28.69
CA PRO J 131 -24.68 40.83 29.40
C PRO J 131 -25.06 40.82 30.88
N GLY J 139 -20.99 53.70 27.91
CA GLY J 139 -20.13 52.69 28.49
C GLY J 139 -19.76 51.60 27.49
N THR J 140 -19.32 50.46 28.00
CA THR J 140 -18.94 49.32 27.16
C THR J 140 -19.55 48.04 27.73
N ALA J 141 -20.45 47.42 26.97
CA ALA J 141 -21.17 46.23 27.40
C ALA J 141 -21.00 45.13 26.36
N ALA J 142 -20.83 43.89 26.83
CA ALA J 142 -20.57 42.76 25.94
C ALA J 142 -21.74 41.79 25.93
N LEU J 143 -22.20 41.44 24.72
CA LEU J 143 -23.27 40.48 24.50
C LEU J 143 -22.98 39.70 23.23
N GLY J 144 -23.67 38.58 23.05
CA GLY J 144 -23.44 37.81 21.85
C GLY J 144 -24.48 36.73 21.64
N CYS J 145 -24.24 35.93 20.59
CA CYS J 145 -25.00 34.73 20.26
C CYS J 145 -24.03 33.58 20.09
N LEU J 146 -24.38 32.43 20.65
CA LEU J 146 -23.57 31.23 20.51
C LEU J 146 -24.28 30.28 19.56
N VAL J 147 -23.63 29.98 18.43
CA VAL J 147 -24.18 29.13 17.38
C VAL J 147 -23.50 27.78 17.48
N LYS J 148 -24.19 26.78 18.00
CA LYS J 148 -23.55 25.54 18.43
C LYS J 148 -24.09 24.33 17.68
N ASP J 149 -23.19 23.37 17.43
CA ASP J 149 -23.55 22.02 16.99
C ASP J 149 -24.22 21.99 15.61
N TYR J 150 -23.60 22.65 14.64
CA TYR J 150 -24.12 22.59 13.28
C TYR J 150 -23.09 21.98 12.35
N PHE J 151 -23.57 21.46 11.23
CA PHE J 151 -22.68 20.97 10.18
C PHE J 151 -23.41 21.04 8.83
N PRO J 152 -22.68 21.41 7.76
CA PRO J 152 -21.32 21.94 7.67
C PRO J 152 -21.31 23.46 7.72
N GLU J 153 -20.14 24.06 7.52
CA GLU J 153 -20.08 25.50 7.27
C GLU J 153 -20.76 25.83 5.94
N PRO J 154 -21.13 27.11 5.75
CA PRO J 154 -21.08 28.18 6.75
C PRO J 154 -22.39 28.43 7.49
N VAL J 155 -22.30 29.36 8.43
CA VAL J 155 -23.46 30.07 8.95
C VAL J 155 -23.20 31.54 8.66
N THR J 156 -24.27 32.27 8.37
CA THR J 156 -24.17 33.72 8.25
C THR J 156 -24.82 34.35 9.47
N VAL J 157 -24.19 35.39 9.99
CA VAL J 157 -24.70 36.13 11.15
C VAL J 157 -24.63 37.61 10.84
N SER J 158 -25.75 38.30 11.03
CA SER J 158 -25.79 39.73 11.11
C SER J 158 -26.55 40.07 12.38
N TRP J 159 -26.30 41.24 12.95
CA TRP J 159 -27.00 41.66 14.15
C TRP J 159 -27.99 42.76 13.77
N ASN J 160 -29.23 42.57 14.20
CA ASN J 160 -30.34 43.47 13.88
C ASN J 160 -30.41 43.73 12.38
N SER J 161 -30.43 42.64 11.62
CA SER J 161 -30.59 42.60 10.16
C SER J 161 -29.57 43.46 9.41
N GLY J 162 -28.37 43.60 9.94
CA GLY J 162 -27.35 44.36 9.24
C GLY J 162 -27.38 45.85 9.50
N ALA J 163 -28.32 46.33 10.30
CA ALA J 163 -28.32 47.74 10.66
C ALA J 163 -27.15 48.04 11.58
N LEU J 164 -26.72 47.07 12.38
CA LEU J 164 -25.60 47.22 13.30
C LEU J 164 -24.40 46.53 12.67
N THR J 165 -23.51 47.31 12.06
CA THR J 165 -22.25 46.80 11.57
C THR J 165 -21.07 47.12 12.47
N SER J 166 -21.22 48.08 13.40
CA SER J 166 -20.09 48.59 14.17
C SER J 166 -19.94 47.80 15.47
N GLY J 167 -18.71 47.38 15.75
CA GLY J 167 -18.41 46.60 16.92
C GLY J 167 -18.75 45.13 16.84
N VAL J 168 -19.19 44.63 15.68
CA VAL J 168 -19.53 43.22 15.55
C VAL J 168 -18.25 42.44 15.26
N HIS J 169 -18.02 41.39 16.02
CA HIS J 169 -16.97 40.42 15.73
C HIS J 169 -17.59 39.03 15.76
N THR J 170 -17.65 38.36 14.62
CA THR J 170 -18.09 36.99 14.55
C THR J 170 -16.86 36.10 14.36
N PHE J 171 -16.67 35.13 15.25
CA PHE J 171 -15.44 34.37 15.31
C PHE J 171 -15.47 33.20 14.33
N PRO J 172 -14.30 32.73 13.91
CA PRO J 172 -14.26 31.49 13.12
C PRO J 172 -14.83 30.34 13.93
N ALA J 173 -15.59 29.48 13.27
CA ALA J 173 -16.11 28.29 13.92
C ALA J 173 -14.96 27.37 14.34
N VAL J 174 -15.20 26.61 15.39
CA VAL J 174 -14.29 25.56 15.84
C VAL J 174 -15.00 24.23 15.65
N LEU J 175 -14.25 23.20 15.25
CA LEU J 175 -14.77 21.85 15.07
C LEU J 175 -14.56 21.05 16.34
N GLN J 176 -15.65 20.62 16.98
CA GLN J 176 -15.53 19.88 18.22
C GLN J 176 -15.26 18.40 17.93
N SER J 177 -14.97 17.65 18.99
CA SER J 177 -14.67 16.22 18.83
C SER J 177 -15.90 15.43 18.40
N SER J 178 -17.11 15.96 18.62
CA SER J 178 -18.30 15.34 18.10
C SER J 178 -18.37 15.39 16.58
N GLY J 179 -17.54 16.21 15.94
CA GLY J 179 -17.66 16.45 14.53
C GLY J 179 -18.56 17.60 14.15
N LEU J 180 -19.08 18.33 15.13
CA LEU J 180 -19.95 19.47 14.90
C LEU J 180 -19.22 20.78 15.19
N TYR J 181 -19.59 21.82 14.44
CA TYR J 181 -19.02 23.14 14.60
C TYR J 181 -19.70 23.93 15.70
N SER J 182 -18.96 24.89 16.25
CA SER J 182 -19.49 25.87 17.18
C SER J 182 -18.87 27.22 16.85
N LEU J 183 -19.70 28.27 16.81
CA LEU J 183 -19.27 29.59 16.38
C LEU J 183 -19.93 30.64 17.26
N SER J 184 -19.18 31.69 17.58
CA SER J 184 -19.73 32.81 18.36
C SER J 184 -19.66 34.10 17.56
N SER J 185 -20.66 34.95 17.75
CA SER J 185 -20.71 36.27 17.17
C SER J 185 -21.13 37.25 18.26
N VAL J 186 -20.40 38.35 18.40
CA VAL J 186 -20.61 39.33 19.46
C VAL J 186 -20.53 40.74 18.88
N VAL J 187 -21.15 41.68 19.59
CA VAL J 187 -21.10 43.10 19.25
C VAL J 187 -21.05 43.91 20.53
N THR J 188 -20.22 44.96 20.54
CA THR J 188 -20.09 45.84 21.69
C THR J 188 -20.95 47.08 21.53
N VAL J 189 -21.63 47.43 22.63
CA VAL J 189 -22.64 48.48 22.64
C VAL J 189 -22.57 49.19 23.99
N PRO J 190 -22.98 50.47 24.04
CA PRO J 190 -22.95 51.17 25.34
C PRO J 190 -23.88 50.55 26.36
N SER J 191 -23.33 50.38 27.57
CA SER J 191 -24.07 49.78 28.69
C SER J 191 -25.32 50.58 29.06
N SER J 192 -25.33 51.89 28.80
CA SER J 192 -26.51 52.70 29.12
C SER J 192 -27.73 52.17 28.38
N SER J 193 -27.53 51.66 27.16
CA SER J 193 -28.58 51.21 26.25
C SER J 193 -29.06 49.79 26.55
N LEU J 194 -28.62 49.19 27.66
CA LEU J 194 -28.96 47.80 27.98
C LEU J 194 -30.47 47.54 27.93
N GLY J 195 -31.26 48.43 28.51
CA GLY J 195 -32.69 48.21 28.66
C GLY J 195 -33.52 48.68 27.49
N THR J 196 -33.02 49.70 26.78
CA THR J 196 -33.77 50.37 25.72
C THR J 196 -33.60 49.68 24.37
N GLN J 197 -32.38 49.61 23.85
CA GLN J 197 -32.13 49.06 22.52
C GLN J 197 -32.24 47.55 22.51
N THR J 198 -32.83 47.02 21.44
CA THR J 198 -33.01 45.59 21.27
C THR J 198 -31.84 45.02 20.47
N TYR J 199 -31.41 43.81 20.83
CA TYR J 199 -30.29 43.17 20.16
C TYR J 199 -30.76 41.82 19.67
N ILE J 200 -30.78 41.64 18.35
CA ILE J 200 -31.21 40.39 17.73
C ILE J 200 -30.16 39.98 16.70
N CYS J 201 -29.65 38.76 16.84
CA CYS J 201 -28.78 38.17 15.84
C CYS J 201 -29.61 37.30 14.90
N ASN J 202 -29.36 37.43 13.61
CA ASN J 202 -30.02 36.62 12.59
C ASN J 202 -29.04 35.56 12.10
N VAL J 203 -29.36 34.29 12.35
CA VAL J 203 -28.49 33.16 12.06
C VAL J 203 -29.09 32.41 10.88
N ASN J 204 -28.27 32.15 9.86
CA ASN J 204 -28.72 31.43 8.68
C ASN J 204 -27.76 30.30 8.36
N HIS J 205 -28.26 29.07 8.39
CA HIS J 205 -27.51 27.90 7.95
C HIS J 205 -28.27 27.40 6.72
N LYS J 206 -27.72 27.69 5.54
CA LYS J 206 -28.44 27.32 4.32
C LYS J 206 -28.43 25.81 4.09
N PRO J 207 -27.32 25.08 4.29
CA PRO J 207 -27.37 23.61 4.10
C PRO J 207 -28.51 22.92 4.85
N SER J 208 -28.90 23.41 6.02
CA SER J 208 -30.07 22.89 6.71
C SER J 208 -31.29 23.76 6.52
N ASN J 209 -31.17 24.84 5.73
CA ASN J 209 -32.22 25.86 5.58
C ASN J 209 -32.77 26.31 6.93
N THR J 210 -31.86 26.57 7.86
CA THR J 210 -32.22 27.08 9.17
C THR J 210 -32.07 28.60 9.19
N LYS J 211 -33.12 29.27 9.65
CA LYS J 211 -33.13 30.70 9.91
C LYS J 211 -33.64 30.87 11.34
N VAL J 212 -32.83 31.46 12.21
CA VAL J 212 -33.20 31.56 13.62
C VAL J 212 -32.82 32.94 14.12
N ASP J 213 -33.76 33.60 14.77
CA ASP J 213 -33.55 34.86 15.48
C ASP J 213 -33.56 34.59 16.98
N LYS J 214 -32.61 35.16 17.71
CA LYS J 214 -32.50 34.91 19.14
C LYS J 214 -32.25 36.23 19.86
N LYS J 215 -33.06 36.48 20.89
CA LYS J 215 -32.99 37.70 21.68
C LYS J 215 -32.06 37.51 22.86
N VAL J 216 -31.18 38.48 23.07
CA VAL J 216 -30.23 38.44 24.17
C VAL J 216 -30.47 39.67 25.03
N GLU J 217 -30.94 39.46 26.25
CA GLU J 217 -31.24 40.49 27.23
C GLU J 217 -30.58 40.12 28.54
N PRO J 218 -30.39 41.09 29.46
CA PRO J 218 -29.82 40.73 30.75
C PRO J 218 -30.68 39.74 31.54
N ASP K 1 17.50 18.98 5.20
CA ASP K 1 17.43 18.46 3.85
C ASP K 1 16.63 19.40 2.97
N PHE K 2 17.23 20.54 2.65
CA PHE K 2 16.61 21.62 1.87
C PHE K 2 15.34 22.13 2.54
N LEU K 3 15.37 22.21 3.86
CA LEU K 3 14.35 22.97 4.56
C LEU K 3 14.63 24.46 4.38
N MET K 4 13.56 25.23 4.26
CA MET K 4 13.65 26.68 4.13
C MET K 4 13.25 27.29 5.47
N ALA K 5 14.17 28.04 6.08
CA ALA K 5 13.90 28.73 7.34
C ALA K 5 13.53 30.17 7.02
N GLN K 6 12.27 30.50 7.21
CA GLN K 6 11.72 31.80 6.86
C GLN K 6 11.45 32.59 8.13
N THR K 7 11.90 33.84 8.15
CA THR K 7 11.71 34.74 9.29
C THR K 7 11.34 36.14 8.80
N PRO K 8 10.59 36.90 9.61
CA PRO K 8 9.98 36.47 10.89
C PRO K 8 8.67 35.75 10.63
N LEU K 9 8.03 35.22 11.68
CA LEU K 9 6.74 34.57 11.48
C LEU K 9 5.65 35.58 11.11
N SER K 10 5.62 36.72 11.79
CA SER K 10 4.72 37.78 11.39
C SER K 10 5.52 39.08 11.33
N LEU K 11 5.16 39.93 10.37
CA LEU K 11 5.91 41.16 10.10
C LEU K 11 4.92 42.31 10.21
N PRO K 12 4.82 42.94 11.38
CA PRO K 12 3.99 44.13 11.52
C PRO K 12 4.59 45.26 10.70
N VAL K 13 3.76 45.92 9.91
CA VAL K 13 4.23 46.96 9.02
C VAL K 13 3.27 48.15 9.09
N SER K 14 3.80 49.34 8.82
CA SER K 14 2.98 50.50 8.56
C SER K 14 2.80 50.63 7.06
N LEU K 15 1.60 51.02 6.63
CA LEU K 15 1.38 51.23 5.21
C LEU K 15 2.36 52.29 4.69
N GLY K 16 2.91 52.04 3.50
CA GLY K 16 3.93 52.90 2.94
C GLY K 16 5.35 52.58 3.36
N ASP K 17 5.53 51.85 4.46
CA ASP K 17 6.83 51.44 4.96
C ASP K 17 7.39 50.29 4.12
N GLN K 18 8.69 50.04 4.27
CA GLN K 18 9.32 48.94 3.56
C GLN K 18 9.35 47.68 4.44
N ALA K 19 9.21 46.53 3.79
CA ALA K 19 9.21 45.25 4.48
C ALA K 19 10.26 44.34 3.84
N SER K 20 10.89 43.52 4.68
CA SER K 20 11.91 42.59 4.24
C SER K 20 11.64 41.24 4.88
N ILE K 21 11.55 40.22 4.05
CA ILE K 21 11.28 38.85 4.47
C ILE K 21 12.48 38.01 4.07
N SER K 22 12.98 37.20 5.00
CA SER K 22 14.22 36.48 4.81
C SER K 22 13.93 34.98 4.77
N CYS K 23 14.72 34.28 3.96
CA CYS K 23 14.57 32.84 3.79
C CYS K 23 15.98 32.25 3.66
N ARG K 24 16.28 31.24 4.47
CA ARG K 24 17.60 30.61 4.48
C ARG K 24 17.45 29.11 4.29
N SER K 25 18.24 28.57 3.36
CA SER K 25 18.19 27.14 3.05
C SER K 25 19.24 26.40 3.88
N SER K 26 18.90 25.16 4.25
CA SER K 26 19.84 24.35 5.03
C SER K 26 21.13 24.11 4.28
N GLN K 27 21.07 24.02 2.95
CA GLN K 27 22.26 23.95 2.12
C GLN K 27 21.99 24.68 0.82
N SER K 28 23.00 24.76 -0.04
CA SER K 28 22.88 25.51 -1.28
C SER K 28 21.75 24.96 -2.13
N ILE K 29 20.93 25.86 -2.67
CA ILE K 29 19.87 25.47 -3.57
C ILE K 29 20.19 25.79 -5.03
N VAL K 30 21.44 26.13 -5.35
CA VAL K 30 21.82 26.26 -6.76
C VAL K 30 21.66 24.90 -7.45
N TYR K 31 20.90 24.87 -8.53
CA TYR K 31 20.70 23.66 -9.31
C TYR K 31 21.92 23.41 -10.23
N SER K 32 22.04 22.17 -10.69
CA SER K 32 23.21 21.79 -11.47
C SER K 32 23.32 22.49 -12.83
N ASP K 33 22.28 23.20 -13.27
CA ASP K 33 22.41 24.01 -14.47
C ASP K 33 22.98 25.39 -14.16
N GLY K 34 23.34 25.65 -12.90
CA GLY K 34 23.83 26.95 -12.50
C GLY K 34 22.77 27.91 -12.03
N ASN K 35 21.49 27.64 -12.33
CA ASN K 35 20.40 28.48 -11.84
C ASN K 35 19.96 28.10 -10.43
N THR K 36 19.39 29.07 -9.73
CA THR K 36 18.84 28.86 -8.40
C THR K 36 17.34 29.01 -8.48
N TYR K 37 16.60 27.92 -8.22
CA TYR K 37 15.16 27.97 -8.39
C TYR K 37 14.58 28.26 -7.01
N LEU K 38 14.50 29.54 -6.70
CA LEU K 38 13.97 30.02 -5.43
C LEU K 38 12.85 30.96 -5.83
N GLU K 39 11.64 30.63 -5.40
CA GLU K 39 10.47 31.40 -5.79
C GLU K 39 9.78 31.95 -4.55
N TRP K 40 8.98 33.00 -4.77
CA TRP K 40 8.20 33.65 -3.72
C TRP K 40 6.73 33.68 -4.12
N TYR K 41 5.86 33.21 -3.23
CA TYR K 41 4.43 33.24 -3.47
C TYR K 41 3.76 34.03 -2.34
N LEU K 42 2.65 34.67 -2.67
CA LEU K 42 1.81 35.34 -1.69
C LEU K 42 0.46 34.65 -1.72
N GLN K 43 -0.08 34.35 -0.54
CA GLN K 43 -1.45 33.85 -0.44
C GLN K 43 -2.26 34.77 0.46
N ARG K 44 -3.26 35.39 -0.11
CA ARG K 44 -4.21 36.20 0.64
C ARG K 44 -5.36 35.32 1.11
N PRO K 45 -5.98 35.67 2.24
CA PRO K 45 -7.10 34.87 2.74
C PRO K 45 -8.18 34.70 1.68
N GLY K 46 -8.60 33.45 1.48
CA GLY K 46 -9.63 33.13 0.50
C GLY K 46 -9.19 33.03 -0.95
N GLN K 47 -7.89 33.14 -1.23
CA GLN K 47 -7.41 33.09 -2.60
C GLN K 47 -6.33 32.02 -2.73
N SER K 48 -6.13 31.54 -3.96
CA SER K 48 -5.03 30.63 -4.24
C SER K 48 -3.68 31.36 -4.17
N PRO K 49 -2.59 30.63 -3.96
CA PRO K 49 -1.27 31.27 -4.02
C PRO K 49 -1.03 31.93 -5.37
N LYS K 50 -0.16 32.96 -5.35
CA LYS K 50 0.15 33.73 -6.55
C LYS K 50 1.66 33.91 -6.63
N LEU K 51 2.21 33.65 -7.83
CA LEU K 51 3.65 33.75 -8.03
C LEU K 51 4.09 35.21 -8.05
N LEU K 52 5.15 35.52 -7.30
CA LEU K 52 5.75 36.86 -7.29
C LEU K 52 7.11 36.89 -7.96
N ILE K 53 8.06 36.09 -7.46
CA ILE K 53 9.45 36.10 -7.88
C ILE K 53 9.84 34.69 -8.29
N TYR K 54 10.65 34.57 -9.34
CA TYR K 54 11.27 33.30 -9.69
C TYR K 54 12.76 33.52 -9.95
N LYS K 55 13.53 32.43 -9.82
CA LYS K 55 14.99 32.46 -9.95
C LYS K 55 15.60 33.60 -9.12
N VAL K 56 15.11 33.72 -7.90
CA VAL K 56 15.59 34.56 -6.81
C VAL K 56 15.30 36.04 -7.02
N SER K 57 15.53 36.53 -8.23
CA SER K 57 15.44 37.96 -8.50
C SER K 57 14.41 38.38 -9.53
N ASN K 58 13.74 37.46 -10.21
CA ASN K 58 12.95 37.82 -11.38
C ASN K 58 11.49 37.92 -10.99
N ARG K 59 10.89 39.09 -11.19
CA ARG K 59 9.48 39.23 -10.87
C ARG K 59 8.63 38.73 -12.04
N PHE K 60 7.61 37.94 -11.70
CA PHE K 60 6.64 37.40 -12.65
C PHE K 60 5.83 38.50 -13.32
N SER K 61 5.36 38.20 -14.53
CA SER K 61 4.50 39.13 -15.27
C SER K 61 3.33 39.58 -14.41
N GLY K 62 3.12 40.90 -14.38
CA GLY K 62 2.04 41.49 -13.63
C GLY K 62 2.40 41.90 -12.22
N VAL K 63 3.51 41.42 -11.67
CA VAL K 63 3.88 41.76 -10.29
C VAL K 63 4.48 43.17 -10.28
N PRO K 64 3.99 44.07 -9.42
CA PRO K 64 4.49 45.45 -9.43
C PRO K 64 5.98 45.53 -9.09
N ASP K 65 6.57 46.67 -9.45
CA ASP K 65 7.99 46.91 -9.24
C ASP K 65 8.36 47.08 -7.77
N ARG K 66 7.36 47.26 -6.88
CA ARG K 66 7.66 47.36 -5.46
C ARG K 66 8.29 46.07 -4.95
N PHE K 67 7.98 44.95 -5.59
CA PHE K 67 8.49 43.66 -5.17
C PHE K 67 9.81 43.39 -5.87
N SER K 68 10.82 43.03 -5.09
CA SER K 68 12.09 42.61 -5.64
C SER K 68 12.65 41.51 -4.73
N GLY K 69 13.60 40.75 -5.25
CA GLY K 69 14.18 39.67 -4.46
C GLY K 69 15.65 39.53 -4.79
N SER K 70 16.39 38.99 -3.83
CA SER K 70 17.83 38.96 -3.93
C SER K 70 18.39 37.86 -3.03
N GLY K 71 19.62 37.51 -3.31
CA GLY K 71 20.40 36.61 -2.50
C GLY K 71 21.30 35.77 -3.38
N SER K 72 21.98 34.82 -2.75
CA SER K 72 22.63 33.74 -3.47
C SER K 72 22.92 32.62 -2.49
N GLY K 73 23.14 31.42 -3.02
CA GLY K 73 23.52 30.36 -2.12
C GLY K 73 22.40 29.96 -1.17
N THR K 74 22.60 30.20 0.11
CA THR K 74 21.65 29.85 1.16
C THR K 74 20.80 31.01 1.70
N ASP K 75 21.02 32.26 1.28
CA ASP K 75 20.36 33.42 1.89
C ASP K 75 19.58 34.19 0.85
N PHE K 76 18.30 34.46 1.15
CA PHE K 76 17.40 35.07 0.18
C PHE K 76 16.49 36.06 0.87
N THR K 77 16.16 37.14 0.17
CA THR K 77 15.35 38.21 0.73
C THR K 77 14.36 38.71 -0.30
N LEU K 78 13.10 38.82 0.11
CA LEU K 78 12.06 39.50 -0.66
C LEU K 78 11.83 40.86 -0.02
N ARG K 79 11.73 41.90 -0.85
CA ARG K 79 11.57 43.27 -0.37
C ARG K 79 10.34 43.89 -1.03
N ILE K 80 9.53 44.57 -0.23
CA ILE K 80 8.42 45.37 -0.73
C ILE K 80 8.75 46.81 -0.38
N SER K 81 9.03 47.62 -1.40
CA SER K 81 9.59 48.95 -1.14
C SER K 81 8.59 49.82 -0.38
N ARG K 82 7.34 49.88 -0.85
CA ARG K 82 6.29 50.60 -0.15
C ARG K 82 5.06 49.72 -0.10
N VAL K 83 4.65 49.35 1.11
CA VAL K 83 3.57 48.38 1.31
C VAL K 83 2.24 49.07 1.05
N GLU K 84 1.39 48.42 0.27
CA GLU K 84 0.04 48.90 0.02
C GLU K 84 -0.95 47.89 0.60
N ALA K 85 -2.23 48.26 0.58
CA ALA K 85 -3.26 47.43 1.22
C ALA K 85 -3.33 46.04 0.62
N GLU K 86 -3.10 45.91 -0.69
CA GLU K 86 -3.23 44.64 -1.39
C GLU K 86 -2.11 43.65 -1.07
N ASP K 87 -1.08 44.07 -0.34
CA ASP K 87 0.06 43.21 -0.07
C ASP K 87 -0.07 42.41 1.23
N LEU K 88 -1.08 42.66 2.06
CA LEU K 88 -1.21 41.93 3.32
C LEU K 88 -1.66 40.50 3.05
N GLY K 89 -1.10 39.57 3.81
CA GLY K 89 -1.30 38.15 3.61
C GLY K 89 -0.07 37.40 4.06
N ILE K 90 0.03 36.14 3.64
CA ILE K 90 1.15 35.29 4.04
C ILE K 90 2.03 35.00 2.82
N TYR K 91 3.30 35.34 2.95
CA TYR K 91 4.32 35.13 1.92
C TYR K 91 5.10 33.86 2.22
N TYR K 92 5.39 33.10 1.17
CA TYR K 92 6.13 31.85 1.28
C TYR K 92 7.26 31.86 0.25
N CYS K 93 8.48 31.60 0.72
CA CYS K 93 9.53 31.22 -0.21
C CYS K 93 9.36 29.76 -0.57
N PHE K 94 9.89 29.39 -1.73
CA PHE K 94 9.75 28.05 -2.25
C PHE K 94 11.04 27.63 -2.92
N GLN K 95 11.52 26.45 -2.56
CA GLN K 95 12.76 25.87 -3.07
C GLN K 95 12.37 24.84 -4.13
N GLY K 96 12.67 25.16 -5.39
CA GLY K 96 12.34 24.32 -6.53
C GLY K 96 13.51 23.62 -7.21
N SER K 97 14.65 23.55 -6.54
CA SER K 97 15.84 22.91 -7.07
C SER K 97 15.89 21.39 -6.84
N HIS K 98 15.47 20.91 -5.68
CA HIS K 98 15.72 19.51 -5.35
C HIS K 98 14.47 18.86 -4.76
N VAL K 99 14.13 17.70 -5.30
CA VAL K 99 12.96 16.95 -4.88
C VAL K 99 13.25 16.29 -3.53
N PRO K 100 12.31 16.33 -2.57
CA PRO K 100 11.01 16.99 -2.58
C PRO K 100 11.13 18.51 -2.45
N TYR K 101 10.33 19.25 -3.22
CA TYR K 101 10.32 20.69 -3.08
C TYR K 101 9.70 21.12 -1.75
N THR K 102 10.12 22.28 -1.26
CA THR K 102 9.78 22.70 0.10
C THR K 102 9.43 24.17 0.15
N PHE K 103 8.53 24.51 1.06
CA PHE K 103 8.13 25.87 1.30
C PHE K 103 8.75 26.36 2.60
N GLY K 104 9.04 27.65 2.67
CA GLY K 104 9.27 28.26 3.95
C GLY K 104 7.98 28.24 4.77
N GLY K 105 8.12 28.49 6.06
CA GLY K 105 6.99 28.43 6.99
C GLY K 105 6.00 29.57 6.87
N GLY K 106 6.31 30.59 6.09
CA GLY K 106 5.36 31.66 5.88
C GLY K 106 5.69 32.87 6.72
N THR K 107 5.33 34.04 6.20
CA THR K 107 5.43 35.29 6.95
C THR K 107 4.13 36.03 6.77
N LYS K 108 3.45 36.33 7.87
CA LYS K 108 2.20 37.06 7.82
C LYS K 108 2.55 38.54 7.80
N LEU K 109 2.25 39.21 6.70
CA LEU K 109 2.42 40.65 6.63
C LEU K 109 1.18 41.29 7.22
N GLU K 110 1.35 42.12 8.26
CA GLU K 110 0.23 42.69 9.00
C GLU K 110 0.50 44.16 9.31
N ILE K 111 -0.52 44.80 9.87
CA ILE K 111 -0.46 46.22 10.24
C ILE K 111 0.10 46.35 11.65
N LYS K 112 1.05 47.27 11.82
CA LYS K 112 1.69 47.51 13.12
C LYS K 112 0.99 48.67 13.80
N ARG K 113 0.76 48.55 15.11
CA ARG K 113 0.33 49.68 15.95
C ARG K 113 0.64 49.36 17.41
N THR K 114 0.09 50.19 18.30
CA THR K 114 0.48 50.20 19.71
C THR K 114 -0.14 49.04 20.47
N VAL K 115 0.56 48.61 21.52
CA VAL K 115 0.04 47.56 22.40
C VAL K 115 -1.29 48.02 22.98
N ALA K 116 -2.27 47.12 22.97
CA ALA K 116 -3.58 47.38 23.55
C ALA K 116 -4.02 46.17 24.35
N ALA K 117 -4.39 46.39 25.61
CA ALA K 117 -4.80 45.29 26.44
C ALA K 117 -6.18 44.79 26.00
N PRO K 118 -6.48 43.51 26.22
CA PRO K 118 -7.82 43.03 25.89
C PRO K 118 -8.86 43.50 26.90
N SER K 119 -10.06 43.79 26.39
CA SER K 119 -11.23 43.85 27.25
C SER K 119 -11.76 42.42 27.38
N VAL K 120 -11.83 41.92 28.60
CA VAL K 120 -12.12 40.51 28.83
C VAL K 120 -13.51 40.41 29.43
N PHE K 121 -14.25 39.40 28.99
CA PHE K 121 -15.60 39.13 29.47
C PHE K 121 -15.75 37.63 29.56
N ILE K 122 -16.44 37.16 30.59
CA ILE K 122 -16.74 35.75 30.75
C ILE K 122 -18.26 35.61 30.78
N PHE K 123 -18.78 34.65 30.03
CA PHE K 123 -20.20 34.39 29.91
C PHE K 123 -20.49 33.01 30.47
N PRO K 124 -21.31 32.89 31.50
CA PRO K 124 -21.75 31.57 31.99
C PRO K 124 -22.61 30.87 30.96
N PRO K 125 -22.78 29.55 31.10
CA PRO K 125 -23.71 28.83 30.20
C PRO K 125 -25.16 29.25 30.44
N SER K 126 -25.93 29.31 29.36
CA SER K 126 -27.35 29.62 29.46
C SER K 126 -28.15 28.43 29.99
N ASP K 127 -29.29 28.73 30.60
CA ASP K 127 -30.21 27.68 31.04
C ASP K 127 -30.76 26.89 29.85
N GLU K 128 -31.04 27.58 28.74
CA GLU K 128 -31.49 26.88 27.53
C GLU K 128 -30.51 25.77 27.15
N GLN K 129 -29.21 26.08 27.16
CA GLN K 129 -28.21 25.08 26.80
C GLN K 129 -28.17 23.96 27.83
N LEU K 130 -28.31 24.30 29.12
CA LEU K 130 -28.31 23.25 30.14
C LEU K 130 -29.50 22.31 29.97
N LYS K 131 -30.54 22.72 29.25
CA LYS K 131 -31.56 21.75 28.90
C LYS K 131 -31.01 20.64 27.98
N SER K 132 -29.87 20.87 27.32
CA SER K 132 -29.33 19.90 26.37
C SER K 132 -28.28 18.98 26.99
N GLY K 133 -27.92 19.18 28.26
CA GLY K 133 -27.00 18.29 28.94
C GLY K 133 -25.55 18.72 28.92
N THR K 134 -25.20 19.75 28.16
CA THR K 134 -23.84 20.24 28.11
C THR K 134 -23.81 21.71 28.52
N ALA K 135 -22.67 22.15 29.05
CA ALA K 135 -22.43 23.54 29.42
C ALA K 135 -21.20 24.07 28.71
N SER K 136 -21.35 25.20 28.06
CA SER K 136 -20.26 25.92 27.43
C SER K 136 -20.07 27.22 28.17
N VAL K 137 -18.85 27.44 28.67
CA VAL K 137 -18.44 28.71 29.28
C VAL K 137 -17.55 29.43 28.29
N VAL K 138 -17.85 30.70 28.01
CA VAL K 138 -17.19 31.46 26.97
C VAL K 138 -16.44 32.61 27.63
N CYS K 139 -15.17 32.78 27.24
CA CYS K 139 -14.37 33.91 27.68
C CYS K 139 -13.95 34.68 26.45
N LEU K 140 -14.26 35.97 26.41
CA LEU K 140 -14.00 36.81 25.25
C LEU K 140 -12.85 37.75 25.54
N LEU K 141 -11.91 37.83 24.60
CA LEU K 141 -10.83 38.80 24.66
C LEU K 141 -11.04 39.74 23.47
N ASN K 142 -11.38 40.98 23.75
CA ASN K 142 -11.84 41.89 22.71
C ASN K 142 -10.83 43.02 22.52
N ASN K 143 -10.38 43.18 21.28
CA ASN K 143 -9.59 44.34 20.85
C ASN K 143 -8.29 44.47 21.66
N PHE K 144 -7.38 43.54 21.37
CA PHE K 144 -6.05 43.53 21.95
C PHE K 144 -4.99 43.55 20.86
N TYR K 145 -3.80 44.00 21.22
CA TYR K 145 -2.65 43.89 20.33
C TYR K 145 -1.38 43.74 21.19
N PRO K 146 -0.39 42.93 20.75
CA PRO K 146 -0.34 42.15 19.51
C PRO K 146 -1.19 40.89 19.57
N ARG K 147 -1.21 40.10 18.49
CA ARG K 147 -2.10 38.95 18.47
C ARG K 147 -1.79 37.96 19.58
N GLU K 148 -0.52 37.86 20.02
CA GLU K 148 -0.19 36.81 20.96
C GLU K 148 -0.89 37.08 22.29
N ALA K 149 -1.74 36.15 22.68
CA ALA K 149 -2.54 36.27 23.90
C ALA K 149 -2.80 34.87 24.43
N LYS K 150 -2.98 34.77 25.74
CA LYS K 150 -3.14 33.45 26.33
C LYS K 150 -4.25 33.42 27.37
N VAL K 151 -5.07 32.37 27.28
CA VAL K 151 -6.23 32.14 28.14
C VAL K 151 -5.98 30.89 28.98
N GLN K 152 -6.18 31.00 30.29
CA GLN K 152 -6.06 29.86 31.21
C GLN K 152 -7.37 29.66 31.97
N TRP K 153 -7.98 28.47 31.81
CA TRP K 153 -9.21 28.10 32.51
C TRP K 153 -8.91 27.42 33.84
N LYS K 154 -9.70 27.74 34.86
CA LYS K 154 -9.62 27.11 36.17
C LYS K 154 -11.02 26.84 36.74
N VAL K 155 -11.18 25.68 37.37
CA VAL K 155 -12.42 25.22 37.96
C VAL K 155 -12.16 24.90 39.43
N ASP K 156 -12.81 25.63 40.33
CA ASP K 156 -12.52 25.54 41.77
C ASP K 156 -11.00 25.66 42.01
N ASN K 157 -10.38 26.61 41.32
CA ASN K 157 -8.95 26.95 41.39
C ASN K 157 -8.02 25.89 40.79
N ALA K 158 -8.53 24.75 40.32
CA ALA K 158 -7.69 23.73 39.70
C ALA K 158 -7.47 24.06 38.22
N LEU K 159 -6.20 24.10 37.81
CA LEU K 159 -5.88 24.44 36.43
C LEU K 159 -6.46 23.38 35.48
N GLN K 160 -7.10 23.84 34.40
CA GLN K 160 -7.70 22.96 33.40
C GLN K 160 -6.83 22.86 32.15
N SER K 161 -6.86 21.69 31.50
CA SER K 161 -6.26 21.58 30.17
C SER K 161 -6.98 20.52 29.35
N GLY K 162 -7.03 20.76 28.04
CA GLY K 162 -7.62 19.83 27.09
C GLY K 162 -9.12 19.90 26.92
N ASN K 163 -9.83 20.61 27.78
CA ASN K 163 -11.29 20.73 27.69
C ASN K 163 -11.74 22.06 27.06
N SER K 164 -10.82 22.80 26.44
CA SER K 164 -11.15 24.07 25.82
C SER K 164 -10.67 24.14 24.38
N GLN K 165 -11.32 25.00 23.60
CA GLN K 165 -10.90 25.37 22.25
C GLN K 165 -11.05 26.88 22.08
N GLU K 166 -10.27 27.45 21.15
CA GLU K 166 -10.25 28.88 20.88
C GLU K 166 -10.18 29.17 19.39
N SER K 167 -10.57 30.40 19.02
CA SER K 167 -10.33 30.93 17.69
C SER K 167 -10.17 32.44 17.78
N VAL K 168 -9.56 33.02 16.74
CA VAL K 168 -9.16 34.42 16.72
C VAL K 168 -9.67 35.07 15.44
N THR K 169 -10.18 36.30 15.56
CA THR K 169 -10.65 37.06 14.40
C THR K 169 -9.47 37.48 13.55
N GLU K 170 -9.78 37.90 12.33
CA GLU K 170 -8.76 38.53 11.51
C GLU K 170 -8.53 39.97 11.95
N GLN K 171 -7.39 40.51 11.58
CA GLN K 171 -7.05 41.87 12.01
C GLN K 171 -8.14 42.82 11.52
N ASP K 172 -8.65 43.63 12.44
CA ASP K 172 -9.75 44.53 12.11
C ASP K 172 -9.29 45.58 11.11
N SER K 173 -10.18 45.93 10.18
CA SER K 173 -9.80 46.82 9.09
C SER K 173 -9.47 48.21 9.61
N LYS K 174 -10.38 48.80 10.40
CA LYS K 174 -10.18 50.19 10.82
C LYS K 174 -9.24 50.29 12.03
N ASP K 175 -9.49 49.54 13.10
CA ASP K 175 -8.66 49.67 14.29
C ASP K 175 -7.56 48.61 14.42
N SER K 176 -7.41 47.71 13.43
CA SER K 176 -6.26 46.80 13.31
C SER K 176 -5.97 46.01 14.60
N THR K 177 -7.01 45.67 15.34
CA THR K 177 -6.86 44.85 16.53
C THR K 177 -7.28 43.41 16.26
N TYR K 178 -7.11 42.57 17.28
CA TYR K 178 -7.54 41.18 17.21
C TYR K 178 -8.52 40.91 18.35
N SER K 179 -9.34 39.87 18.16
CA SER K 179 -10.19 39.36 19.24
C SER K 179 -10.18 37.84 19.24
N LEU K 180 -10.40 37.27 20.42
CA LEU K 180 -10.33 35.83 20.64
C LEU K 180 -11.48 35.38 21.53
N SER K 181 -12.03 34.21 21.20
CA SER K 181 -13.06 33.57 22.01
C SER K 181 -12.58 32.18 22.43
N SER K 182 -12.68 31.88 23.71
CA SER K 182 -12.33 30.57 24.23
C SER K 182 -13.55 29.94 24.88
N THR K 183 -13.85 28.70 24.49
CA THR K 183 -14.99 27.95 25.01
C THR K 183 -14.48 26.77 25.82
N LEU K 184 -14.91 26.71 27.09
CA LEU K 184 -14.67 25.57 27.95
C LEU K 184 -15.94 24.72 28.00
N THR K 185 -15.83 23.44 27.67
CA THR K 185 -16.98 22.53 27.59
C THR K 185 -16.87 21.40 28.60
N LEU K 186 -17.92 21.23 29.42
CA LEU K 186 -18.05 20.18 30.42
C LEU K 186 -19.45 19.59 30.34
N SER K 187 -19.58 18.35 30.82
CA SER K 187 -20.91 17.77 31.03
C SER K 187 -21.64 18.50 32.15
N LYS K 188 -22.98 18.48 32.10
CA LYS K 188 -23.78 19.14 33.15
C LYS K 188 -23.40 18.65 34.53
N ALA K 189 -23.18 17.34 34.67
CA ALA K 189 -22.81 16.78 35.97
C ALA K 189 -21.51 17.38 36.47
N ASP K 190 -20.55 17.57 35.55
CA ASP K 190 -19.32 18.28 35.88
C ASP K 190 -19.59 19.74 36.22
N TYR K 191 -20.37 20.44 35.39
CA TYR K 191 -20.61 21.85 35.61
C TYR K 191 -21.32 22.11 36.95
N GLU K 192 -22.27 21.25 37.32
CA GLU K 192 -23.00 21.39 38.58
C GLU K 192 -22.16 20.99 39.79
N LYS K 193 -21.15 20.15 39.60
CA LYS K 193 -20.34 19.66 40.71
C LYS K 193 -19.41 20.71 41.28
N HIS K 194 -19.09 21.77 40.53
CA HIS K 194 -18.12 22.75 41.00
C HIS K 194 -18.73 24.14 41.05
N LYS K 195 -18.08 24.99 41.85
CA LYS K 195 -18.56 26.32 42.19
C LYS K 195 -17.92 27.43 41.37
N VAL K 196 -16.59 27.57 41.46
CA VAL K 196 -15.89 28.75 40.96
C VAL K 196 -15.29 28.45 39.60
N TYR K 197 -15.68 29.25 38.61
CA TYR K 197 -15.21 29.11 37.24
C TYR K 197 -14.49 30.40 36.83
N ALA K 198 -13.27 30.26 36.31
CA ALA K 198 -12.41 31.40 36.11
C ALA K 198 -11.68 31.32 34.78
N CYS K 199 -11.50 32.49 34.17
CA CYS K 199 -10.72 32.67 32.96
C CYS K 199 -9.59 33.64 33.27
N GLU K 200 -8.34 33.20 33.11
CA GLU K 200 -7.17 34.04 33.39
C GLU K 200 -6.39 34.31 32.10
N VAL K 201 -6.16 35.58 31.82
CA VAL K 201 -5.63 36.03 30.53
C VAL K 201 -4.24 36.63 30.75
N THR K 202 -3.27 36.16 29.97
CA THR K 202 -1.94 36.79 29.94
C THR K 202 -1.81 37.52 28.62
N HIS K 203 -1.45 38.79 28.70
CA HIS K 203 -1.22 39.58 27.50
C HIS K 203 -0.23 40.70 27.85
N GLN K 204 0.56 41.07 26.84
CA GLN K 204 1.62 42.07 26.99
C GLN K 204 1.06 43.41 27.49
N GLY K 205 -0.21 43.70 27.21
CA GLY K 205 -0.82 44.94 27.66
C GLY K 205 -1.23 44.97 29.13
N LEU K 206 -1.14 43.86 29.84
CA LEU K 206 -1.51 43.76 31.25
C LEU K 206 -0.26 43.75 32.12
N SER K 207 -0.24 44.58 33.17
CA SER K 207 0.89 44.54 34.10
C SER K 207 1.01 43.15 34.74
N SER K 208 -0.12 42.50 34.99
CA SER K 208 -0.12 41.10 35.39
C SER K 208 -1.34 40.43 34.76
N PRO K 209 -1.34 39.10 34.69
CA PRO K 209 -2.49 38.38 34.11
C PRO K 209 -3.77 38.62 34.88
N VAL K 210 -4.86 38.75 34.14
CA VAL K 210 -6.17 39.12 34.69
C VAL K 210 -7.04 37.88 34.79
N THR K 211 -7.71 37.72 35.92
CA THR K 211 -8.64 36.61 36.14
C THR K 211 -10.07 37.15 36.20
N LYS K 212 -10.97 36.53 35.44
CA LYS K 212 -12.40 36.80 35.50
C LYS K 212 -13.16 35.55 35.92
N SER K 213 -14.17 35.74 36.78
CA SER K 213 -14.84 34.62 37.45
C SER K 213 -16.34 34.84 37.54
N PHE K 214 -17.05 33.75 37.74
CA PHE K 214 -18.45 33.75 38.14
C PHE K 214 -18.69 32.56 39.06
N ASN K 215 -19.75 32.66 39.85
CA ASN K 215 -20.26 31.54 40.65
C ASN K 215 -21.52 31.02 40.00
N ARG K 216 -21.56 29.71 39.78
CA ARG K 216 -22.71 29.03 39.17
C ARG K 216 -24.01 29.21 39.96
N ALA L 1 10.19 25.91 -10.58
CA ALA L 1 10.97 24.73 -10.23
C ALA L 1 11.54 24.05 -11.46
N VAL L 2 12.48 23.13 -11.23
CA VAL L 2 13.02 22.30 -12.30
C VAL L 2 11.94 21.36 -12.83
N GLY L 3 11.22 20.70 -11.93
CA GLY L 3 10.24 19.71 -12.29
C GLY L 3 10.76 18.31 -12.07
N ILE L 4 9.85 17.39 -11.77
CA ILE L 4 10.27 16.04 -11.42
C ILE L 4 10.66 15.22 -12.63
N GLY L 5 10.17 15.56 -13.82
CA GLY L 5 10.47 14.78 -15.00
C GLY L 5 11.52 15.39 -15.91
N ALA L 6 12.19 16.46 -15.49
CA ALA L 6 13.17 17.09 -16.35
C ALA L 6 14.38 16.21 -16.56
N VAL L 7 14.85 16.15 -17.80
CA VAL L 7 16.20 15.66 -18.10
C VAL L 7 16.77 16.55 -19.19
N PHE L 8 17.94 17.12 -18.95
CA PHE L 8 18.58 17.98 -19.94
C PHE L 8 20.00 17.50 -20.13
S SO4 M . 4.38 4.05 -6.95
O1 SO4 M . 4.75 2.72 -7.42
O2 SO4 M . 3.11 4.39 -7.56
O3 SO4 M . 4.27 4.01 -5.51
O4 SO4 M . 5.38 5.03 -7.33
S SO4 N . -9.11 0.58 3.22
O1 SO4 N . -7.76 0.08 3.05
O2 SO4 N . -10.02 -0.21 2.43
O3 SO4 N . -9.56 0.41 4.59
O4 SO4 N . -9.21 1.97 2.81
S SO4 O . -2.30 -0.77 1.53
O1 SO4 O . -1.36 -1.32 0.57
O2 SO4 O . -3.65 -1.02 1.02
O3 SO4 O . -2.09 -1.47 2.79
O4 SO4 O . -2.11 0.65 1.76
S SO4 P . -4.36 -6.95 3.98
O1 SO4 P . -3.13 -7.61 4.40
O2 SO4 P . -4.65 -7.40 2.64
O3 SO4 P . -5.47 -7.32 4.86
O4 SO4 P . -4.19 -5.52 4.02
S SO4 Q . 2.38 1.58 -0.71
O1 SO4 Q . 3.09 0.33 -0.54
O2 SO4 Q . 1.15 1.38 -1.47
O3 SO4 Q . 2.04 2.17 0.58
O4 SO4 Q . 3.27 2.46 -1.46
S SO4 R . 8.80 3.63 0.78
O1 SO4 R . 9.79 3.98 -0.24
O2 SO4 R . 7.85 2.70 0.18
O3 SO4 R . 9.42 2.98 1.93
O4 SO4 R . 8.14 4.85 1.24
S SO4 S . 1.92 5.79 -2.94
O1 SO4 S . 0.99 4.85 -2.32
O2 SO4 S . 1.71 5.81 -4.39
O3 SO4 S . 3.29 5.33 -2.68
O4 SO4 S . 1.72 7.12 -2.39
#